data_8ALL
#
_entry.id   8ALL
#
loop_
_entity.id
_entity.type
_entity.pdbx_description
1 polymer 'Hybrid non ribosomal peptide synthetase-polyketide synthase'
2 non-polymer "4'-PHOSPHOPANTETHEINE"
#
_entity_poly.entity_id   1
_entity_poly.type   'polypeptide(L)'
_entity_poly.pdbx_seq_one_letter_code
;GPGSMYGEAVTEQLSRLVAGFVPDAAGSVDPDRTLLEHGIDSINLMNLRFEITERFGRTLPLQLLSESTVPVLAAHLSAD
RAH
;
_entity_poly.pdbx_strand_id   A
#
loop_
_chem_comp.id
_chem_comp.type
_chem_comp.name
_chem_comp.formula
PNS non-polymer 4'-PHOSPHOPANTETHEINE 'C11 H23 N2 O7 P S'
#
# COMPACT_ATOMS: atom_id res chain seq x y z
N GLY A 1 0.74 -29.54 -15.20
CA GLY A 1 1.19 -30.93 -15.00
C GLY A 1 1.41 -31.24 -13.51
N PRO A 2 2.26 -32.24 -13.18
CA PRO A 2 2.52 -32.66 -11.79
C PRO A 2 3.20 -31.57 -10.92
N GLY A 3 4.09 -30.77 -11.52
CA GLY A 3 4.74 -29.63 -10.87
C GLY A 3 3.84 -28.38 -10.79
N SER A 4 4.09 -27.53 -9.80
CA SER A 4 3.34 -26.28 -9.55
C SER A 4 4.17 -25.24 -8.78
N MET A 5 3.84 -23.97 -8.93
CA MET A 5 4.45 -22.84 -8.21
C MET A 5 3.39 -21.75 -7.95
N TYR A 6 3.13 -21.43 -6.67
CA TYR A 6 2.04 -20.54 -6.27
C TYR A 6 2.35 -19.04 -6.38
N GLY A 7 3.59 -18.63 -6.09
CA GLY A 7 4.06 -17.24 -6.12
C GLY A 7 3.57 -16.37 -4.94
N GLU A 8 4.15 -15.19 -4.81
CA GLU A 8 3.79 -14.15 -3.84
C GLU A 8 2.66 -13.21 -4.34
N ALA A 9 2.03 -12.48 -3.41
CA ALA A 9 0.95 -11.52 -3.67
C ALA A 9 1.35 -10.08 -3.29
N VAL A 10 0.97 -9.09 -4.11
CA VAL A 10 1.25 -7.66 -3.89
C VAL A 10 0.40 -7.08 -2.74
N THR A 11 -0.83 -7.57 -2.57
CA THR A 11 -1.76 -7.12 -1.51
C THR A 11 -1.21 -7.37 -0.10
N GLU A 12 -0.58 -8.53 0.12
CA GLU A 12 0.12 -8.82 1.39
C GLU A 12 1.32 -7.89 1.61
N GLN A 13 2.17 -7.70 0.59
CA GLN A 13 3.37 -6.86 0.70
C GLN A 13 3.04 -5.39 1.02
N LEU A 14 1.97 -4.83 0.44
CA LEU A 14 1.47 -3.50 0.80
C LEU A 14 0.72 -3.48 2.15
N SER A 15 -0.05 -4.53 2.48
CA SER A 15 -0.76 -4.65 3.76
C SER A 15 0.18 -4.58 4.97
N ARG A 16 1.23 -5.41 5.00
CA ARG A 16 2.20 -5.45 6.11
C ARG A 16 3.08 -4.19 6.16
N LEU A 17 3.27 -3.50 5.02
CA LEU A 17 3.92 -2.18 4.95
C LEU A 17 3.06 -1.07 5.57
N VAL A 18 1.77 -0.97 5.17
CA VAL A 18 0.81 0.02 5.70
C VAL A 18 0.51 -0.19 7.18
N ALA A 19 0.50 -1.44 7.66
CA ALA A 19 0.42 -1.77 9.08
C ALA A 19 1.58 -1.16 9.92
N GLY A 20 2.70 -0.79 9.30
CA GLY A 20 3.80 -0.03 9.89
C GLY A 20 3.64 1.50 9.90
N PHE A 21 2.56 2.04 9.30
CA PHE A 21 2.33 3.50 9.15
C PHE A 21 1.03 4.00 9.78
N VAL A 22 0.15 3.12 10.28
CA VAL A 22 -1.04 3.52 11.05
C VAL A 22 -0.65 4.22 12.38
N PRO A 23 -1.06 5.48 12.63
CA PRO A 23 -0.65 6.25 13.81
C PRO A 23 -1.48 5.94 15.07
N ASP A 24 -2.68 5.39 14.89
CA ASP A 24 -3.58 4.96 15.98
C ASP A 24 -3.06 3.70 16.70
N ALA A 25 -3.72 3.30 17.80
CA ALA A 25 -3.44 2.08 18.56
C ALA A 25 -3.70 0.75 17.78
N ALA A 26 -4.15 0.82 16.52
CA ALA A 26 -4.35 -0.32 15.64
C ALA A 26 -3.07 -1.15 15.43
N GLY A 27 -3.18 -2.47 15.58
CA GLY A 27 -2.07 -3.42 15.40
C GLY A 27 -1.85 -3.88 13.95
N SER A 28 -2.85 -3.70 13.08
CA SER A 28 -2.81 -4.03 11.65
C SER A 28 -3.85 -3.22 10.87
N VAL A 29 -3.65 -3.07 9.55
CA VAL A 29 -4.56 -2.38 8.62
C VAL A 29 -5.74 -3.26 8.21
N ASP A 30 -6.96 -2.68 8.19
CA ASP A 30 -8.16 -3.32 7.65
C ASP A 30 -8.25 -3.12 6.13
N PRO A 31 -8.37 -4.18 5.30
CA PRO A 31 -8.35 -4.07 3.84
C PRO A 31 -9.60 -3.42 3.23
N ASP A 32 -10.72 -3.37 3.96
CA ASP A 32 -11.98 -2.75 3.51
C ASP A 32 -12.12 -1.26 3.88
N ARG A 33 -11.07 -0.63 4.44
CA ARG A 33 -11.01 0.82 4.77
C ARG A 33 -9.80 1.51 4.12
N THR A 34 -9.92 2.81 3.89
CA THR A 34 -8.90 3.65 3.24
C THR A 34 -7.77 4.04 4.20
N LEU A 35 -6.69 4.63 3.68
CA LEU A 35 -5.60 5.15 4.53
C LEU A 35 -6.04 6.39 5.34
N LEU A 36 -7.00 7.15 4.82
CA LEU A 36 -7.63 8.28 5.51
C LEU A 36 -8.56 7.82 6.65
N GLU A 37 -9.22 6.67 6.50
CA GLU A 37 -10.00 6.01 7.57
C GLU A 37 -9.12 5.50 8.71
N HIS A 38 -7.91 4.98 8.40
CA HIS A 38 -6.88 4.66 9.40
C HIS A 38 -6.22 5.92 10.00
N GLY A 39 -6.42 7.10 9.38
CA GLY A 39 -6.03 8.40 9.91
C GLY A 39 -4.57 8.76 9.66
N ILE A 40 -3.93 8.14 8.66
CA ILE A 40 -2.51 8.29 8.34
C ILE A 40 -2.24 9.73 7.83
N ASP A 41 -1.42 10.49 8.57
CA ASP A 41 -1.03 11.86 8.23
C ASP A 41 -0.10 11.92 7.01
N SER A 42 -0.07 13.07 6.33
CA SER A 42 0.71 13.32 5.10
C SER A 42 2.18 12.87 5.17
N ILE A 43 2.85 13.11 6.31
CA ILE A 43 4.24 12.68 6.57
C ILE A 43 4.39 11.17 6.41
N ASN A 44 3.48 10.38 7.01
CA ASN A 44 3.48 8.92 6.90
C ASN A 44 2.97 8.43 5.53
N LEU A 45 2.07 9.17 4.86
CA LEU A 45 1.71 8.88 3.46
C LEU A 45 2.91 9.10 2.51
N MET A 46 3.72 10.15 2.73
CA MET A 46 4.97 10.39 1.99
C MET A 46 6.05 9.34 2.30
N ASN A 47 6.14 8.85 3.54
CA ASN A 47 7.03 7.73 3.89
C ASN A 47 6.58 6.43 3.20
N LEU A 48 5.27 6.14 3.17
CA LEU A 48 4.69 5.02 2.43
C LEU A 48 4.95 5.13 0.92
N ARG A 49 4.76 6.33 0.33
CA ARG A 49 5.06 6.63 -1.08
C ARG A 49 6.53 6.35 -1.42
N PHE A 50 7.47 6.75 -0.56
CA PHE A 50 8.90 6.47 -0.72
C PHE A 50 9.22 4.97 -0.60
N GLU A 51 8.66 4.26 0.39
CA GLU A 51 8.81 2.80 0.52
C GLU A 51 8.24 2.04 -0.68
N ILE A 52 7.09 2.44 -1.22
CA ILE A 52 6.50 1.86 -2.44
C ILE A 52 7.40 2.13 -3.66
N THR A 53 8.01 3.32 -3.74
CA THR A 53 8.99 3.66 -4.79
C THR A 53 10.23 2.77 -4.75
N GLU A 54 10.76 2.50 -3.55
CA GLU A 54 11.91 1.62 -3.35
C GLU A 54 11.60 0.13 -3.57
N ARG A 55 10.40 -0.34 -3.18
CA ARG A 55 10.02 -1.77 -3.21
C ARG A 55 9.47 -2.24 -4.56
N PHE A 56 8.72 -1.40 -5.26
CA PHE A 56 8.00 -1.77 -6.51
C PHE A 56 8.45 -0.98 -7.75
N GLY A 57 9.18 0.14 -7.58
CA GLY A 57 9.52 1.06 -8.69
C GLY A 57 8.33 1.90 -9.17
N ARG A 58 7.34 2.12 -8.31
CA ARG A 58 6.06 2.80 -8.56
C ARG A 58 5.91 4.03 -7.64
N THR A 59 5.25 5.08 -8.11
CA THR A 59 5.01 6.31 -7.31
C THR A 59 3.58 6.80 -7.51
N LEU A 60 2.86 7.07 -6.40
CA LEU A 60 1.45 7.49 -6.40
C LEU A 60 1.23 8.75 -5.55
N PRO A 61 0.30 9.64 -5.95
CA PRO A 61 0.01 10.89 -5.26
C PRO A 61 -0.75 10.69 -3.94
N LEU A 62 -0.59 11.61 -2.98
CA LEU A 62 -1.26 11.57 -1.67
C LEU A 62 -2.79 11.65 -1.80
N GLN A 63 -3.30 12.36 -2.83
CA GLN A 63 -4.73 12.43 -3.12
C GLN A 63 -5.34 11.06 -3.51
N LEU A 64 -4.55 10.17 -4.14
CA LEU A 64 -4.96 8.78 -4.38
C LEU A 64 -4.78 7.90 -3.13
N LEU A 65 -3.66 8.05 -2.41
CA LEU A 65 -3.38 7.28 -1.19
C LEU A 65 -4.47 7.46 -0.11
N SER A 66 -4.94 8.68 0.14
CA SER A 66 -6.00 8.95 1.13
C SER A 66 -7.35 8.34 0.72
N GLU A 67 -7.71 8.39 -0.56
CA GLU A 67 -9.00 7.88 -1.08
C GLU A 67 -9.05 6.35 -1.30
N SER A 68 -7.89 5.69 -1.43
CA SER A 68 -7.77 4.27 -1.75
C SER A 68 -7.61 3.35 -0.52
N THR A 69 -8.07 2.11 -0.66
CA THR A 69 -7.84 0.99 0.26
C THR A 69 -6.58 0.19 -0.10
N VAL A 70 -6.15 -0.71 0.79
CA VAL A 70 -5.00 -1.60 0.55
C VAL A 70 -5.12 -2.44 -0.73
N PRO A 71 -6.23 -3.16 -1.01
CA PRO A 71 -6.43 -3.87 -2.28
C PRO A 71 -6.44 -2.95 -3.51
N VAL A 72 -7.02 -1.75 -3.42
CA VAL A 72 -7.05 -0.78 -4.53
C VAL A 72 -5.65 -0.28 -4.88
N LEU A 73 -4.83 0.07 -3.88
CA LEU A 73 -3.43 0.45 -4.09
C LEU A 73 -2.61 -0.71 -4.66
N ALA A 74 -2.75 -1.92 -4.10
CA ALA A 74 -2.07 -3.12 -4.61
C ALA A 74 -2.41 -3.44 -6.07
N ALA A 75 -3.66 -3.19 -6.51
CA ALA A 75 -4.07 -3.37 -7.90
C ALA A 75 -3.37 -2.39 -8.88
N HIS A 76 -3.10 -1.15 -8.47
CA HIS A 76 -2.31 -0.19 -9.26
C HIS A 76 -0.83 -0.61 -9.38
N LEU A 77 -0.25 -1.13 -8.31
CA LEU A 77 1.15 -1.63 -8.30
C LEU A 77 1.33 -2.92 -9.12
N SER A 78 0.35 -3.82 -9.04
CA SER A 78 0.32 -5.15 -9.70
C SER A 78 0.01 -5.10 -11.21
N ALA A 79 -0.11 -3.91 -11.81
CA ALA A 79 -0.47 -3.71 -13.22
C ALA A 79 0.56 -4.18 -14.27
N ASP A 80 1.73 -4.62 -13.81
CA ASP A 80 2.80 -5.29 -14.57
C ASP A 80 3.49 -6.35 -13.71
N ARG A 81 3.96 -7.45 -14.32
CA ARG A 81 4.69 -8.54 -13.63
C ARG A 81 6.14 -8.15 -13.32
N ALA A 82 6.67 -8.68 -12.22
CA ALA A 82 8.02 -8.40 -11.71
C ALA A 82 8.78 -9.67 -11.21
N HIS A 83 8.28 -10.87 -11.57
CA HIS A 83 8.79 -12.18 -11.14
C HIS A 83 8.83 -13.19 -12.30
O23 PNS B . -1.11 16.77 3.13
P24 PNS B . -0.93 16.87 4.60
O26 PNS B . -2.04 17.40 5.43
O27 PNS B . 0.40 17.73 4.90
C28 PNS B . 0.78 18.04 6.22
C29 PNS B . 2.19 18.67 6.28
C30 PNS B . 2.57 18.70 7.78
C31 PNS B . 3.21 17.77 5.57
C32 PNS B . 2.18 20.15 5.75
O33 PNS B . 3.49 20.74 5.89
C34 PNS B . 1.62 20.32 4.31
O35 PNS B . 0.52 20.84 4.12
N36 PNS B . 2.42 19.96 3.30
C37 PNS B . 2.07 19.99 1.87
C38 PNS B . 1.37 18.67 1.51
C39 PNS B . 1.09 18.51 0.02
O40 PNS B . 1.44 19.36 -0.79
N41 PNS B . 0.45 17.39 -0.33
C42 PNS B . 0.13 17.01 -1.70
C43 PNS B . -1.36 17.27 -2.00
S44 PNS B . -2.41 16.14 -1.03
H282 PNS B . 0.79 17.13 6.81
H281 PNS B . 0.05 18.73 6.66
H303 PNS B . 3.60 19.08 7.91
H302 PNS B . 1.90 19.33 8.33
H301 PNS B . 2.54 17.68 8.20
H313 PNS B . 4.21 18.17 5.66
H312 PNS B . 3.20 16.77 6.01
H311 PNS B . 2.97 17.66 4.51
H32 PNS B . 1.51 20.71 6.40
H33 PNS B . 3.44 21.67 5.60
H36 PNS B . 3.32 19.58 3.55
H372 PNS B . 1.42 20.83 1.64
H371 PNS B . 2.98 20.08 1.29
H382 PNS B . 2.00 17.83 1.83
H381 PNS B . 0.42 18.62 2.04
H41 PNS B . 0.16 16.79 0.42
H422 PNS B . 0.72 17.58 -2.42
H421 PNS B . 0.35 15.95 -1.85
H431 PNS B . -1.60 18.30 -1.76
H432 PNS B . -1.54 17.11 -3.06
H44 PNS B . -1.96 15.01 -1.59
N GLY A 1 9.98 -3.17 -18.53
CA GLY A 1 10.23 -4.54 -19.05
C GLY A 1 9.26 -5.56 -18.47
N PRO A 2 9.66 -6.85 -18.37
CA PRO A 2 8.82 -7.92 -17.80
C PRO A 2 8.59 -7.77 -16.28
N GLY A 3 7.55 -8.41 -15.78
CA GLY A 3 7.16 -8.40 -14.36
C GLY A 3 6.00 -9.34 -14.05
N SER A 4 5.60 -9.40 -12.76
CA SER A 4 4.53 -10.25 -12.20
C SER A 4 4.75 -11.78 -12.30
N MET A 5 5.82 -12.24 -12.95
CA MET A 5 6.20 -13.66 -13.10
C MET A 5 6.61 -14.34 -11.78
N TYR A 6 6.86 -13.56 -10.73
CA TYR A 6 7.31 -14.01 -9.41
C TYR A 6 6.25 -14.79 -8.62
N GLY A 7 4.97 -14.62 -8.96
CA GLY A 7 3.83 -15.38 -8.41
C GLY A 7 3.32 -14.97 -7.02
N GLU A 8 4.05 -14.13 -6.27
CA GLU A 8 3.61 -13.61 -4.97
C GLU A 8 2.56 -12.49 -5.12
N ALA A 9 1.59 -12.43 -4.19
CA ALA A 9 0.52 -11.44 -4.19
C ALA A 9 1.00 -10.04 -3.77
N VAL A 10 0.60 -9.00 -4.50
CA VAL A 10 0.94 -7.59 -4.21
C VAL A 10 0.22 -7.10 -2.95
N THR A 11 -1.03 -7.55 -2.74
CA THR A 11 -1.86 -7.19 -1.56
C THR A 11 -1.23 -7.64 -0.25
N GLU A 12 -0.64 -8.85 -0.23
CA GLU A 12 0.06 -9.41 0.95
C GLU A 12 1.34 -8.61 1.30
N GLN A 13 2.08 -8.13 0.29
CA GLN A 13 3.29 -7.33 0.45
C GLN A 13 3.01 -5.87 0.86
N LEU A 14 1.89 -5.29 0.42
CA LEU A 14 1.46 -3.93 0.81
C LEU A 14 0.74 -3.90 2.16
N SER A 15 -0.04 -4.93 2.51
CA SER A 15 -0.74 -5.03 3.81
C SER A 15 0.26 -5.00 4.98
N ARG A 16 1.35 -5.77 4.88
CA ARG A 16 2.45 -5.83 5.86
C ARG A 16 3.24 -4.52 5.95
N LEU A 17 3.32 -3.76 4.85
CA LEU A 17 3.93 -2.42 4.83
C LEU A 17 3.04 -1.40 5.57
N VAL A 18 1.77 -1.29 5.19
CA VAL A 18 0.83 -0.28 5.74
C VAL A 18 0.49 -0.53 7.21
N ALA A 19 0.51 -1.79 7.66
CA ALA A 19 0.42 -2.16 9.08
C ALA A 19 1.53 -1.53 9.96
N GLY A 20 2.65 -1.10 9.35
CA GLY A 20 3.73 -0.34 9.99
C GLY A 20 3.57 1.19 9.94
N PHE A 21 2.53 1.73 9.29
CA PHE A 21 2.29 3.17 9.10
C PHE A 21 1.02 3.70 9.78
N VAL A 22 0.08 2.83 10.17
CA VAL A 22 -1.10 3.21 10.97
C VAL A 22 -0.67 3.85 12.31
N PRO A 23 -1.06 5.11 12.60
CA PRO A 23 -0.60 5.84 13.78
C PRO A 23 -1.33 5.45 15.08
N ASP A 24 -2.57 4.96 14.98
CA ASP A 24 -3.39 4.54 16.11
C ASP A 24 -2.94 3.19 16.69
N ALA A 25 -3.50 2.79 17.84
CA ALA A 25 -3.31 1.51 18.51
C ALA A 25 -3.87 0.27 17.74
N ALA A 26 -4.26 0.44 16.48
CA ALA A 26 -4.76 -0.61 15.59
C ALA A 26 -3.73 -1.74 15.37
N GLY A 27 -2.44 -1.39 15.18
CA GLY A 27 -1.32 -2.32 14.96
C GLY A 27 -1.37 -3.14 13.67
N SER A 28 -2.39 -2.89 12.82
CA SER A 28 -2.71 -3.63 11.59
C SER A 28 -3.64 -2.80 10.69
N VAL A 29 -3.84 -3.23 9.44
CA VAL A 29 -4.66 -2.53 8.42
C VAL A 29 -5.79 -3.43 7.91
N ASP A 30 -7.00 -2.87 7.78
CA ASP A 30 -8.17 -3.54 7.20
C ASP A 30 -8.32 -3.24 5.69
N PRO A 31 -8.76 -4.20 4.86
CA PRO A 31 -9.08 -3.95 3.45
C PRO A 31 -10.38 -3.16 3.25
N ASP A 32 -11.24 -3.07 4.27
CA ASP A 32 -12.57 -2.43 4.24
C ASP A 32 -12.55 -0.90 4.32
N ARG A 33 -11.40 -0.27 4.59
CA ARG A 33 -11.26 1.18 4.83
C ARG A 33 -9.91 1.74 4.35
N THR A 34 -9.92 3.02 3.97
CA THR A 34 -8.80 3.72 3.30
C THR A 34 -7.66 4.09 4.24
N LEU A 35 -6.52 4.53 3.71
CA LEU A 35 -5.41 5.05 4.51
C LEU A 35 -5.79 6.30 5.33
N LEU A 36 -6.69 7.13 4.79
CA LEU A 36 -7.24 8.30 5.48
C LEU A 36 -8.20 7.92 6.61
N GLU A 37 -8.96 6.83 6.47
CA GLU A 37 -9.80 6.27 7.54
C GLU A 37 -8.98 5.55 8.63
N HIS A 38 -7.82 4.98 8.30
CA HIS A 38 -6.82 4.54 9.30
C HIS A 38 -6.08 5.72 9.97
N GLY A 39 -6.23 6.93 9.42
CA GLY A 39 -5.78 8.20 10.03
C GLY A 39 -4.34 8.59 9.68
N ILE A 40 -3.74 7.95 8.67
CA ILE A 40 -2.37 8.23 8.20
C ILE A 40 -2.34 9.63 7.58
N ASP A 41 -1.58 10.55 8.20
CA ASP A 41 -1.45 11.95 7.72
C ASP A 41 -0.51 12.06 6.49
N SER A 42 -0.49 13.22 5.85
CA SER A 42 0.39 13.55 4.71
C SER A 42 1.87 13.22 4.94
N ILE A 43 2.40 13.50 6.13
CA ILE A 43 3.80 13.22 6.51
C ILE A 43 4.10 11.72 6.45
N ASN A 44 3.24 10.89 7.04
CA ASN A 44 3.37 9.42 6.99
C ASN A 44 3.02 8.84 5.60
N LEU A 45 2.09 9.45 4.85
CA LEU A 45 1.82 9.09 3.46
C LEU A 45 3.04 9.33 2.55
N MET A 46 3.79 10.41 2.73
CA MET A 46 5.04 10.67 1.96
C MET A 46 6.16 9.65 2.28
N ASN A 47 6.27 9.20 3.53
CA ASN A 47 7.19 8.13 3.91
C ASN A 47 6.74 6.76 3.35
N LEU A 48 5.45 6.45 3.40
CA LEU A 48 4.85 5.27 2.77
C LEU A 48 5.05 5.29 1.24
N ARG A 49 4.89 6.44 0.58
CA ARG A 49 5.13 6.67 -0.85
C ARG A 49 6.58 6.33 -1.23
N PHE A 50 7.55 6.74 -0.41
CA PHE A 50 8.97 6.42 -0.62
C PHE A 50 9.25 4.91 -0.47
N GLU A 51 8.67 4.26 0.53
CA GLU A 51 8.76 2.80 0.68
C GLU A 51 8.08 2.04 -0.48
N ILE A 52 6.92 2.49 -0.96
CA ILE A 52 6.25 1.95 -2.15
C ILE A 52 7.12 2.13 -3.41
N THR A 53 7.80 3.27 -3.55
CA THR A 53 8.76 3.55 -4.63
C THR A 53 9.92 2.56 -4.60
N GLU A 54 10.48 2.27 -3.42
CA GLU A 54 11.60 1.34 -3.24
C GLU A 54 11.19 -0.15 -3.40
N ARG A 55 10.00 -0.53 -2.93
CA ARG A 55 9.50 -1.92 -2.91
C ARG A 55 8.89 -2.38 -4.24
N PHE A 56 8.17 -1.49 -4.93
CA PHE A 56 7.37 -1.83 -6.12
C PHE A 56 7.77 -1.07 -7.40
N GLY A 57 8.57 0.01 -7.30
CA GLY A 57 9.02 0.81 -8.45
C GLY A 57 7.94 1.77 -8.99
N ARG A 58 7.00 2.17 -8.13
CA ARG A 58 5.81 2.99 -8.45
C ARG A 58 5.74 4.24 -7.57
N THR A 59 5.33 5.37 -8.13
CA THR A 59 5.31 6.68 -7.41
C THR A 59 3.90 7.28 -7.40
N LEU A 60 3.00 6.69 -6.61
CA LEU A 60 1.59 7.09 -6.52
C LEU A 60 1.43 8.46 -5.83
N PRO A 61 0.53 9.35 -6.28
CA PRO A 61 0.28 10.66 -5.66
C PRO A 61 -0.47 10.54 -4.32
N LEU A 62 -0.20 11.48 -3.39
CA LEU A 62 -0.80 11.47 -2.04
C LEU A 62 -2.34 11.47 -2.06
N GLN A 63 -2.94 12.21 -2.99
CA GLN A 63 -4.40 12.29 -3.13
C GLN A 63 -5.04 10.94 -3.53
N LEU A 64 -4.33 10.10 -4.28
CA LEU A 64 -4.77 8.74 -4.60
C LEU A 64 -4.52 7.77 -3.44
N LEU A 65 -3.36 7.88 -2.77
CA LEU A 65 -3.02 7.08 -1.60
C LEU A 65 -4.06 7.24 -0.48
N SER A 66 -4.49 8.47 -0.18
CA SER A 66 -5.47 8.76 0.88
C SER A 66 -6.87 8.20 0.57
N GLU A 67 -7.30 8.21 -0.70
CA GLU A 67 -8.60 7.70 -1.16
C GLU A 67 -8.66 6.18 -1.38
N SER A 68 -7.51 5.50 -1.49
CA SER A 68 -7.43 4.05 -1.77
C SER A 68 -7.36 3.18 -0.50
N THR A 69 -7.89 1.96 -0.59
CA THR A 69 -7.75 0.87 0.39
C THR A 69 -6.61 -0.09 0.01
N VAL A 70 -6.22 -1.01 0.89
CA VAL A 70 -5.12 -1.96 0.64
C VAL A 70 -5.28 -2.77 -0.67
N PRO A 71 -6.44 -3.40 -0.98
CA PRO A 71 -6.65 -4.06 -2.27
C PRO A 71 -6.60 -3.11 -3.49
N VAL A 72 -7.14 -1.88 -3.35
CA VAL A 72 -7.15 -0.88 -4.43
C VAL A 72 -5.74 -0.33 -4.70
N LEU A 73 -4.92 -0.14 -3.66
CA LEU A 73 -3.50 0.20 -3.78
C LEU A 73 -2.73 -0.88 -4.55
N ALA A 74 -2.86 -2.14 -4.15
CA ALA A 74 -2.25 -3.28 -4.84
C ALA A 74 -2.67 -3.38 -6.32
N ALA A 75 -3.91 -3.01 -6.66
CA ALA A 75 -4.40 -2.96 -8.04
C ALA A 75 -3.70 -1.87 -8.89
N HIS A 76 -3.44 -0.69 -8.31
CA HIS A 76 -2.65 0.37 -8.98
C HIS A 76 -1.20 -0.07 -9.22
N LEU A 77 -0.57 -0.72 -8.23
CA LEU A 77 0.81 -1.21 -8.31
C LEU A 77 0.98 -2.32 -9.36
N SER A 78 0.03 -3.25 -9.39
CA SER A 78 -0.10 -4.32 -10.40
C SER A 78 -0.51 -3.79 -11.79
N ALA A 79 -0.91 -2.52 -11.88
CA ALA A 79 -1.37 -1.82 -13.09
C ALA A 79 -2.59 -2.49 -13.77
N ASP A 80 -3.56 -2.93 -12.97
CA ASP A 80 -4.86 -3.46 -13.44
C ASP A 80 -5.64 -2.38 -14.23
N ARG A 81 -6.32 -2.80 -15.30
CA ARG A 81 -6.92 -1.90 -16.29
C ARG A 81 -8.17 -1.18 -15.76
N ALA A 82 -8.31 0.10 -16.10
CA ALA A 82 -9.42 0.98 -15.72
C ALA A 82 -10.71 0.74 -16.55
N HIS A 83 -11.18 -0.52 -16.60
CA HIS A 83 -12.30 -1.01 -17.41
C HIS A 83 -12.14 -0.66 -18.92
O23 PNS B . -1.62 17.26 5.17
P24 PNS B . -0.18 17.32 5.53
O26 PNS B . 0.21 17.90 6.85
O27 PNS B . 0.60 18.08 4.36
C28 PNS B . 1.95 18.45 4.54
C29 PNS B . 2.48 19.23 3.30
C30 PNS B . 3.93 19.68 3.64
C31 PNS B . 2.59 18.28 2.09
C32 PNS B . 1.63 20.49 2.94
O33 PNS B . 0.38 20.10 2.33
C34 PNS B . 1.39 21.46 4.13
O35 PNS B . 0.46 21.30 4.92
N36 PNS B . 2.23 22.49 4.26
C37 PNS B . 2.13 23.51 5.30
C38 PNS B . 3.43 24.29 5.41
C39 PNS B . 3.34 25.34 6.51
O40 PNS B . 3.04 26.51 6.23
N41 PNS B . 3.56 24.93 7.76
C42 PNS B . 3.47 25.75 8.95
C43 PNS B . 2.07 25.64 9.56
S44 PNS B . 1.97 26.63 11.07
H282 PNS B . 2.56 17.56 4.68
H281 PNS B . 2.04 19.09 5.42
H303 PNS B . 4.35 20.24 2.81
H302 PNS B . 3.93 20.30 4.54
H301 PNS B . 4.56 18.81 3.84
H313 PNS B . 1.61 17.87 1.84
H312 PNS B . 2.99 18.82 1.22
H311 PNS B . 3.26 17.46 2.31
H32 PNS B . 2.17 21.04 2.18
H33 PNS B . -0.06 19.47 2.95
H36 PNS B . 2.98 22.59 3.58
H372 PNS B . 1.31 24.19 5.05
H371 PNS B . 1.90 23.03 6.26
H382 PNS B . 4.24 23.60 5.65
H381 PNS B . 3.65 24.78 4.47
H41 PNS B . 3.80 23.95 7.88
H422 PNS B . 4.21 25.43 9.69
H421 PNS B . 3.67 26.81 8.72
H431 PNS B . 1.34 26.00 8.84
H432 PNS B . 1.85 24.59 9.79
H44 PNS B . 0.66 26.39 11.32
N GLY A 1 14.63 -14.39 -15.92
CA GLY A 1 14.90 -12.99 -16.31
C GLY A 1 15.45 -12.16 -15.15
N PRO A 2 15.96 -10.94 -15.42
CA PRO A 2 16.51 -10.02 -14.41
C PRO A 2 15.43 -9.41 -13.49
N GLY A 3 15.88 -8.79 -12.39
CA GLY A 3 15.01 -8.18 -11.37
C GLY A 3 14.48 -9.17 -10.32
N SER A 4 13.81 -8.64 -9.30
CA SER A 4 13.26 -9.43 -8.19
C SER A 4 12.09 -10.32 -8.61
N MET A 5 12.00 -11.52 -8.03
CA MET A 5 10.89 -12.46 -8.22
C MET A 5 9.63 -12.04 -7.42
N TYR A 6 8.45 -12.29 -8.00
CA TYR A 6 7.14 -12.05 -7.37
C TYR A 6 6.54 -13.35 -6.81
N GLY A 7 7.14 -13.87 -5.74
CA GLY A 7 6.76 -15.13 -5.09
C GLY A 7 5.48 -15.06 -4.22
N GLU A 8 4.88 -13.88 -4.06
CA GLU A 8 3.69 -13.62 -3.25
C GLU A 8 2.85 -12.46 -3.85
N ALA A 9 1.56 -12.41 -3.52
CA ALA A 9 0.63 -11.36 -3.94
C ALA A 9 1.04 -9.95 -3.45
N VAL A 10 0.74 -8.93 -4.25
CA VAL A 10 1.04 -7.51 -3.94
C VAL A 10 0.25 -7.01 -2.72
N THR A 11 -1.00 -7.47 -2.55
CA THR A 11 -1.90 -7.05 -1.46
C THR A 11 -1.32 -7.38 -0.09
N GLU A 12 -0.71 -8.56 0.08
CA GLU A 12 -0.08 -8.98 1.34
C GLU A 12 1.15 -8.12 1.69
N GLN A 13 2.01 -7.89 0.69
CA GLN A 13 3.26 -7.14 0.85
C GLN A 13 3.03 -5.63 1.08
N LEU A 14 1.93 -5.06 0.56
CA LEU A 14 1.50 -3.69 0.84
C LEU A 14 0.77 -3.59 2.19
N SER A 15 -0.04 -4.59 2.57
CA SER A 15 -0.72 -4.64 3.88
C SER A 15 0.27 -4.61 5.05
N ARG A 16 1.32 -5.44 5.01
CA ARG A 16 2.38 -5.51 6.03
C ARG A 16 3.16 -4.20 6.14
N LEU A 17 3.32 -3.46 5.03
CA LEU A 17 3.98 -2.16 5.02
C LEU A 17 3.11 -1.07 5.66
N VAL A 18 1.82 -0.99 5.31
CA VAL A 18 0.87 0.01 5.86
C VAL A 18 0.67 -0.17 7.37
N ALA A 19 0.77 -1.41 7.90
CA ALA A 19 0.76 -1.69 9.33
C ALA A 19 1.91 -1.01 10.11
N GLY A 20 2.98 -0.58 9.42
CA GLY A 20 4.07 0.22 9.98
C GLY A 20 3.82 1.74 10.04
N PHE A 21 2.70 2.23 9.48
CA PHE A 21 2.38 3.66 9.35
C PHE A 21 1.06 4.08 10.00
N VAL A 22 0.21 3.14 10.44
CA VAL A 22 -1.03 3.45 11.18
C VAL A 22 -0.70 4.13 12.53
N PRO A 23 -1.20 5.36 12.80
CA PRO A 23 -0.81 6.14 13.97
C PRO A 23 -1.53 5.73 15.26
N ASP A 24 -2.75 5.19 15.15
CA ASP A 24 -3.55 4.68 16.27
C ASP A 24 -2.98 3.35 16.84
N ALA A 25 -3.57 2.87 17.94
CA ALA A 25 -3.27 1.59 18.58
C ALA A 25 -3.65 0.33 17.74
N ALA A 26 -4.09 0.50 16.49
CA ALA A 26 -4.38 -0.58 15.55
C ALA A 26 -3.14 -1.48 15.29
N GLY A 27 -3.34 -2.80 15.40
CA GLY A 27 -2.31 -3.83 15.17
C GLY A 27 -2.33 -4.47 13.77
N SER A 28 -3.30 -4.10 12.94
CA SER A 28 -3.57 -4.65 11.60
C SER A 28 -4.27 -3.61 10.70
N VAL A 29 -4.40 -3.92 9.40
CA VAL A 29 -4.94 -3.01 8.38
C VAL A 29 -6.13 -3.67 7.66
N ASP A 30 -7.27 -2.98 7.62
CA ASP A 30 -8.50 -3.47 6.97
C ASP A 30 -8.46 -3.26 5.44
N PRO A 31 -8.93 -4.23 4.63
CA PRO A 31 -9.20 -4.01 3.19
C PRO A 31 -10.45 -3.14 2.98
N ASP A 32 -11.34 -3.04 3.97
CA ASP A 32 -12.61 -2.28 3.91
C ASP A 32 -12.45 -0.76 4.19
N ARG A 33 -11.28 -0.31 4.66
CA ARG A 33 -10.98 1.09 5.02
C ARG A 33 -9.80 1.63 4.21
N THR A 34 -9.87 2.92 3.86
CA THR A 34 -8.81 3.66 3.17
C THR A 34 -7.65 4.01 4.11
N LEU A 35 -6.52 4.47 3.58
CA LEU A 35 -5.41 4.95 4.40
C LEU A 35 -5.79 6.19 5.24
N LEU A 36 -6.70 7.02 4.73
CA LEU A 36 -7.26 8.16 5.45
C LEU A 36 -8.22 7.75 6.57
N GLU A 37 -8.98 6.65 6.40
CA GLU A 37 -9.82 6.07 7.47
C GLU A 37 -9.01 5.35 8.56
N HIS A 38 -7.83 4.79 8.23
CA HIS A 38 -6.82 4.39 9.23
C HIS A 38 -6.16 5.60 9.92
N GLY A 39 -6.31 6.80 9.36
CA GLY A 39 -5.92 8.07 9.98
C GLY A 39 -4.50 8.53 9.66
N ILE A 40 -3.85 7.91 8.65
CA ILE A 40 -2.45 8.16 8.28
C ILE A 40 -2.31 9.59 7.74
N ASP A 41 -1.52 10.41 8.45
CA ASP A 41 -1.23 11.81 8.08
C ASP A 41 -0.34 11.93 6.83
N SER A 42 -0.38 13.07 6.16
CA SER A 42 0.47 13.44 5.00
C SER A 42 1.96 13.10 5.17
N ILE A 43 2.55 13.40 6.33
CA ILE A 43 3.95 13.10 6.66
C ILE A 43 4.23 11.58 6.59
N ASN A 44 3.32 10.76 7.12
CA ASN A 44 3.43 9.30 7.06
C ASN A 44 3.08 8.74 5.66
N LEU A 45 2.12 9.36 4.95
CA LEU A 45 1.80 9.02 3.56
C LEU A 45 2.99 9.28 2.63
N MET A 46 3.75 10.36 2.79
CA MET A 46 4.97 10.63 2.02
C MET A 46 6.10 9.61 2.26
N ASN A 47 6.26 9.12 3.48
CA ASN A 47 7.22 8.04 3.79
C ASN A 47 6.75 6.71 3.18
N LEU A 48 5.46 6.37 3.33
CA LEU A 48 4.84 5.19 2.73
C LEU A 48 4.93 5.23 1.19
N ARG A 49 4.71 6.39 0.56
CA ARG A 49 4.83 6.63 -0.89
C ARG A 49 6.19 6.17 -1.42
N PHE A 50 7.27 6.63 -0.78
CA PHE A 50 8.66 6.28 -1.10
C PHE A 50 9.01 4.81 -0.79
N GLU A 51 8.52 4.24 0.33
CA GLU A 51 8.73 2.81 0.62
C GLU A 51 8.06 1.91 -0.44
N ILE A 52 6.87 2.25 -0.93
CA ILE A 52 6.21 1.54 -2.04
C ILE A 52 6.99 1.74 -3.35
N THR A 53 7.55 2.93 -3.61
CA THR A 53 8.49 3.18 -4.73
C THR A 53 9.72 2.27 -4.67
N GLU A 54 10.32 2.08 -3.48
CA GLU A 54 11.48 1.20 -3.29
C GLU A 54 11.13 -0.31 -3.40
N ARG A 55 9.96 -0.72 -2.92
CA ARG A 55 9.50 -2.13 -2.89
C ARG A 55 8.89 -2.63 -4.20
N PHE A 56 8.24 -1.76 -4.99
CA PHE A 56 7.46 -2.13 -6.19
C PHE A 56 7.81 -1.31 -7.46
N GLY A 57 8.55 -0.21 -7.33
CA GLY A 57 9.11 0.58 -8.44
C GLY A 57 8.22 1.71 -8.98
N ARG A 58 7.09 1.99 -8.31
CA ARG A 58 6.02 2.89 -8.80
C ARG A 58 6.04 4.27 -8.16
N THR A 59 5.41 5.27 -8.78
CA THR A 59 5.10 6.57 -8.12
C THR A 59 3.65 7.00 -8.40
N LEU A 60 2.92 7.39 -7.35
CA LEU A 60 1.51 7.84 -7.38
C LEU A 60 1.30 9.05 -6.42
N PRO A 61 0.30 9.93 -6.66
CA PRO A 61 0.06 11.12 -5.84
C PRO A 61 -0.55 10.79 -4.47
N LEU A 62 -0.28 11.62 -3.46
CA LEU A 62 -0.74 11.43 -2.07
C LEU A 62 -2.28 11.42 -1.95
N GLN A 63 -2.99 12.19 -2.78
CA GLN A 63 -4.45 12.22 -2.80
C GLN A 63 -5.05 10.86 -3.21
N LEU A 64 -4.40 10.13 -4.12
CA LEU A 64 -4.80 8.77 -4.47
C LEU A 64 -4.51 7.79 -3.34
N LEU A 65 -3.37 7.93 -2.64
CA LEU A 65 -3.03 7.08 -1.49
C LEU A 65 -4.04 7.23 -0.36
N SER A 66 -4.43 8.46 0.00
CA SER A 66 -5.38 8.72 1.09
C SER A 66 -6.78 8.16 0.81
N GLU A 67 -7.30 8.30 -0.42
CA GLU A 67 -8.64 7.83 -0.81
C GLU A 67 -8.72 6.34 -1.22
N SER A 68 -7.59 5.65 -1.39
CA SER A 68 -7.52 4.22 -1.73
C SER A 68 -7.40 3.30 -0.49
N THR A 69 -7.89 2.07 -0.62
CA THR A 69 -7.63 0.95 0.30
C THR A 69 -6.38 0.16 -0.13
N VAL A 70 -5.90 -0.74 0.74
CA VAL A 70 -4.76 -1.65 0.45
C VAL A 70 -4.93 -2.45 -0.86
N PRO A 71 -6.03 -3.19 -1.10
CA PRO A 71 -6.20 -3.93 -2.35
C PRO A 71 -6.38 -3.04 -3.59
N VAL A 72 -6.93 -1.82 -3.45
CA VAL A 72 -7.02 -0.84 -4.54
C VAL A 72 -5.63 -0.35 -4.95
N LEU A 73 -4.75 -0.04 -3.99
CA LEU A 73 -3.36 0.30 -4.27
C LEU A 73 -2.60 -0.88 -4.90
N ALA A 74 -2.75 -2.09 -4.37
CA ALA A 74 -2.17 -3.29 -4.96
C ALA A 74 -2.60 -3.52 -6.42
N ALA A 75 -3.84 -3.17 -6.80
CA ALA A 75 -4.32 -3.22 -8.18
C ALA A 75 -3.70 -2.12 -9.07
N HIS A 76 -3.42 -0.91 -8.54
CA HIS A 76 -2.70 0.14 -9.29
C HIS A 76 -1.22 -0.21 -9.52
N LEU A 77 -0.57 -0.91 -8.57
CA LEU A 77 0.76 -1.50 -8.75
C LEU A 77 0.74 -2.62 -9.79
N SER A 78 -0.27 -3.49 -9.76
CA SER A 78 -0.41 -4.63 -10.67
C SER A 78 -0.62 -4.16 -12.13
N ALA A 79 -1.50 -3.17 -12.33
CA ALA A 79 -1.83 -2.53 -13.61
C ALA A 79 -2.30 -3.46 -14.76
N ASP A 80 -2.66 -4.72 -14.46
CA ASP A 80 -3.20 -5.69 -15.43
C ASP A 80 -4.68 -5.37 -15.75
N ARG A 81 -4.89 -4.45 -16.70
CA ARG A 81 -6.20 -3.83 -17.04
C ARG A 81 -6.48 -3.87 -18.54
N ALA A 82 -7.76 -3.87 -18.90
CA ALA A 82 -8.27 -4.12 -20.26
C ALA A 82 -9.31 -3.05 -20.72
N HIS A 83 -9.07 -1.79 -20.36
CA HIS A 83 -9.90 -0.63 -20.72
C HIS A 83 -10.04 -0.43 -22.24
O23 PNS B . -1.41 17.25 5.56
P24 PNS B . -0.02 17.17 6.08
O26 PNS B . 0.25 17.58 7.48
O27 PNS B . 0.93 18.00 5.10
C28 PNS B . 2.31 18.09 5.35
C29 PNS B . 2.98 19.21 4.52
C30 PNS B . 4.47 19.24 4.92
C31 PNS B . 2.96 18.84 3.02
C32 PNS B . 2.36 20.62 4.78
O33 PNS B . 1.23 20.85 3.90
C34 PNS B . 1.97 20.89 6.27
O35 PNS B . 0.79 20.89 6.63
N36 PNS B . 2.96 21.14 7.13
C37 PNS B . 2.78 21.23 8.57
C38 PNS B . 2.49 22.68 8.98
C39 PNS B . 2.12 22.77 10.46
O40 PNS B . 2.98 23.03 11.30
N41 PNS B . 0.85 22.53 10.77
C42 PNS B . 0.30 22.54 12.12
C43 PNS B . -0.24 23.92 12.48
S44 PNS B . -1.62 24.40 11.38
H282 PNS B . 2.77 17.14 5.13
H281 PNS B . 2.49 18.28 6.42
H303 PNS B . 5.00 20.03 4.37
H302 PNS B . 4.58 19.39 5.99
H301 PNS B . 4.96 18.28 4.68
H313 PNS B . 3.48 17.90 2.85
H312 PNS B . 1.93 18.71 2.67
H311 PNS B . 3.44 19.63 2.43
H32 PNS B . 3.10 21.36 4.51
H33 PNS B . 0.52 20.22 4.17
H36 PNS B . 3.90 21.17 6.77
H372 PNS B . 1.94 20.59 8.89
H371 PNS B . 3.67 20.88 9.08
H382 PNS B . 3.39 23.28 8.80
H381 PNS B . 1.67 23.08 8.38
H41 PNS B . 0.22 22.31 10.01
H422 PNS B . -0.51 21.80 12.17
H421 PNS B . 1.06 22.26 12.84
H431 PNS B . -0.59 23.92 13.50
H432 PNS B . 0.57 24.65 12.39
H44 PNS B . -0.90 24.42 10.25
N GLY A 1 1.60 -6.91 -20.83
CA GLY A 1 1.61 -7.43 -19.45
C GLY A 1 0.39 -8.32 -19.18
N PRO A 2 0.58 -9.61 -18.81
CA PRO A 2 -0.51 -10.56 -18.54
C PRO A 2 -1.40 -10.22 -17.32
N GLY A 3 -0.94 -9.36 -16.42
CA GLY A 3 -1.63 -8.95 -15.19
C GLY A 3 -1.33 -9.81 -13.94
N SER A 4 -0.68 -10.96 -14.12
CA SER A 4 -0.27 -11.87 -13.04
C SER A 4 0.79 -11.24 -12.11
N MET A 5 0.72 -11.52 -10.82
CA MET A 5 1.73 -11.14 -9.83
C MET A 5 2.99 -12.02 -9.96
N TYR A 6 4.15 -11.45 -9.66
CA TYR A 6 5.47 -11.92 -10.13
C TYR A 6 6.11 -13.07 -9.32
N GLY A 7 5.47 -13.51 -8.23
CA GLY A 7 5.94 -14.63 -7.40
C GLY A 7 5.45 -14.59 -5.95
N GLU A 8 5.03 -13.41 -5.47
CA GLU A 8 4.37 -13.18 -4.17
C GLU A 8 3.31 -12.08 -4.30
N ALA A 9 2.21 -12.19 -3.57
CA ALA A 9 1.08 -11.29 -3.69
C ALA A 9 1.41 -9.85 -3.27
N VAL A 10 1.06 -8.87 -4.10
CA VAL A 10 1.30 -7.43 -3.82
C VAL A 10 0.47 -6.97 -2.62
N THR A 11 -0.78 -7.44 -2.51
CA THR A 11 -1.71 -7.05 -1.43
C THR A 11 -1.21 -7.49 -0.05
N GLU A 12 -0.63 -8.70 0.05
CA GLU A 12 -0.06 -9.24 1.30
C GLU A 12 1.17 -8.44 1.76
N GLN A 13 2.03 -8.02 0.83
CA GLN A 13 3.22 -7.21 1.10
C GLN A 13 2.84 -5.76 1.48
N LEU A 14 1.93 -5.13 0.75
CA LEU A 14 1.47 -3.77 1.02
C LEU A 14 0.69 -3.67 2.35
N SER A 15 -0.13 -4.68 2.68
CA SER A 15 -0.82 -4.77 3.98
C SER A 15 0.16 -4.71 5.15
N ARG A 16 1.23 -5.53 5.12
CA ARG A 16 2.29 -5.57 6.14
C ARG A 16 3.11 -4.28 6.21
N LEU A 17 3.32 -3.61 5.07
CA LEU A 17 3.97 -2.30 5.00
C LEU A 17 3.10 -1.19 5.64
N VAL A 18 1.83 -1.09 5.27
CA VAL A 18 0.87 -0.07 5.77
C VAL A 18 0.56 -0.26 7.26
N ALA A 19 0.54 -1.49 7.76
CA ALA A 19 0.44 -1.78 9.19
C ALA A 19 1.60 -1.18 10.04
N GLY A 20 2.71 -0.80 9.40
CA GLY A 20 3.82 -0.04 9.99
C GLY A 20 3.69 1.50 9.93
N PHE A 21 2.61 2.03 9.32
CA PHE A 21 2.37 3.47 9.12
C PHE A 21 1.07 3.99 9.76
N VAL A 22 0.19 3.11 10.25
CA VAL A 22 -1.01 3.52 11.00
C VAL A 22 -0.63 4.23 12.33
N PRO A 23 -1.02 5.51 12.53
CA PRO A 23 -0.60 6.30 13.69
C PRO A 23 -1.43 6.04 14.96
N ASP A 24 -2.66 5.53 14.80
CA ASP A 24 -3.57 5.16 15.91
C ASP A 24 -3.09 3.87 16.63
N ALA A 25 -3.77 3.49 17.72
CA ALA A 25 -3.52 2.28 18.50
C ALA A 25 -3.80 0.94 17.77
N ALA A 26 -4.19 0.99 16.48
CA ALA A 26 -4.43 -0.18 15.62
C ALA A 26 -3.17 -1.05 15.45
N GLY A 27 -3.33 -2.37 15.57
CA GLY A 27 -2.26 -3.36 15.37
C GLY A 27 -2.09 -3.83 13.92
N SER A 28 -3.06 -3.55 13.04
CA SER A 28 -3.11 -3.95 11.64
C SER A 28 -4.03 -3.05 10.80
N VAL A 29 -3.94 -3.16 9.48
CA VAL A 29 -4.78 -2.43 8.50
C VAL A 29 -5.91 -3.32 7.96
N ASP A 30 -7.12 -2.78 7.83
CA ASP A 30 -8.28 -3.43 7.21
C ASP A 30 -8.31 -3.21 5.68
N PRO A 31 -8.59 -4.23 4.85
CA PRO A 31 -8.75 -4.07 3.40
C PRO A 31 -10.05 -3.37 2.99
N ASP A 32 -11.04 -3.31 3.90
CA ASP A 32 -12.36 -2.70 3.68
C ASP A 32 -12.39 -1.16 3.85
N ARG A 33 -11.29 -0.56 4.35
CA ARG A 33 -11.19 0.87 4.72
C ARG A 33 -9.93 1.52 4.14
N THR A 34 -10.03 2.82 3.83
CA THR A 34 -8.97 3.62 3.19
C THR A 34 -7.85 4.00 4.15
N LEU A 35 -6.72 4.51 3.63
CA LEU A 35 -5.63 5.03 4.48
C LEU A 35 -6.08 6.29 5.26
N LEU A 36 -6.98 7.09 4.70
CA LEU A 36 -7.61 8.23 5.37
C LEU A 36 -8.56 7.81 6.51
N GLU A 37 -9.25 6.68 6.36
CA GLU A 37 -10.06 6.07 7.42
C GLU A 37 -9.20 5.49 8.57
N HIS A 38 -8.03 4.91 8.26
CA HIS A 38 -7.02 4.55 9.26
C HIS A 38 -6.31 5.79 9.88
N GLY A 39 -6.44 6.96 9.24
CA GLY A 39 -6.03 8.26 9.78
C GLY A 39 -4.57 8.63 9.53
N ILE A 40 -3.92 7.98 8.56
CA ILE A 40 -2.50 8.15 8.26
C ILE A 40 -2.21 9.60 7.81
N ASP A 41 -1.28 10.26 8.49
CA ASP A 41 -0.89 11.66 8.25
C ASP A 41 -0.24 11.85 6.88
N SER A 42 -0.29 13.06 6.32
CA SER A 42 0.46 13.46 5.11
C SER A 42 1.94 13.05 5.14
N ILE A 43 2.62 13.30 6.27
CA ILE A 43 4.03 12.92 6.49
C ILE A 43 4.22 11.40 6.39
N ASN A 44 3.34 10.60 7.00
CA ASN A 44 3.40 9.14 6.94
C ASN A 44 2.98 8.58 5.56
N LEU A 45 2.07 9.25 4.84
CA LEU A 45 1.75 8.92 3.44
C LEU A 45 2.95 9.18 2.50
N MET A 46 3.70 10.27 2.69
CA MET A 46 4.93 10.55 1.90
C MET A 46 6.06 9.55 2.18
N ASN A 47 6.20 9.07 3.43
CA ASN A 47 7.15 7.99 3.74
C ASN A 47 6.69 6.64 3.15
N LEU A 48 5.40 6.30 3.27
CA LEU A 48 4.81 5.11 2.65
C LEU A 48 4.99 5.13 1.12
N ARG A 49 4.80 6.28 0.47
CA ARG A 49 5.03 6.49 -0.98
C ARG A 49 6.46 6.14 -1.39
N PHE A 50 7.46 6.57 -0.61
CA PHE A 50 8.87 6.22 -0.85
C PHE A 50 9.15 4.72 -0.64
N GLU A 51 8.64 4.12 0.44
CA GLU A 51 8.78 2.67 0.70
C GLU A 51 8.11 1.80 -0.39
N ILE A 52 6.96 2.24 -0.92
CA ILE A 52 6.29 1.63 -2.09
C ILE A 52 7.14 1.82 -3.36
N THR A 53 7.71 3.00 -3.58
CA THR A 53 8.56 3.29 -4.74
C THR A 53 9.81 2.41 -4.79
N GLU A 54 10.44 2.15 -3.64
CA GLU A 54 11.60 1.28 -3.52
C GLU A 54 11.28 -0.21 -3.77
N ARG A 55 10.07 -0.66 -3.42
CA ARG A 55 9.61 -2.06 -3.57
C ARG A 55 9.00 -2.38 -4.94
N PHE A 56 8.21 -1.45 -5.48
CA PHE A 56 7.32 -1.69 -6.64
C PHE A 56 7.54 -0.72 -7.83
N GLY A 57 8.34 0.34 -7.65
CA GLY A 57 8.69 1.30 -8.71
C GLY A 57 7.56 2.28 -9.09
N ARG A 58 6.50 2.39 -8.27
CA ARG A 58 5.26 3.11 -8.61
C ARG A 58 4.95 4.23 -7.60
N THR A 59 5.32 5.45 -7.97
CA THR A 59 4.86 6.68 -7.28
C THR A 59 3.36 6.94 -7.56
N LEU A 60 2.66 7.48 -6.57
CA LEU A 60 1.24 7.90 -6.66
C LEU A 60 1.04 9.24 -5.91
N PRO A 61 0.09 10.08 -6.32
CA PRO A 61 -0.23 11.34 -5.63
C PRO A 61 -0.90 11.09 -4.26
N LEU A 62 -0.63 11.94 -3.27
CA LEU A 62 -1.15 11.79 -1.90
C LEU A 62 -2.68 11.81 -1.82
N GLN A 63 -3.35 12.57 -2.70
CA GLN A 63 -4.82 12.61 -2.78
C GLN A 63 -5.43 11.26 -3.22
N LEU A 64 -4.69 10.46 -4.00
CA LEU A 64 -5.07 9.08 -4.34
C LEU A 64 -4.69 8.10 -3.23
N LEU A 65 -3.51 8.25 -2.61
CA LEU A 65 -3.07 7.39 -1.50
C LEU A 65 -4.03 7.43 -0.32
N SER A 66 -4.54 8.61 0.07
CA SER A 66 -5.47 8.77 1.19
C SER A 66 -6.82 8.07 0.94
N GLU A 67 -7.42 8.26 -0.24
CA GLU A 67 -8.74 7.70 -0.59
C GLU A 67 -8.73 6.23 -1.06
N SER A 68 -7.55 5.63 -1.26
CA SER A 68 -7.39 4.22 -1.64
C SER A 68 -7.36 3.28 -0.43
N THR A 69 -7.85 2.05 -0.62
CA THR A 69 -7.67 0.91 0.29
C THR A 69 -6.43 0.09 -0.06
N VAL A 70 -6.02 -0.83 0.80
CA VAL A 70 -4.89 -1.75 0.57
C VAL A 70 -5.01 -2.57 -0.73
N PRO A 71 -6.17 -3.21 -1.06
CA PRO A 71 -6.37 -3.87 -2.34
C PRO A 71 -6.33 -2.92 -3.55
N VAL A 72 -6.85 -1.69 -3.43
CA VAL A 72 -6.81 -0.68 -4.51
C VAL A 72 -5.37 -0.22 -4.79
N LEU A 73 -4.57 0.02 -3.75
CA LEU A 73 -3.14 0.32 -3.89
C LEU A 73 -2.39 -0.84 -4.53
N ALA A 74 -2.62 -2.08 -4.11
CA ALA A 74 -2.02 -3.26 -4.74
C ALA A 74 -2.37 -3.39 -6.23
N ALA A 75 -3.60 -3.03 -6.64
CA ALA A 75 -4.02 -2.99 -8.05
C ALA A 75 -3.34 -1.88 -8.88
N HIS A 76 -3.04 -0.71 -8.28
CA HIS A 76 -2.25 0.33 -8.95
C HIS A 76 -0.80 -0.11 -9.18
N LEU A 77 -0.19 -0.78 -8.20
CA LEU A 77 1.18 -1.31 -8.27
C LEU A 77 1.31 -2.49 -9.23
N SER A 78 0.32 -3.40 -9.28
CA SER A 78 0.34 -4.53 -10.22
C SER A 78 0.14 -4.09 -11.69
N ALA A 79 -0.38 -2.88 -11.90
CA ALA A 79 -0.53 -2.20 -13.20
C ALA A 79 -1.36 -2.98 -14.25
N ASP A 80 -2.31 -3.80 -13.81
CA ASP A 80 -3.21 -4.56 -14.68
C ASP A 80 -4.15 -3.64 -15.50
N ARG A 81 -4.41 -4.01 -16.76
CA ARG A 81 -5.16 -3.19 -17.73
C ARG A 81 -6.63 -2.97 -17.38
N ALA A 82 -7.14 -1.78 -17.70
CA ALA A 82 -8.51 -1.32 -17.41
C ALA A 82 -9.57 -1.76 -18.46
N HIS A 83 -9.28 -2.82 -19.23
CA HIS A 83 -10.10 -3.35 -20.34
C HIS A 83 -10.50 -2.28 -21.39
O23 PNS B . -1.19 17.22 6.25
P24 PNS B . 0.29 17.16 6.40
O26 PNS B . 0.89 17.57 7.68
O27 PNS B . 0.93 18.02 5.24
C28 PNS B . 2.34 18.10 5.08
C29 PNS B . 2.75 19.29 4.19
C30 PNS B . 4.27 19.19 3.98
C31 PNS B . 2.11 19.16 2.79
C32 PNS B . 2.43 20.69 4.80
O33 PNS B . 1.01 20.95 4.86
C34 PNS B . 3.13 20.96 6.17
O35 PNS B . 4.18 21.62 6.21
N36 PNS B . 2.54 20.48 7.26
C37 PNS B . 3.09 20.58 8.61
C38 PNS B . 2.60 21.87 9.28
C39 PNS B . 3.13 22.06 10.70
O40 PNS B . 3.80 21.18 11.24
N41 PNS B . 2.84 23.17 11.38
C42 PNS B . 2.13 24.35 10.91
C43 PNS B . 3.09 25.54 10.75
S44 PNS B . 4.34 25.21 9.46
H282 PNS B . 2.69 17.17 4.63
H281 PNS B . 2.82 18.19 6.05
H303 PNS B . 4.63 20.05 3.41
H302 PNS B . 4.80 19.17 4.94
H301 PNS B . 4.52 18.29 3.42
H313 PNS B . 1.02 19.23 2.86
H312 PNS B . 2.46 19.95 2.14
H311 PNS B . 2.35 18.19 2.35
H32 PNS B . 2.84 21.44 4.11
H33 PNS B . 0.87 21.87 5.17
H36 PNS B . 1.69 19.94 7.13
H372 PNS B . 2.76 19.72 9.20
H371 PNS B . 4.18 20.57 8.58
H382 PNS B . 2.93 22.72 8.68
H381 PNS B . 1.51 21.89 9.31
H41 PNS B . 3.20 23.20 12.33
H422 PNS B . 1.63 24.17 9.96
H421 PNS B . 1.37 24.63 11.65
H431 PNS B . 2.52 26.43 10.48
H432 PNS B . 3.59 25.73 11.70
H44 PNS B . 4.99 26.38 9.57
N GLY A 1 10.16 -15.38 -18.10
CA GLY A 1 10.69 -14.49 -17.04
C GLY A 1 10.32 -14.97 -15.64
N PRO A 2 10.25 -14.08 -14.65
CA PRO A 2 9.90 -14.40 -13.26
C PRO A 2 8.49 -15.02 -13.10
N GLY A 3 8.29 -15.78 -12.03
CA GLY A 3 7.00 -16.40 -11.67
C GLY A 3 5.93 -15.38 -11.24
N SER A 4 4.66 -15.73 -11.47
CA SER A 4 3.48 -14.93 -11.08
C SER A 4 3.18 -15.04 -9.57
N MET A 5 2.19 -14.27 -9.10
CA MET A 5 1.70 -14.22 -7.72
C MET A 5 0.84 -15.46 -7.32
N TYR A 6 1.36 -16.66 -7.57
CA TYR A 6 0.68 -17.95 -7.31
C TYR A 6 0.46 -18.22 -5.81
N GLY A 7 1.45 -17.88 -4.98
CA GLY A 7 1.40 -17.97 -3.51
C GLY A 7 0.98 -16.65 -2.88
N GLU A 8 1.94 -15.90 -2.34
CA GLU A 8 1.77 -14.52 -1.88
C GLU A 8 1.41 -13.55 -3.03
N ALA A 9 0.81 -12.41 -2.69
CA ALA A 9 0.31 -11.40 -3.64
C ALA A 9 0.45 -9.96 -3.15
N VAL A 10 0.34 -8.99 -4.07
CA VAL A 10 0.59 -7.55 -3.81
C VAL A 10 -0.32 -6.97 -2.72
N THR A 11 -1.57 -7.43 -2.61
CA THR A 11 -2.52 -7.01 -1.56
C THR A 11 -2.01 -7.37 -0.17
N GLU A 12 -1.46 -8.57 0.01
CA GLU A 12 -0.86 -9.03 1.27
C GLU A 12 0.44 -8.30 1.58
N GLN A 13 1.30 -8.13 0.56
CA GLN A 13 2.60 -7.46 0.66
C GLN A 13 2.45 -5.98 1.10
N LEU A 14 1.49 -5.25 0.53
CA LEU A 14 1.21 -3.86 0.87
C LEU A 14 0.57 -3.69 2.25
N SER A 15 -0.30 -4.63 2.69
CA SER A 15 -0.96 -4.54 4.01
C SER A 15 0.05 -4.53 5.16
N ARG A 16 1.14 -5.30 5.06
CA ARG A 16 2.22 -5.35 6.06
C ARG A 16 3.07 -4.09 6.05
N LEU A 17 3.19 -3.42 4.91
CA LEU A 17 3.91 -2.14 4.77
C LEU A 17 3.12 -0.97 5.37
N VAL A 18 1.80 -0.92 5.14
CA VAL A 18 0.88 0.05 5.75
C VAL A 18 0.81 -0.09 7.29
N ALA A 19 0.98 -1.30 7.83
CA ALA A 19 1.03 -1.55 9.26
C ALA A 19 2.22 -0.87 9.97
N GLY A 20 3.24 -0.42 9.23
CA GLY A 20 4.33 0.42 9.73
C GLY A 20 4.02 1.92 9.83
N PHE A 21 2.85 2.38 9.34
CA PHE A 21 2.49 3.81 9.26
C PHE A 21 1.13 4.19 9.86
N VAL A 22 0.28 3.22 10.22
CA VAL A 22 -0.90 3.46 11.06
C VAL A 22 -0.48 4.08 12.43
N PRO A 23 -0.96 5.28 12.79
CA PRO A 23 -0.46 6.02 13.96
C PRO A 23 -1.02 5.47 15.29
N ASP A 24 -2.23 4.91 15.28
CA ASP A 24 -2.85 4.25 16.43
C ASP A 24 -2.27 2.83 16.67
N ALA A 25 -2.52 2.28 17.85
CA ALA A 25 -2.12 0.92 18.26
C ALA A 25 -2.95 -0.21 17.61
N ALA A 26 -3.23 -0.09 16.30
CA ALA A 26 -4.04 -1.01 15.51
C ALA A 26 -3.41 -2.41 15.36
N GLY A 27 -2.07 -2.50 15.32
CA GLY A 27 -1.28 -3.75 15.27
C GLY A 27 -1.33 -4.53 13.93
N SER A 28 -2.34 -4.28 13.09
CA SER A 28 -2.52 -4.82 11.75
C SER A 28 -3.38 -3.87 10.89
N VAL A 29 -3.70 -4.27 9.67
CA VAL A 29 -4.35 -3.47 8.62
C VAL A 29 -5.54 -4.22 8.02
N ASP A 30 -6.69 -3.54 7.95
CA ASP A 30 -7.91 -4.07 7.33
C ASP A 30 -7.98 -3.68 5.83
N PRO A 31 -8.37 -4.61 4.92
CA PRO A 31 -8.42 -4.34 3.48
C PRO A 31 -9.60 -3.43 3.06
N ASP A 32 -10.66 -3.33 3.86
CA ASP A 32 -11.84 -2.49 3.57
C ASP A 32 -11.60 -0.99 3.88
N ARG A 33 -10.63 -0.67 4.73
CA ARG A 33 -10.26 0.71 5.11
C ARG A 33 -9.38 1.38 4.06
N THR A 34 -9.56 2.68 3.84
CA THR A 34 -8.57 3.54 3.18
C THR A 34 -7.39 3.85 4.11
N LEU A 35 -6.34 4.48 3.59
CA LEU A 35 -5.25 5.00 4.42
C LEU A 35 -5.69 6.16 5.33
N LEU A 36 -6.73 6.90 4.93
CA LEU A 36 -7.38 7.92 5.76
C LEU A 36 -8.31 7.33 6.84
N GLU A 37 -8.89 6.14 6.63
CA GLU A 37 -9.61 5.42 7.69
C GLU A 37 -8.65 4.81 8.74
N HIS A 38 -7.42 4.45 8.35
CA HIS A 38 -6.32 4.20 9.30
C HIS A 38 -5.81 5.49 9.98
N GLY A 39 -6.10 6.67 9.41
CA GLY A 39 -5.79 7.98 9.98
C GLY A 39 -4.36 8.48 9.69
N ILE A 40 -3.72 7.94 8.65
CA ILE A 40 -2.31 8.22 8.32
C ILE A 40 -2.16 9.70 7.86
N ASP A 41 -1.28 10.45 8.53
CA ASP A 41 -1.00 11.86 8.26
C ASP A 41 -0.23 12.08 6.95
N SER A 42 -0.25 13.30 6.40
CA SER A 42 0.47 13.73 5.18
C SER A 42 1.95 13.32 5.13
N ILE A 43 2.70 13.59 6.20
CA ILE A 43 4.11 13.20 6.36
C ILE A 43 4.29 11.68 6.28
N ASN A 44 3.42 10.92 6.95
CA ASN A 44 3.46 9.45 6.92
C ASN A 44 2.96 8.84 5.59
N LEU A 45 2.04 9.51 4.87
CA LEU A 45 1.68 9.19 3.49
C LEU A 45 2.87 9.38 2.55
N MET A 46 3.66 10.44 2.71
CA MET A 46 4.91 10.63 1.95
C MET A 46 6.00 9.60 2.28
N ASN A 47 6.15 9.20 3.55
CA ASN A 47 7.07 8.15 3.94
C ASN A 47 6.64 6.78 3.38
N LEU A 48 5.34 6.44 3.44
CA LEU A 48 4.76 5.25 2.83
C LEU A 48 4.90 5.26 1.29
N ARG A 49 4.71 6.40 0.63
CA ARG A 49 4.93 6.59 -0.81
C ARG A 49 6.36 6.27 -1.21
N PHE A 50 7.35 6.73 -0.43
CA PHE A 50 8.76 6.40 -0.61
C PHE A 50 9.05 4.90 -0.41
N GLU A 51 8.50 4.28 0.63
CA GLU A 51 8.68 2.84 0.87
C GLU A 51 8.00 1.98 -0.21
N ILE A 52 6.83 2.37 -0.72
CA ILE A 52 6.16 1.73 -1.88
C ILE A 52 7.04 1.84 -3.13
N THR A 53 7.62 3.02 -3.39
CA THR A 53 8.59 3.24 -4.48
C THR A 53 9.81 2.34 -4.36
N GLU A 54 10.29 2.04 -3.14
CA GLU A 54 11.41 1.11 -2.92
C GLU A 54 11.02 -0.38 -3.09
N ARG A 55 9.84 -0.79 -2.62
CA ARG A 55 9.36 -2.19 -2.67
C ARG A 55 8.84 -2.60 -4.06
N PHE A 56 8.19 -1.68 -4.78
CA PHE A 56 7.46 -1.95 -6.03
C PHE A 56 7.94 -1.16 -7.25
N GLY A 57 8.87 -0.20 -7.08
CA GLY A 57 9.50 0.55 -8.17
C GLY A 57 8.58 1.55 -8.90
N ARG A 58 7.43 1.94 -8.31
CA ARG A 58 6.26 2.42 -9.07
C ARG A 58 5.96 3.92 -8.91
N THR A 59 5.94 4.43 -7.67
CA THR A 59 5.40 5.75 -7.26
C THR A 59 3.88 5.90 -7.46
N LEU A 60 3.16 6.31 -6.41
CA LEU A 60 1.74 6.69 -6.44
C LEU A 60 1.57 8.15 -5.97
N PRO A 61 0.65 8.95 -6.55
CA PRO A 61 0.34 10.29 -6.06
C PRO A 61 -0.40 10.25 -4.71
N LEU A 62 -0.17 11.26 -3.85
CA LEU A 62 -0.70 11.31 -2.47
C LEU A 62 -2.24 11.41 -2.43
N GLN A 63 -2.86 12.06 -3.42
CA GLN A 63 -4.32 12.11 -3.56
C GLN A 63 -4.93 10.72 -3.79
N LEU A 64 -4.29 9.88 -4.62
CA LEU A 64 -4.72 8.50 -4.86
C LEU A 64 -4.47 7.62 -3.64
N LEU A 65 -3.33 7.79 -2.96
CA LEU A 65 -3.01 7.09 -1.71
C LEU A 65 -4.07 7.35 -0.63
N SER A 66 -4.43 8.62 -0.40
CA SER A 66 -5.36 8.98 0.68
C SER A 66 -6.78 8.44 0.47
N GLU A 67 -7.28 8.42 -0.78
CA GLU A 67 -8.64 7.97 -1.11
C GLU A 67 -8.78 6.45 -1.39
N SER A 68 -7.68 5.70 -1.52
CA SER A 68 -7.69 4.27 -1.88
C SER A 68 -7.49 3.33 -0.69
N THR A 69 -8.01 2.11 -0.83
CA THR A 69 -7.84 0.98 0.10
C THR A 69 -6.72 0.04 -0.35
N VAL A 70 -6.31 -0.89 0.53
CA VAL A 70 -5.17 -1.79 0.28
C VAL A 70 -5.29 -2.64 -1.00
N PRO A 71 -6.43 -3.32 -1.31
CA PRO A 71 -6.61 -4.04 -2.58
C PRO A 71 -6.61 -3.12 -3.81
N VAL A 72 -7.15 -1.90 -3.69
CA VAL A 72 -7.17 -0.90 -4.76
C VAL A 72 -5.76 -0.38 -5.06
N LEU A 73 -4.97 -0.10 -4.01
CA LEU A 73 -3.55 0.27 -4.13
C LEU A 73 -2.73 -0.83 -4.80
N ALA A 74 -2.92 -2.09 -4.39
CA ALA A 74 -2.29 -3.25 -5.01
C ALA A 74 -2.61 -3.38 -6.51
N ALA A 75 -3.85 -3.07 -6.92
CA ALA A 75 -4.23 -3.04 -8.34
C ALA A 75 -3.57 -1.88 -9.12
N HIS A 76 -3.38 -0.70 -8.51
CA HIS A 76 -2.64 0.42 -9.12
C HIS A 76 -1.14 0.16 -9.26
N LEU A 77 -0.56 -0.65 -8.37
CA LEU A 77 0.81 -1.15 -8.48
C LEU A 77 0.96 -2.24 -9.54
N SER A 78 0.01 -3.17 -9.60
CA SER A 78 -0.11 -4.24 -10.59
C SER A 78 -0.66 -3.74 -11.95
N ALA A 79 -0.01 -2.71 -12.51
CA ALA A 79 -0.45 -1.96 -13.70
C ALA A 79 0.68 -1.81 -14.75
N ASP A 80 1.37 -2.91 -15.08
CA ASP A 80 2.45 -2.98 -16.08
C ASP A 80 1.93 -2.92 -17.53
N ARG A 81 1.28 -1.82 -17.90
CA ARG A 81 0.70 -1.57 -19.23
C ARG A 81 1.78 -1.47 -20.32
N ALA A 82 1.45 -1.96 -21.53
CA ALA A 82 2.32 -1.96 -22.72
C ALA A 82 2.12 -0.75 -23.65
N HIS A 83 1.42 0.29 -23.17
CA HIS A 83 0.97 1.47 -23.94
C HIS A 83 1.64 2.78 -23.49
O23 PNS B . -1.09 17.58 6.29
P24 PNS B . 0.37 17.43 6.51
O26 PNS B . 0.94 17.78 7.83
O27 PNS B . 1.13 18.26 5.37
C28 PNS B . 2.53 18.35 5.37
C29 PNS B . 3.04 19.31 4.27
C30 PNS B . 4.58 19.23 4.25
C31 PNS B . 2.52 18.79 2.91
C32 PNS B . 2.54 20.77 4.52
O33 PNS B . 3.02 21.25 5.79
C34 PNS B . 2.84 21.75 3.36
O35 PNS B . 3.93 22.33 3.26
N36 PNS B . 1.86 21.95 2.47
C37 PNS B . 1.95 22.78 1.28
C38 PNS B . 1.38 22.01 0.07
C39 PNS B . 2.27 20.89 -0.43
O40 PNS B . 3.50 20.95 -0.36
N41 PNS B . 1.64 19.84 -0.97
C42 PNS B . 2.27 18.66 -1.57
C43 PNS B . 2.35 17.52 -0.55
S44 PNS B . 0.69 17.08 0.07
H282 PNS B . 2.95 17.35 5.20
H281 PNS B . 2.88 18.70 6.34
H303 PNS B . 4.99 19.55 5.21
H302 PNS B . 4.92 18.21 4.07
H301 PNS B . 5.00 19.85 3.46
H313 PNS B . 2.72 17.72 2.81
H312 PNS B . 1.44 18.95 2.83
H311 PNS B . 3.00 19.33 2.09
H32 PNS B . 1.46 20.72 4.60
H33 PNS B . 2.73 22.18 5.91
H36 PNS B . 0.98 21.47 2.62
H372 PNS B . 1.36 23.69 1.42
H371 PNS B . 2.98 23.08 1.07
H382 PNS B . 0.40 21.63 0.33
H381 PNS B . 1.25 22.72 -0.76
H41 PNS B . 0.63 19.88 -0.98
H422 PNS B . 1.68 18.34 -2.42
H421 PNS B . 3.27 18.89 -1.92
H431 PNS B . 2.81 16.66 -1.03
H432 PNS B . 2.98 17.82 0.29
H44 PNS B . 0.17 16.77 -1.13
N GLY A 1 21.07 -13.74 -8.10
CA GLY A 1 20.55 -12.90 -9.21
C GLY A 1 19.32 -12.09 -8.79
N PRO A 2 18.94 -11.06 -9.57
CA PRO A 2 17.78 -10.21 -9.28
C PRO A 2 16.43 -10.95 -9.41
N GLY A 3 15.41 -10.44 -8.71
CA GLY A 3 14.04 -10.98 -8.72
C GLY A 3 13.08 -10.24 -7.79
N SER A 4 11.81 -10.65 -7.80
CA SER A 4 10.72 -10.11 -6.97
C SER A 4 9.55 -11.09 -6.85
N MET A 5 8.57 -10.77 -5.98
CA MET A 5 7.29 -11.50 -5.80
C MET A 5 7.43 -13.03 -5.66
N TYR A 6 8.42 -13.45 -4.88
CA TYR A 6 8.81 -14.86 -4.67
C TYR A 6 7.71 -15.74 -4.05
N GLY A 7 6.74 -15.14 -3.34
CA GLY A 7 5.55 -15.79 -2.80
C GLY A 7 4.47 -14.79 -2.35
N GLU A 8 3.22 -15.25 -2.31
CA GLU A 8 2.00 -14.51 -1.98
C GLU A 8 1.66 -13.31 -2.90
N ALA A 9 0.44 -12.79 -2.77
CA ALA A 9 -0.08 -11.67 -3.56
C ALA A 9 0.52 -10.31 -3.18
N VAL A 10 0.42 -9.33 -4.09
CA VAL A 10 0.87 -7.93 -3.86
C VAL A 10 0.02 -7.24 -2.78
N THR A 11 -1.27 -7.57 -2.69
CA THR A 11 -2.18 -7.06 -1.63
C THR A 11 -1.73 -7.50 -0.23
N GLU A 12 -1.31 -8.76 -0.09
CA GLU A 12 -0.80 -9.30 1.17
C GLU A 12 0.55 -8.67 1.56
N GLN A 13 1.43 -8.37 0.60
CA GLN A 13 2.72 -7.71 0.85
C GLN A 13 2.56 -6.22 1.22
N LEU A 14 1.66 -5.50 0.54
CA LEU A 14 1.42 -4.07 0.79
C LEU A 14 0.75 -3.81 2.16
N SER A 15 -0.11 -4.72 2.63
CA SER A 15 -0.77 -4.58 3.94
C SER A 15 0.22 -4.49 5.11
N ARG A 16 1.31 -5.27 5.07
CA ARG A 16 2.37 -5.30 6.10
C ARG A 16 3.20 -4.02 6.12
N LEU A 17 3.38 -3.36 4.97
CA LEU A 17 4.05 -2.07 4.87
C LEU A 17 3.19 -0.95 5.47
N VAL A 18 1.90 -0.88 5.09
CA VAL A 18 0.96 0.14 5.60
C VAL A 18 0.68 -0.01 7.10
N ALA A 19 0.72 -1.25 7.64
CA ALA A 19 0.69 -1.51 9.08
C ALA A 19 1.85 -0.87 9.87
N GLY A 20 2.93 -0.47 9.18
CA GLY A 20 4.04 0.33 9.74
C GLY A 20 3.77 1.85 9.80
N PHE A 21 2.64 2.33 9.27
CA PHE A 21 2.31 3.77 9.16
C PHE A 21 0.95 4.16 9.79
N VAL A 22 0.10 3.20 10.16
CA VAL A 22 -1.12 3.46 10.96
C VAL A 22 -0.75 4.06 12.34
N PRO A 23 -1.24 5.27 12.69
CA PRO A 23 -0.79 5.99 13.90
C PRO A 23 -1.43 5.46 15.20
N ASP A 24 -2.66 4.94 15.12
CA ASP A 24 -3.36 4.28 16.24
C ASP A 24 -2.80 2.87 16.54
N ALA A 25 -3.16 2.32 17.70
CA ALA A 25 -2.80 0.96 18.17
C ALA A 25 -3.53 -0.18 17.40
N ALA A 26 -3.85 0.03 16.11
CA ALA A 26 -4.56 -0.91 15.24
C ALA A 26 -3.76 -2.20 14.98
N GLY A 27 -2.44 -2.10 14.83
CA GLY A 27 -1.50 -3.22 14.60
C GLY A 27 -1.66 -3.96 13.25
N SER A 28 -2.61 -3.52 12.42
CA SER A 28 -3.02 -4.13 11.15
C SER A 28 -3.84 -3.11 10.32
N VAL A 29 -4.22 -3.46 9.09
CA VAL A 29 -4.93 -2.57 8.16
C VAL A 29 -6.09 -3.33 7.51
N ASP A 30 -7.30 -2.79 7.60
CA ASP A 30 -8.53 -3.37 7.05
C ASP A 30 -8.59 -3.21 5.52
N PRO A 31 -8.99 -4.25 4.75
CA PRO A 31 -9.17 -4.16 3.30
C PRO A 31 -10.44 -3.39 2.88
N ASP A 32 -11.42 -3.26 3.79
CA ASP A 32 -12.71 -2.58 3.57
C ASP A 32 -12.67 -1.06 3.76
N ARG A 33 -11.56 -0.50 4.27
CA ARG A 33 -11.42 0.91 4.69
C ARG A 33 -10.18 1.58 4.09
N THR A 34 -10.28 2.88 3.81
CA THR A 34 -9.23 3.68 3.18
C THR A 34 -8.09 4.02 4.15
N LEU A 35 -6.95 4.47 3.64
CA LEU A 35 -5.83 4.89 4.50
C LEU A 35 -6.14 6.18 5.28
N LEU A 36 -6.99 7.04 4.72
CA LEU A 36 -7.58 8.20 5.40
C LEU A 36 -8.49 7.78 6.57
N GLU A 37 -9.21 6.66 6.44
CA GLU A 37 -10.03 6.09 7.54
C GLU A 37 -9.13 5.54 8.68
N HIS A 38 -8.00 4.91 8.34
CA HIS A 38 -6.96 4.51 9.31
C HIS A 38 -6.25 5.72 9.93
N GLY A 39 -6.36 6.91 9.32
CA GLY A 39 -5.98 8.20 9.90
C GLY A 39 -4.53 8.61 9.63
N ILE A 40 -3.88 7.97 8.65
CA ILE A 40 -2.46 8.17 8.34
C ILE A 40 -2.18 9.62 7.91
N ASP A 41 -1.28 10.30 8.62
CA ASP A 41 -0.90 11.70 8.39
C ASP A 41 -0.17 11.89 7.04
N SER A 42 -0.19 13.09 6.49
CA SER A 42 0.50 13.44 5.23
C SER A 42 1.98 13.02 5.20
N ILE A 43 2.74 13.30 6.27
CA ILE A 43 4.15 12.91 6.40
C ILE A 43 4.33 11.38 6.40
N ASN A 44 3.43 10.63 7.04
CA ASN A 44 3.45 9.16 7.01
C ASN A 44 3.03 8.61 5.62
N LEU A 45 2.13 9.27 4.89
CA LEU A 45 1.82 8.96 3.49
C LEU A 45 3.02 9.29 2.56
N MET A 46 3.75 10.39 2.80
CA MET A 46 4.98 10.73 2.07
C MET A 46 6.10 9.70 2.29
N ASN A 47 6.23 9.12 3.50
CA ASN A 47 7.14 8.00 3.76
C ASN A 47 6.66 6.72 3.07
N LEU A 48 5.36 6.37 3.17
CA LEU A 48 4.77 5.21 2.49
C LEU A 48 4.97 5.26 0.97
N ARG A 49 4.81 6.44 0.35
CA ARG A 49 5.06 6.72 -1.07
C ARG A 49 6.49 6.35 -1.48
N PHE A 50 7.49 6.76 -0.69
CA PHE A 50 8.90 6.40 -0.91
C PHE A 50 9.19 4.91 -0.70
N GLU A 51 8.63 4.30 0.35
CA GLU A 51 8.79 2.86 0.63
C GLU A 51 8.16 1.96 -0.46
N ILE A 52 7.02 2.36 -1.03
CA ILE A 52 6.41 1.71 -2.20
C ILE A 52 7.30 1.90 -3.45
N THR A 53 7.84 3.10 -3.67
CA THR A 53 8.74 3.41 -4.80
C THR A 53 9.99 2.53 -4.80
N GLU A 54 10.60 2.28 -3.64
CA GLU A 54 11.78 1.40 -3.53
C GLU A 54 11.46 -0.10 -3.74
N ARG A 55 10.26 -0.56 -3.34
CA ARG A 55 9.84 -1.98 -3.47
C ARG A 55 9.31 -2.36 -4.84
N PHE A 56 8.51 -1.49 -5.46
CA PHE A 56 7.74 -1.76 -6.69
C PHE A 56 8.13 -0.88 -7.88
N GLY A 57 9.04 0.09 -7.71
CA GLY A 57 9.50 0.98 -8.79
C GLY A 57 8.44 1.97 -9.30
N ARG A 58 7.40 2.24 -8.50
CA ARG A 58 6.16 2.90 -8.94
C ARG A 58 5.65 3.89 -7.87
N THR A 59 6.02 5.16 -8.05
CA THR A 59 5.55 6.28 -7.22
C THR A 59 4.06 6.57 -7.47
N LEU A 60 3.31 6.94 -6.42
CA LEU A 60 1.89 7.30 -6.48
C LEU A 60 1.62 8.66 -5.80
N PRO A 61 0.60 9.42 -6.23
CA PRO A 61 0.20 10.67 -5.58
C PRO A 61 -0.44 10.44 -4.20
N LEU A 62 -0.22 11.36 -3.25
CA LEU A 62 -0.70 11.25 -1.87
C LEU A 62 -2.23 11.22 -1.77
N GLN A 63 -2.93 11.91 -2.69
CA GLN A 63 -4.39 11.92 -2.77
C GLN A 63 -4.95 10.52 -3.10
N LEU A 64 -4.28 9.75 -3.97
CA LEU A 64 -4.63 8.36 -4.25
C LEU A 64 -4.36 7.47 -3.03
N LEU A 65 -3.23 7.68 -2.34
CA LEU A 65 -2.91 6.92 -1.13
C LEU A 65 -3.97 7.10 -0.03
N SER A 66 -4.42 8.33 0.26
CA SER A 66 -5.43 8.57 1.29
C SER A 66 -6.81 8.01 0.92
N GLU A 67 -7.30 8.23 -0.29
CA GLU A 67 -8.67 7.86 -0.70
C GLU A 67 -8.87 6.38 -1.06
N SER A 68 -7.79 5.60 -1.18
CA SER A 68 -7.82 4.18 -1.55
C SER A 68 -7.69 3.23 -0.36
N THR A 69 -8.22 2.01 -0.52
CA THR A 69 -7.95 0.87 0.36
C THR A 69 -6.63 0.17 -0.01
N VAL A 70 -6.12 -0.72 0.85
CA VAL A 70 -4.94 -1.56 0.56
C VAL A 70 -5.10 -2.39 -0.73
N PRO A 71 -6.21 -3.13 -0.96
CA PRO A 71 -6.43 -3.83 -2.23
C PRO A 71 -6.45 -2.92 -3.46
N VAL A 72 -7.05 -1.72 -3.36
CA VAL A 72 -7.10 -0.75 -4.48
C VAL A 72 -5.71 -0.21 -4.82
N LEU A 73 -4.87 0.09 -3.82
CA LEU A 73 -3.48 0.49 -4.05
C LEU A 73 -2.65 -0.65 -4.67
N ALA A 74 -2.73 -1.85 -4.09
CA ALA A 74 -2.01 -3.03 -4.58
C ALA A 74 -2.30 -3.38 -6.05
N ALA A 75 -3.52 -3.08 -6.56
CA ALA A 75 -3.87 -3.28 -7.96
C ALA A 75 -3.00 -2.45 -8.94
N HIS A 76 -2.58 -1.23 -8.56
CA HIS A 76 -1.66 -0.40 -9.36
C HIS A 76 -0.22 -0.92 -9.36
N LEU A 77 0.26 -1.45 -8.23
CA LEU A 77 1.59 -2.07 -8.12
C LEU A 77 1.65 -3.45 -8.81
N SER A 78 0.55 -4.19 -8.80
CA SER A 78 0.40 -5.53 -9.42
C SER A 78 0.11 -5.51 -10.93
N ALA A 79 0.13 -4.34 -11.58
CA ALA A 79 -0.31 -4.13 -12.97
C ALA A 79 0.64 -4.69 -14.07
N ASP A 80 1.61 -5.55 -13.73
CA ASP A 80 2.59 -6.15 -14.65
C ASP A 80 2.82 -7.64 -14.39
N ARG A 81 3.12 -8.40 -15.45
CA ARG A 81 3.40 -9.86 -15.39
C ARG A 81 4.82 -10.21 -14.90
N ALA A 82 5.73 -9.24 -14.91
CA ALA A 82 7.10 -9.32 -14.38
C ALA A 82 8.01 -10.42 -14.99
N HIS A 83 7.73 -10.85 -16.22
CA HIS A 83 8.59 -11.79 -16.99
C HIS A 83 9.91 -11.15 -17.43
O23 PNS B . -3.00 16.55 5.66
P24 PNS B . -1.60 16.23 6.06
O26 PNS B . -1.36 15.51 7.34
O27 PNS B . -0.74 17.59 6.01
C28 PNS B . 0.27 17.86 6.95
C29 PNS B . 1.34 18.85 6.41
C30 PNS B . 2.09 18.18 5.24
C31 PNS B . 0.63 20.12 5.88
C32 PNS B . 2.27 19.25 7.59
O33 PNS B . 2.83 18.07 8.20
C34 PNS B . 3.36 20.28 7.22
O35 PNS B . 3.20 21.48 7.42
N36 PNS B . 4.49 19.81 6.67
C37 PNS B . 5.61 20.60 6.19
C38 PNS B . 5.45 20.86 4.68
C39 PNS B . 6.60 21.70 4.15
O40 PNS B . 6.45 22.91 3.94
N41 PNS B . 7.77 21.09 3.93
C42 PNS B . 8.97 21.74 3.42
C43 PNS B . 9.81 22.28 4.57
S44 PNS B . 11.31 23.06 3.91
H282 PNS B . 0.78 16.93 7.24
H281 PNS B . -0.19 18.28 7.84
H303 PNS B . 1.40 17.87 4.46
H302 PNS B . 2.80 18.87 4.79
H301 PNS B . 2.63 17.30 5.59
H313 PNS B . 1.36 20.82 5.48
H312 PNS B . -0.05 19.86 5.06
H311 PNS B . 0.07 20.61 6.67
H32 PNS B . 1.65 19.74 8.34
H33 PNS B . 3.29 18.34 9.03
H36 PNS B . 4.53 18.80 6.57
H372 PNS B . 5.65 21.56 6.71
H371 PNS B . 6.54 20.06 6.38
H382 PNS B . 5.43 19.90 4.15
H381 PNS B . 4.52 21.38 4.50
H41 PNS B . 7.81 20.10 4.12
H422 PNS B . 9.56 21.01 2.85
H421 PNS B . 8.70 22.55 2.74
H431 PNS B . 9.22 23.01 5.15
H432 PNS B . 10.09 21.45 5.24
H44 PNS B . 10.67 24.04 3.24
N GLY A 1 13.31 -8.68 1.04
CA GLY A 1 13.17 -9.75 2.05
C GLY A 1 12.47 -10.97 1.47
N PRO A 2 12.83 -12.19 1.91
CA PRO A 2 12.27 -13.44 1.40
C PRO A 2 10.81 -13.67 1.82
N GLY A 3 10.05 -14.39 0.99
CA GLY A 3 8.63 -14.77 1.21
C GLY A 3 8.41 -16.08 1.98
N SER A 4 9.41 -16.53 2.76
CA SER A 4 9.39 -17.83 3.47
C SER A 4 9.11 -19.02 2.54
N MET A 5 9.67 -18.98 1.33
CA MET A 5 9.49 -19.94 0.22
C MET A 5 8.09 -20.01 -0.40
N TYR A 6 7.14 -19.15 0.03
CA TYR A 6 5.89 -18.89 -0.69
C TYR A 6 6.07 -17.81 -1.77
N GLY A 7 5.36 -17.93 -2.89
CA GLY A 7 5.39 -16.96 -4.00
C GLY A 7 4.79 -15.59 -3.64
N GLU A 8 3.67 -15.59 -2.92
CA GLU A 8 2.96 -14.44 -2.31
C GLU A 8 2.34 -13.40 -3.28
N ALA A 9 1.16 -12.86 -2.92
CA ALA A 9 0.44 -11.81 -3.65
C ALA A 9 0.86 -10.38 -3.24
N VAL A 10 0.62 -9.38 -4.11
CA VAL A 10 0.96 -7.96 -3.87
C VAL A 10 0.25 -7.40 -2.63
N THR A 11 -1.02 -7.76 -2.41
CA THR A 11 -1.86 -7.27 -1.31
C THR A 11 -1.31 -7.65 0.06
N GLU A 12 -0.76 -8.86 0.22
CA GLU A 12 -0.19 -9.35 1.48
C GLU A 12 1.09 -8.59 1.86
N GLN A 13 1.90 -8.21 0.87
CA GLN A 13 3.12 -7.41 1.05
C GLN A 13 2.81 -5.96 1.39
N LEU A 14 1.84 -5.35 0.70
CA LEU A 14 1.42 -3.96 0.94
C LEU A 14 0.67 -3.79 2.28
N SER A 15 -0.08 -4.83 2.72
CA SER A 15 -0.77 -4.83 4.03
C SER A 15 0.20 -4.62 5.18
N ARG A 16 1.29 -5.41 5.24
CA ARG A 16 2.31 -5.31 6.31
C ARG A 16 3.20 -4.07 6.20
N LEU A 17 3.35 -3.49 5.00
CA LEU A 17 4.00 -2.19 4.79
C LEU A 17 3.17 -1.05 5.41
N VAL A 18 1.87 -0.99 5.11
CA VAL A 18 0.94 0.03 5.66
C VAL A 18 0.74 -0.15 7.17
N ALA A 19 0.80 -1.38 7.71
CA ALA A 19 0.80 -1.64 9.15
C ALA A 19 1.99 -1.01 9.89
N GLY A 20 3.09 -0.68 9.18
CA GLY A 20 4.21 0.11 9.70
C GLY A 20 3.98 1.63 9.76
N PHE A 21 2.84 2.14 9.28
CA PHE A 21 2.53 3.57 9.16
C PHE A 21 1.21 4.00 9.82
N VAL A 22 0.35 3.06 10.27
CA VAL A 22 -0.89 3.41 11.00
C VAL A 22 -0.59 4.06 12.36
N PRO A 23 -1.05 5.29 12.62
CA PRO A 23 -0.74 6.03 13.85
C PRO A 23 -1.68 5.69 15.03
N ASP A 24 -2.88 5.16 14.72
CA ASP A 24 -3.88 4.72 15.70
C ASP A 24 -3.43 3.46 16.48
N ALA A 25 -4.21 3.03 17.47
CA ALA A 25 -4.01 1.80 18.24
C ALA A 25 -4.17 0.49 17.42
N ALA A 26 -4.48 0.57 16.13
CA ALA A 26 -4.60 -0.55 15.20
C ALA A 26 -3.31 -1.39 15.08
N GLY A 27 -3.45 -2.72 15.17
CA GLY A 27 -2.36 -3.69 15.03
C GLY A 27 -2.26 -4.33 13.61
N SER A 28 -3.28 -4.11 12.78
CA SER A 28 -3.38 -4.60 11.39
C SER A 28 -4.30 -3.69 10.56
N VAL A 29 -4.18 -3.74 9.24
CA VAL A 29 -4.87 -2.85 8.29
C VAL A 29 -6.10 -3.52 7.69
N ASP A 30 -7.27 -2.84 7.75
CA ASP A 30 -8.52 -3.35 7.19
C ASP A 30 -8.61 -3.12 5.67
N PRO A 31 -9.14 -4.06 4.87
CA PRO A 31 -9.34 -3.87 3.43
C PRO A 31 -10.52 -2.93 3.10
N ASP A 32 -11.47 -2.76 4.02
CA ASP A 32 -12.67 -1.95 3.84
C ASP A 32 -12.45 -0.43 4.10
N ARG A 33 -11.41 -0.05 4.86
CA ARG A 33 -11.03 1.35 5.13
C ARG A 33 -9.91 1.82 4.20
N THR A 34 -9.98 3.09 3.81
CA THR A 34 -8.89 3.80 3.12
C THR A 34 -7.74 4.13 4.08
N LEU A 35 -6.59 4.59 3.57
CA LEU A 35 -5.47 5.01 4.43
C LEU A 35 -5.80 6.26 5.25
N LEU A 36 -6.64 7.15 4.71
CA LEU A 36 -7.17 8.31 5.42
C LEU A 36 -8.17 7.90 6.52
N GLU A 37 -8.96 6.84 6.31
CA GLU A 37 -9.82 6.24 7.33
C GLU A 37 -9.07 5.41 8.40
N HIS A 38 -7.82 5.00 8.14
CA HIS A 38 -6.87 4.55 9.18
C HIS A 38 -6.23 5.71 9.95
N GLY A 39 -6.41 6.95 9.48
CA GLY A 39 -5.93 8.18 10.13
C GLY A 39 -4.48 8.55 9.82
N ILE A 40 -3.86 7.90 8.83
CA ILE A 40 -2.47 8.13 8.40
C ILE A 40 -2.34 9.57 7.87
N ASP A 41 -1.51 10.39 8.52
CA ASP A 41 -1.28 11.79 8.15
C ASP A 41 -0.37 11.93 6.91
N SER A 42 -0.32 13.14 6.35
CA SER A 42 0.50 13.45 5.16
C SER A 42 1.96 13.01 5.29
N ILE A 43 2.58 13.20 6.47
CA ILE A 43 3.98 12.80 6.73
C ILE A 43 4.17 11.28 6.59
N ASN A 44 3.30 10.47 7.21
CA ASN A 44 3.35 9.02 7.08
C ASN A 44 2.92 8.52 5.67
N LEU A 45 2.01 9.23 4.98
CA LEU A 45 1.71 8.97 3.56
C LEU A 45 2.92 9.27 2.64
N MET A 46 3.69 10.34 2.90
CA MET A 46 4.93 10.66 2.18
C MET A 46 6.03 9.60 2.39
N ASN A 47 6.16 9.08 3.62
CA ASN A 47 7.08 7.97 3.89
C ASN A 47 6.65 6.67 3.18
N LEU A 48 5.34 6.36 3.21
CA LEU A 48 4.76 5.23 2.51
C LEU A 48 4.93 5.35 0.97
N ARG A 49 4.77 6.54 0.40
CA ARG A 49 5.00 6.82 -1.03
C ARG A 49 6.42 6.45 -1.44
N PHE A 50 7.42 6.89 -0.67
CA PHE A 50 8.83 6.54 -0.90
C PHE A 50 9.07 5.03 -0.78
N GLU A 51 8.56 4.38 0.26
CA GLU A 51 8.69 2.92 0.43
C GLU A 51 8.03 2.11 -0.70
N ILE A 52 6.81 2.47 -1.15
CA ILE A 52 6.15 1.83 -2.29
C ILE A 52 6.97 2.01 -3.59
N THR A 53 7.49 3.22 -3.81
CA THR A 53 8.36 3.54 -4.95
C THR A 53 9.63 2.69 -4.96
N GLU A 54 10.28 2.49 -3.80
CA GLU A 54 11.50 1.69 -3.66
C GLU A 54 11.23 0.17 -3.76
N ARG A 55 10.15 -0.32 -3.15
CA ARG A 55 9.81 -1.77 -3.05
C ARG A 55 9.16 -2.35 -4.29
N PHE A 56 8.21 -1.62 -4.90
CA PHE A 56 7.42 -2.07 -6.05
C PHE A 56 7.76 -1.32 -7.35
N GLY A 57 8.49 -0.20 -7.31
CA GLY A 57 8.91 0.55 -8.50
C GLY A 57 7.85 1.50 -9.07
N ARG A 58 6.78 1.77 -8.31
CA ARG A 58 5.61 2.56 -8.73
C ARG A 58 5.49 3.83 -7.89
N THR A 59 5.82 4.99 -8.46
CA THR A 59 5.52 6.30 -7.85
C THR A 59 4.02 6.61 -8.01
N LEU A 60 3.35 7.04 -6.94
CA LEU A 60 1.91 7.34 -6.92
C LEU A 60 1.63 8.66 -6.19
N PRO A 61 0.60 9.44 -6.58
CA PRO A 61 0.24 10.71 -5.94
C PRO A 61 -0.36 10.51 -4.54
N LEU A 62 -0.08 11.43 -3.61
CA LEU A 62 -0.56 11.37 -2.22
C LEU A 62 -2.10 11.40 -2.11
N GLN A 63 -2.79 12.11 -3.01
CA GLN A 63 -4.27 12.15 -3.05
C GLN A 63 -4.84 10.74 -3.28
N LEU A 64 -4.23 9.95 -4.18
CA LEU A 64 -4.60 8.55 -4.38
C LEU A 64 -4.33 7.72 -3.13
N LEU A 65 -3.16 7.89 -2.49
CA LEU A 65 -2.83 7.14 -1.26
C LEU A 65 -3.86 7.40 -0.14
N SER A 66 -4.34 8.64 0.05
CA SER A 66 -5.38 8.94 1.02
C SER A 66 -6.72 8.23 0.74
N GLU A 67 -7.23 8.31 -0.49
CA GLU A 67 -8.59 7.86 -0.86
C GLU A 67 -8.68 6.38 -1.26
N SER A 68 -7.55 5.69 -1.42
CA SER A 68 -7.48 4.25 -1.76
C SER A 68 -7.42 3.35 -0.53
N THR A 69 -7.90 2.11 -0.70
CA THR A 69 -7.69 0.99 0.23
C THR A 69 -6.43 0.20 -0.13
N VAL A 70 -5.97 -0.70 0.75
CA VAL A 70 -4.82 -1.58 0.47
C VAL A 70 -5.04 -2.48 -0.78
N PRO A 71 -6.19 -3.14 -0.97
CA PRO A 71 -6.50 -3.86 -2.21
C PRO A 71 -6.48 -2.98 -3.47
N VAL A 72 -6.92 -1.72 -3.39
CA VAL A 72 -6.87 -0.78 -4.53
C VAL A 72 -5.42 -0.39 -4.88
N LEU A 73 -4.56 -0.12 -3.90
CA LEU A 73 -3.13 0.12 -4.15
C LEU A 73 -2.43 -1.11 -4.74
N ALA A 74 -2.69 -2.32 -4.22
CA ALA A 74 -2.17 -3.56 -4.79
C ALA A 74 -2.62 -3.78 -6.24
N ALA A 75 -3.85 -3.38 -6.60
CA ALA A 75 -4.34 -3.41 -7.98
C ALA A 75 -3.64 -2.37 -8.88
N HIS A 76 -3.37 -1.14 -8.41
CA HIS A 76 -2.59 -0.15 -9.18
C HIS A 76 -1.15 -0.59 -9.46
N LEU A 77 -0.49 -1.23 -8.49
CA LEU A 77 0.82 -1.85 -8.68
C LEU A 77 0.76 -3.02 -9.66
N SER A 78 -0.29 -3.83 -9.61
CA SER A 78 -0.47 -4.99 -10.50
C SER A 78 -0.74 -4.58 -11.96
N ALA A 79 -1.57 -3.57 -12.17
CA ALA A 79 -2.11 -3.15 -13.47
C ALA A 79 -1.33 -2.03 -14.21
N ASP A 80 -0.15 -1.66 -13.71
CA ASP A 80 0.76 -0.68 -14.33
C ASP A 80 2.24 -1.03 -14.07
N ARG A 81 3.12 -0.72 -15.02
CA ARG A 81 4.55 -1.08 -15.01
C ARG A 81 5.37 -0.23 -14.04
N ALA A 82 6.53 -0.75 -13.62
CA ALA A 82 7.58 0.00 -12.94
C ALA A 82 8.40 0.85 -13.93
N HIS A 83 7.80 1.96 -14.38
CA HIS A 83 8.37 2.89 -15.37
C HIS A 83 9.72 3.50 -14.93
O23 PNS B . -1.21 17.04 3.22
P24 PNS B . -1.24 16.97 4.70
O26 PNS B . -2.49 17.34 5.41
O27 PNS B . -0.05 17.88 5.26
C28 PNS B . 0.19 17.99 6.64
C29 PNS B . 1.46 18.82 6.92
C30 PNS B . 1.75 18.76 8.43
C31 PNS B . 2.65 18.15 6.19
C32 PNS B . 1.25 20.29 6.43
O33 PNS B . 0.13 20.89 7.11
C34 PNS B . 2.52 21.18 6.54
O35 PNS B . 2.73 21.85 7.55
N36 PNS B . 3.35 21.21 5.48
C37 PNS B . 4.60 21.96 5.43
C38 PNS B . 5.75 21.07 5.90
C39 PNS B . 7.10 21.78 5.92
O40 PNS B . 7.23 22.94 5.53
N41 PNS B . 8.12 21.08 6.41
C42 PNS B . 9.50 21.56 6.51
C43 PNS B . 9.74 22.17 7.90
S44 PNS B . 11.44 22.74 8.01
H282 PNS B . 0.32 16.99 7.07
H281 PNS B . -0.67 18.45 7.14
H303 PNS B . 0.91 19.16 9.00
H302 PNS B . 1.90 17.72 8.74
H301 PNS B . 2.66 19.32 8.67
H313 PNS B . 3.60 18.61 6.49
H312 PNS B . 2.68 17.09 6.43
H311 PNS B . 2.54 18.25 5.10
H32 PNS B . 0.98 20.25 5.37
H33 PNS B . 0.46 21.34 7.91
H36 PNS B . 3.10 20.65 4.68
H372 PNS B . 4.79 22.27 4.39
H371 PNS B . 4.54 22.85 6.04
H382 PNS B . 5.53 20.69 6.89
H381 PNS B . 5.84 20.21 5.22
H41 PNS B . 7.94 20.13 6.70
H422 PNS B . 10.19 20.73 6.35
H421 PNS B . 9.70 22.31 5.75
H431 PNS B . 9.04 23.00 8.04
H432 PNS B . 9.54 21.41 8.66
H44 PNS B . 11.35 23.22 9.28
N GLY A 1 14.97 -28.59 -8.58
CA GLY A 1 15.62 -27.59 -7.70
C GLY A 1 14.73 -27.19 -6.53
N PRO A 2 15.24 -26.34 -5.60
CA PRO A 2 14.53 -25.92 -4.40
C PRO A 2 13.43 -24.86 -4.63
N GLY A 3 13.35 -24.26 -5.82
CA GLY A 3 12.44 -23.15 -6.15
C GLY A 3 12.96 -21.77 -5.72
N SER A 4 12.16 -20.72 -5.94
CA SER A 4 12.54 -19.32 -5.73
C SER A 4 11.34 -18.44 -5.29
N MET A 5 10.64 -18.88 -4.24
CA MET A 5 9.58 -18.14 -3.53
C MET A 5 8.45 -17.62 -4.45
N TYR A 6 7.97 -18.48 -5.36
CA TYR A 6 7.00 -18.13 -6.41
C TYR A 6 5.60 -17.71 -5.91
N GLY A 7 5.27 -18.02 -4.65
CA GLY A 7 3.99 -17.69 -4.01
C GLY A 7 3.81 -16.23 -3.54
N GLU A 8 4.77 -15.33 -3.82
CA GLU A 8 4.72 -13.90 -3.46
C GLU A 8 3.50 -13.16 -4.03
N ALA A 9 2.97 -12.18 -3.28
CA ALA A 9 1.82 -11.34 -3.64
C ALA A 9 1.99 -9.88 -3.20
N VAL A 10 1.50 -8.92 -4.01
CA VAL A 10 1.59 -7.48 -3.74
C VAL A 10 0.69 -7.06 -2.58
N THR A 11 -0.57 -7.52 -2.56
CA THR A 11 -1.58 -7.11 -1.56
C THR A 11 -1.21 -7.54 -0.14
N GLU A 12 -0.62 -8.73 0.01
CA GLU A 12 -0.14 -9.25 1.30
C GLU A 12 1.04 -8.41 1.86
N GLN A 13 1.96 -7.98 1.00
CA GLN A 13 3.10 -7.13 1.38
C GLN A 13 2.67 -5.69 1.68
N LEU A 14 1.77 -5.10 0.88
CA LEU A 14 1.28 -3.74 1.10
C LEU A 14 0.43 -3.63 2.39
N SER A 15 -0.39 -4.64 2.70
CA SER A 15 -1.13 -4.72 3.98
C SER A 15 -0.18 -4.61 5.19
N ARG A 16 0.92 -5.37 5.17
CA ARG A 16 1.96 -5.38 6.22
C ARG A 16 2.84 -4.12 6.22
N LEU A 17 3.02 -3.47 5.07
CA LEU A 17 3.70 -2.17 4.94
C LEU A 17 2.89 -1.03 5.58
N VAL A 18 1.59 -0.96 5.31
CA VAL A 18 0.67 0.05 5.88
C VAL A 18 0.55 -0.10 7.41
N ALA A 19 0.67 -1.32 7.93
CA ALA A 19 0.72 -1.58 9.37
C ALA A 19 1.96 -0.95 10.07
N GLY A 20 2.98 -0.55 9.31
CA GLY A 20 4.12 0.26 9.76
C GLY A 20 3.89 1.79 9.76
N PHE A 21 2.77 2.27 9.22
CA PHE A 21 2.46 3.70 9.04
C PHE A 21 1.14 4.15 9.70
N VAL A 22 0.28 3.22 10.16
CA VAL A 22 -0.84 3.54 11.06
C VAL A 22 -0.31 4.20 12.36
N PRO A 23 -0.74 5.43 12.71
CA PRO A 23 -0.15 6.19 13.81
C PRO A 23 -0.60 5.71 15.21
N ASP A 24 -1.82 5.18 15.31
CA ASP A 24 -2.32 4.50 16.52
C ASP A 24 -1.76 3.06 16.63
N ALA A 25 -1.82 2.47 17.83
CA ALA A 25 -1.38 1.11 18.13
C ALA A 25 -2.33 0.00 17.58
N ALA A 26 -2.86 0.18 16.37
CA ALA A 26 -3.82 -0.71 15.72
C ALA A 26 -3.21 -2.10 15.40
N GLY A 27 -1.94 -2.14 15.00
CA GLY A 27 -1.17 -3.38 14.73
C GLY A 27 -1.64 -4.21 13.53
N SER A 28 -2.64 -3.74 12.78
CA SER A 28 -3.29 -4.43 11.66
C SER A 28 -4.03 -3.44 10.74
N VAL A 29 -4.37 -3.86 9.52
CA VAL A 29 -4.94 -3.02 8.45
C VAL A 29 -6.09 -3.76 7.75
N ASP A 30 -7.24 -3.10 7.61
CA ASP A 30 -8.42 -3.63 6.92
C ASP A 30 -8.42 -3.27 5.41
N PRO A 31 -8.74 -4.22 4.49
CA PRO A 31 -8.88 -3.91 3.06
C PRO A 31 -10.15 -3.09 2.75
N ASP A 32 -11.13 -3.06 3.65
CA ASP A 32 -12.39 -2.30 3.51
C ASP A 32 -12.23 -0.80 3.82
N ARG A 33 -11.18 -0.41 4.57
CA ARG A 33 -10.86 0.98 4.96
C ARG A 33 -9.79 1.61 4.07
N THR A 34 -9.90 2.92 3.85
CA THR A 34 -8.83 3.74 3.24
C THR A 34 -7.73 4.06 4.27
N LEU A 35 -6.61 4.63 3.81
CA LEU A 35 -5.53 5.09 4.69
C LEU A 35 -5.96 6.24 5.62
N LEU A 36 -6.92 7.07 5.20
CA LEU A 36 -7.54 8.10 6.04
C LEU A 36 -8.45 7.53 7.13
N GLU A 37 -9.08 6.39 6.90
CA GLU A 37 -9.86 5.65 7.91
C GLU A 37 -9.00 4.84 8.89
N HIS A 38 -7.71 4.62 8.59
CA HIS A 38 -6.66 4.24 9.56
C HIS A 38 -6.03 5.47 10.25
N GLY A 39 -6.28 6.69 9.75
CA GLY A 39 -5.88 7.97 10.35
C GLY A 39 -4.49 8.47 9.95
N ILE A 40 -3.90 7.88 8.90
CA ILE A 40 -2.53 8.18 8.46
C ILE A 40 -2.43 9.60 7.88
N ASP A 41 -1.58 10.45 8.46
CA ASP A 41 -1.38 11.84 8.03
C ASP A 41 -0.48 11.95 6.78
N SER A 42 -0.46 13.12 6.14
CA SER A 42 0.39 13.46 4.98
C SER A 42 1.88 13.08 5.16
N ILE A 43 2.44 13.31 6.34
CA ILE A 43 3.84 12.97 6.68
C ILE A 43 4.09 11.46 6.56
N ASN A 44 3.25 10.63 7.18
CA ASN A 44 3.36 9.16 7.08
C ASN A 44 2.96 8.63 5.69
N LEU A 45 2.00 9.27 5.00
CA LEU A 45 1.66 8.94 3.61
C LEU A 45 2.84 9.19 2.65
N MET A 46 3.61 10.26 2.83
CA MET A 46 4.77 10.55 1.97
C MET A 46 5.89 9.51 2.15
N ASN A 47 6.10 9.02 3.39
CA ASN A 47 7.04 7.94 3.67
C ASN A 47 6.55 6.59 3.11
N LEU A 48 5.24 6.29 3.21
CA LEU A 48 4.62 5.12 2.58
C LEU A 48 4.75 5.16 1.04
N ARG A 49 4.54 6.31 0.40
CA ARG A 49 4.74 6.55 -1.03
C ARG A 49 6.17 6.21 -1.48
N PHE A 50 7.17 6.68 -0.74
CA PHE A 50 8.57 6.36 -0.97
C PHE A 50 8.87 4.86 -0.80
N GLU A 51 8.37 4.23 0.26
CA GLU A 51 8.53 2.78 0.47
C GLU A 51 7.85 1.95 -0.63
N ILE A 52 6.66 2.32 -1.09
CA ILE A 52 5.98 1.69 -2.24
C ILE A 52 6.81 1.82 -3.51
N THR A 53 7.35 3.00 -3.77
CA THR A 53 8.22 3.28 -4.93
C THR A 53 9.48 2.40 -4.91
N GLU A 54 10.12 2.24 -3.76
CA GLU A 54 11.32 1.40 -3.59
C GLU A 54 11.05 -0.11 -3.66
N ARG A 55 9.96 -0.58 -3.05
CA ARG A 55 9.62 -2.01 -2.90
C ARG A 55 8.96 -2.61 -4.13
N PHE A 56 8.03 -1.90 -4.74
CA PHE A 56 7.24 -2.35 -5.89
C PHE A 56 7.65 -1.69 -7.23
N GLY A 57 8.57 -0.73 -7.21
CA GLY A 57 9.12 -0.08 -8.41
C GLY A 57 8.16 0.87 -9.13
N ARG A 58 7.14 1.38 -8.43
CA ARG A 58 6.00 2.11 -9.04
C ARG A 58 5.61 3.32 -8.20
N THR A 59 5.71 4.53 -8.76
CA THR A 59 5.36 5.80 -8.09
C THR A 59 3.87 6.11 -8.26
N LEU A 60 3.23 6.70 -7.25
CA LEU A 60 1.84 7.17 -7.26
C LEU A 60 1.73 8.61 -6.74
N PRO A 61 0.70 9.40 -7.12
CA PRO A 61 0.43 10.71 -6.54
C PRO A 61 -0.04 10.58 -5.08
N LEU A 62 0.37 11.50 -4.21
CA LEU A 62 0.08 11.45 -2.78
C LEU A 62 -1.44 11.56 -2.47
N GLN A 63 -2.18 12.30 -3.30
CA GLN A 63 -3.64 12.46 -3.19
C GLN A 63 -4.41 11.14 -3.41
N LEU A 64 -3.89 10.22 -4.22
CA LEU A 64 -4.49 8.89 -4.41
C LEU A 64 -4.39 8.06 -3.13
N LEU A 65 -3.23 8.05 -2.47
CA LEU A 65 -3.01 7.32 -1.21
C LEU A 65 -3.98 7.78 -0.11
N SER A 66 -4.33 9.07 -0.04
CA SER A 66 -5.32 9.59 0.92
C SER A 66 -6.75 9.07 0.70
N GLU A 67 -7.08 8.53 -0.48
CA GLU A 67 -8.44 8.17 -0.92
C GLU A 67 -8.62 6.68 -1.30
N SER A 68 -7.58 5.87 -1.16
CA SER A 68 -7.50 4.47 -1.61
C SER A 68 -7.28 3.48 -0.46
N THR A 69 -7.68 2.23 -0.71
CA THR A 69 -7.52 1.07 0.20
C THR A 69 -6.32 0.20 -0.18
N VAL A 70 -5.99 -0.78 0.66
CA VAL A 70 -4.91 -1.76 0.41
C VAL A 70 -5.03 -2.47 -0.96
N PRO A 71 -6.14 -3.13 -1.32
CA PRO A 71 -6.26 -3.80 -2.62
C PRO A 71 -6.31 -2.81 -3.81
N VAL A 72 -6.83 -1.60 -3.61
CA VAL A 72 -6.81 -0.55 -4.65
C VAL A 72 -5.38 -0.10 -4.96
N LEU A 73 -4.55 0.13 -3.94
CA LEU A 73 -3.13 0.45 -4.13
C LEU A 73 -2.36 -0.72 -4.76
N ALA A 74 -2.56 -1.95 -4.28
CA ALA A 74 -1.92 -3.14 -4.81
C ALA A 74 -2.20 -3.36 -6.32
N ALA A 75 -3.40 -3.01 -6.81
CA ALA A 75 -3.77 -3.13 -8.23
C ALA A 75 -3.00 -2.18 -9.17
N HIS A 76 -2.51 -1.04 -8.68
CA HIS A 76 -1.63 -0.13 -9.44
C HIS A 76 -0.16 -0.61 -9.50
N LEU A 77 0.26 -1.39 -8.49
CA LEU A 77 1.62 -1.91 -8.32
C LEU A 77 1.84 -3.26 -9.03
N SER A 78 0.79 -4.07 -9.20
CA SER A 78 0.86 -5.44 -9.74
C SER A 78 1.06 -5.55 -11.27
N ALA A 79 1.41 -4.45 -11.94
CA ALA A 79 1.63 -4.37 -13.40
C ALA A 79 2.95 -5.01 -13.92
N ASP A 80 3.35 -6.16 -13.37
CA ASP A 80 4.60 -6.89 -13.70
C ASP A 80 4.53 -7.74 -15.00
N ARG A 81 3.52 -7.50 -15.85
CA ARG A 81 3.24 -8.23 -17.10
C ARG A 81 4.32 -8.03 -18.17
N ALA A 82 4.31 -8.92 -19.17
CA ALA A 82 5.29 -8.99 -20.28
C ALA A 82 6.76 -9.22 -19.83
N HIS A 83 6.96 -9.87 -18.68
CA HIS A 83 8.27 -10.27 -18.13
C HIS A 83 9.01 -11.30 -19.01
O23 PNS B . -1.49 17.31 5.28
P24 PNS B . -0.13 17.27 5.85
O26 PNS B . 0.09 17.79 7.23
O27 PNS B . 0.87 18.02 4.85
C28 PNS B . 2.22 18.21 5.21
C29 PNS B . 2.96 19.13 4.20
C30 PNS B . 4.45 19.07 4.61
C31 PNS B . 2.85 18.55 2.77
C32 PNS B . 2.47 20.61 4.32
O33 PNS B . 3.29 21.47 3.52
C34 PNS B . 0.96 20.85 4.02
O35 PNS B . 0.15 21.06 4.94
N36 PNS B . 0.59 20.91 2.74
C37 PNS B . -0.75 21.20 2.25
C38 PNS B . -0.87 22.69 1.99
C39 PNS B . -2.22 23.07 1.40
O40 PNS B . -3.15 23.42 2.13
N41 PNS B . -2.34 23.00 0.07
C42 PNS B . -3.54 23.33 -0.70
C43 PNS B . -4.12 22.07 -1.36
S44 PNS B . -4.76 20.89 -0.13
H282 PNS B . 2.71 17.24 5.23
H281 PNS B . 2.28 18.66 6.19
H303 PNS B . 4.58 19.51 5.59
H302 PNS B . 4.80 18.04 4.64
H301 PNS B . 5.07 19.63 3.90
H313 PNS B . 1.80 18.50 2.45
H312 PNS B . 3.40 19.17 2.07
H311 PNS B . 3.25 17.55 2.73
H32 PNS B . 2.62 20.92 5.35
H33 PNS B . 3.04 22.39 3.67
H36 PNS B . 1.32 20.75 2.06
H372 PNS B . -0.92 20.66 1.31
H371 PNS B . -1.50 20.88 2.96
H382 PNS B . -0.73 23.24 2.93
H381 PNS B . -0.09 23.02 1.30
H41 PNS B . -1.52 22.71 -0.44
H422 PNS B . -4.31 23.79 -0.07
H421 PNS B . -3.27 24.03 -1.48
H431 PNS B . -4.94 22.37 -2.02
H432 PNS B . -3.37 21.60 -1.97
H44 PNS B . -3.57 20.71 0.49
N GLY A 1 17.28 -3.42 -10.55
CA GLY A 1 17.57 -4.13 -9.29
C GLY A 1 18.26 -5.48 -9.52
N PRO A 2 18.51 -6.27 -8.47
CA PRO A 2 19.25 -7.54 -8.54
C PRO A 2 18.59 -8.64 -9.40
N GLY A 3 17.26 -8.65 -9.48
CA GLY A 3 16.46 -9.61 -10.26
C GLY A 3 14.96 -9.50 -10.01
N SER A 4 14.17 -10.36 -10.67
CA SER A 4 12.71 -10.43 -10.51
C SER A 4 12.31 -11.04 -9.16
N MET A 5 11.61 -10.27 -8.32
CA MET A 5 11.16 -10.66 -6.98
C MET A 5 9.72 -11.23 -6.93
N TYR A 6 9.02 -11.26 -8.07
CA TYR A 6 7.63 -11.70 -8.16
C TYR A 6 7.46 -13.19 -7.85
N GLY A 7 6.52 -13.49 -6.95
CA GLY A 7 6.08 -14.86 -6.60
C GLY A 7 4.92 -14.83 -5.59
N GLU A 8 5.09 -14.09 -4.50
CA GLU A 8 3.99 -13.69 -3.60
C GLU A 8 3.18 -12.52 -4.19
N ALA A 9 1.89 -12.42 -3.85
CA ALA A 9 0.97 -11.38 -4.32
C ALA A 9 1.32 -9.97 -3.78
N VAL A 10 0.99 -8.93 -4.55
CA VAL A 10 1.22 -7.51 -4.19
C VAL A 10 0.43 -7.13 -2.92
N THR A 11 -0.82 -7.58 -2.82
CA THR A 11 -1.75 -7.24 -1.72
C THR A 11 -1.23 -7.70 -0.34
N GLU A 12 -0.65 -8.90 -0.26
CA GLU A 12 -0.10 -9.44 0.99
C GLU A 12 1.12 -8.63 1.47
N GLN A 13 2.01 -8.26 0.54
CA GLN A 13 3.21 -7.47 0.83
C GLN A 13 2.86 -6.02 1.21
N LEU A 14 1.92 -5.39 0.49
CA LEU A 14 1.47 -4.02 0.77
C LEU A 14 0.65 -3.92 2.07
N SER A 15 -0.10 -4.97 2.44
CA SER A 15 -0.83 -5.05 3.72
C SER A 15 0.10 -4.91 4.94
N ARG A 16 1.22 -5.67 4.96
CA ARG A 16 2.25 -5.59 6.01
C ARG A 16 2.95 -4.23 6.04
N LEU A 17 3.12 -3.58 4.88
CA LEU A 17 3.70 -2.25 4.77
C LEU A 17 2.79 -1.17 5.36
N VAL A 18 1.50 -1.14 4.98
CA VAL A 18 0.51 -0.16 5.49
C VAL A 18 0.28 -0.31 7.00
N ALA A 19 0.30 -1.53 7.52
CA ALA A 19 0.22 -1.80 8.96
C ALA A 19 1.35 -1.14 9.79
N GLY A 20 2.45 -0.74 9.14
CA GLY A 20 3.55 0.02 9.73
C GLY A 20 3.37 1.55 9.75
N PHE A 21 2.27 2.09 9.20
CA PHE A 21 2.03 3.54 9.07
C PHE A 21 0.74 4.05 9.75
N VAL A 22 -0.16 3.16 10.18
CA VAL A 22 -1.31 3.53 11.02
C VAL A 22 -0.83 4.14 12.37
N PRO A 23 -1.21 5.39 12.70
CA PRO A 23 -0.71 6.08 13.90
C PRO A 23 -1.48 5.71 15.19
N ASP A 24 -2.74 5.26 15.07
CA ASP A 24 -3.57 4.84 16.19
C ASP A 24 -3.15 3.48 16.77
N ALA A 25 -3.72 3.10 17.92
CA ALA A 25 -3.54 1.82 18.61
C ALA A 25 -4.19 0.60 17.89
N ALA A 26 -4.29 0.64 16.56
CA ALA A 26 -4.94 -0.37 15.73
C ALA A 26 -4.21 -1.73 15.71
N GLY A 27 -2.87 -1.73 15.85
CA GLY A 27 -2.00 -2.90 15.84
C GLY A 27 -1.78 -3.54 14.46
N SER A 28 -2.82 -3.57 13.63
CA SER A 28 -2.84 -4.09 12.25
C SER A 28 -3.75 -3.25 11.35
N VAL A 29 -3.51 -3.28 10.04
CA VAL A 29 -4.36 -2.63 9.02
C VAL A 29 -5.72 -3.36 8.88
N ASP A 30 -6.80 -2.61 8.68
CA ASP A 30 -8.08 -3.12 8.16
C ASP A 30 -8.08 -2.98 6.63
N PRO A 31 -7.97 -4.06 5.84
CA PRO A 31 -7.81 -3.96 4.38
C PRO A 31 -9.06 -3.41 3.65
N ASP A 32 -10.24 -3.44 4.29
CA ASP A 32 -11.47 -2.82 3.77
C ASP A 32 -11.51 -1.28 3.92
N ARG A 33 -10.69 -0.70 4.81
CA ARG A 33 -10.58 0.76 5.04
C ARG A 33 -9.54 1.42 4.14
N THR A 34 -9.74 2.71 3.84
CA THR A 34 -8.76 3.56 3.15
C THR A 34 -7.61 3.98 4.07
N LEU A 35 -6.53 4.52 3.51
CA LEU A 35 -5.44 5.10 4.32
C LEU A 35 -5.90 6.32 5.14
N LEU A 36 -6.87 7.07 4.63
CA LEU A 36 -7.49 8.20 5.33
C LEU A 36 -8.37 7.76 6.52
N GLU A 37 -9.07 6.63 6.39
CA GLU A 37 -9.84 6.01 7.48
C GLU A 37 -8.95 5.57 8.66
N HIS A 38 -7.71 5.13 8.39
CA HIS A 38 -6.71 4.85 9.43
C HIS A 38 -6.14 6.11 10.09
N GLY A 39 -6.36 7.30 9.54
CA GLY A 39 -5.91 8.59 10.07
C GLY A 39 -4.44 8.91 9.79
N ILE A 40 -3.84 8.24 8.80
CA ILE A 40 -2.44 8.42 8.38
C ILE A 40 -2.26 9.84 7.84
N ASP A 41 -1.38 10.64 8.46
CA ASP A 41 -1.11 12.03 8.05
C ASP A 41 -0.24 12.11 6.79
N SER A 42 -0.15 13.30 6.19
CA SER A 42 0.65 13.56 4.97
C SER A 42 2.10 13.07 5.09
N ILE A 43 2.75 13.28 6.24
CA ILE A 43 4.14 12.86 6.48
C ILE A 43 4.29 11.33 6.43
N ASN A 44 3.40 10.57 7.07
CA ASN A 44 3.40 9.12 6.98
C ASN A 44 2.97 8.60 5.60
N LEU A 45 2.07 9.29 4.89
CA LEU A 45 1.77 8.98 3.47
C LEU A 45 2.98 9.23 2.56
N MET A 46 3.77 10.29 2.77
CA MET A 46 5.03 10.56 2.04
C MET A 46 6.10 9.50 2.29
N ASN A 47 6.19 8.96 3.52
CA ASN A 47 7.07 7.84 3.83
C ASN A 47 6.58 6.52 3.20
N LEU A 48 5.26 6.24 3.21
CA LEU A 48 4.66 5.11 2.51
C LEU A 48 4.90 5.19 0.99
N ARG A 49 4.74 6.38 0.39
CA ARG A 49 5.04 6.67 -1.02
C ARG A 49 6.50 6.32 -1.37
N PHE A 50 7.45 6.69 -0.52
CA PHE A 50 8.86 6.37 -0.70
C PHE A 50 9.14 4.86 -0.56
N GLU A 51 8.52 4.18 0.42
CA GLU A 51 8.64 2.72 0.55
C GLU A 51 8.03 1.97 -0.65
N ILE A 52 6.89 2.41 -1.19
CA ILE A 52 6.31 1.83 -2.43
C ILE A 52 7.21 2.12 -3.65
N THR A 53 7.87 3.28 -3.69
CA THR A 53 8.87 3.63 -4.72
C THR A 53 10.08 2.69 -4.66
N GLU A 54 10.54 2.30 -3.47
CA GLU A 54 11.65 1.35 -3.28
C GLU A 54 11.24 -0.11 -3.54
N ARG A 55 10.07 -0.54 -3.05
CA ARG A 55 9.60 -1.95 -3.04
C ARG A 55 8.91 -2.40 -4.32
N PHE A 56 8.15 -1.51 -4.95
CA PHE A 56 7.35 -1.77 -6.16
C PHE A 56 7.71 -0.88 -7.36
N GLY A 57 8.63 0.08 -7.19
CA GLY A 57 9.20 0.88 -8.27
C GLY A 57 8.34 2.07 -8.73
N ARG A 58 7.39 2.52 -7.90
CA ARG A 58 6.31 3.44 -8.28
C ARG A 58 5.97 4.50 -7.23
N THR A 59 5.94 5.76 -7.64
CA THR A 59 5.35 6.88 -6.88
C THR A 59 3.82 6.95 -7.08
N LEU A 60 3.11 7.47 -6.07
CA LEU A 60 1.67 7.82 -6.12
C LEU A 60 1.39 9.13 -5.38
N PRO A 61 0.49 10.00 -5.86
CA PRO A 61 0.13 11.26 -5.19
C PRO A 61 -0.72 11.02 -3.93
N LEU A 62 -0.61 11.91 -2.94
CA LEU A 62 -1.31 11.77 -1.64
C LEU A 62 -2.84 11.80 -1.78
N GLN A 63 -3.39 12.51 -2.78
CA GLN A 63 -4.84 12.51 -3.07
C GLN A 63 -5.36 11.15 -3.55
N LEU A 64 -4.52 10.36 -4.25
CA LEU A 64 -4.82 8.98 -4.64
C LEU A 64 -4.63 8.01 -3.45
N LEU A 65 -3.51 8.15 -2.73
CA LEU A 65 -3.17 7.31 -1.57
C LEU A 65 -4.26 7.39 -0.47
N SER A 66 -4.67 8.60 -0.05
CA SER A 66 -5.67 8.79 1.01
C SER A 66 -7.02 8.17 0.67
N GLU A 67 -7.46 8.23 -0.60
CA GLU A 67 -8.73 7.67 -1.07
C GLU A 67 -8.71 6.15 -1.34
N SER A 68 -7.53 5.52 -1.42
CA SER A 68 -7.36 4.09 -1.74
C SER A 68 -7.24 3.19 -0.50
N THR A 69 -7.70 1.93 -0.64
CA THR A 69 -7.57 0.84 0.35
C THR A 69 -6.39 -0.08 0.00
N VAL A 70 -6.03 -1.02 0.88
CA VAL A 70 -4.93 -2.00 0.66
C VAL A 70 -5.01 -2.76 -0.68
N PRO A 71 -6.13 -3.45 -1.03
CA PRO A 71 -6.23 -4.14 -2.32
C PRO A 71 -6.31 -3.17 -3.51
N VAL A 72 -6.86 -1.95 -3.33
CA VAL A 72 -6.92 -0.93 -4.38
C VAL A 72 -5.52 -0.34 -4.69
N LEU A 73 -4.70 -0.10 -3.66
CA LEU A 73 -3.30 0.28 -3.80
C LEU A 73 -2.50 -0.79 -4.55
N ALA A 74 -2.65 -2.07 -4.16
CA ALA A 74 -2.05 -3.20 -4.86
C ALA A 74 -2.51 -3.31 -6.33
N ALA A 75 -3.79 -2.98 -6.62
CA ALA A 75 -4.34 -2.99 -7.97
C ALA A 75 -3.75 -1.87 -8.86
N HIS A 76 -3.49 -0.67 -8.34
CA HIS A 76 -2.85 0.42 -9.10
C HIS A 76 -1.43 0.02 -9.58
N LEU A 77 -0.69 -0.70 -8.73
CA LEU A 77 0.63 -1.25 -9.05
C LEU A 77 0.56 -2.40 -10.07
N SER A 78 -0.43 -3.28 -9.90
CA SER A 78 -0.66 -4.44 -10.78
C SER A 78 -1.09 -4.07 -12.20
N ALA A 79 -1.97 -3.08 -12.35
CA ALA A 79 -2.61 -2.73 -13.63
C ALA A 79 -1.75 -1.91 -14.60
N ASP A 80 -0.49 -1.64 -14.25
CA ASP A 80 0.51 -0.92 -15.08
C ASP A 80 1.15 -1.85 -16.15
N ARG A 81 0.31 -2.49 -16.97
CA ARG A 81 0.72 -3.45 -18.01
C ARG A 81 1.40 -2.73 -19.19
N ALA A 82 2.52 -3.28 -19.66
CA ALA A 82 3.39 -2.68 -20.68
C ALA A 82 4.07 -3.74 -21.59
N HIS A 83 3.43 -4.91 -21.76
CA HIS A 83 3.94 -6.04 -22.56
C HIS A 83 4.02 -5.72 -24.06
O23 PNS B . -1.08 16.93 2.83
P24 PNS B . -1.02 17.05 4.31
O26 PNS B . -2.23 17.54 5.04
O27 PNS B . 0.22 17.98 4.69
C28 PNS B . 0.54 18.28 6.03
C29 PNS B . 1.80 19.16 6.12
C30 PNS B . 2.18 19.30 7.62
C31 PNS B . 2.97 18.43 5.42
C32 PNS B . 1.51 20.54 5.47
O33 PNS B . 0.42 21.20 6.14
C34 PNS B . 2.76 21.48 5.32
O35 PNS B . 3.09 22.25 6.23
N36 PNS B . 3.43 21.41 4.18
C37 PNS B . 4.58 22.24 3.82
C38 PNS B . 4.09 23.44 3.02
C39 PNS B . 5.21 24.41 2.65
O40 PNS B . 6.38 24.21 2.97
N41 PNS B . 4.83 25.49 1.95
C42 PNS B . 5.71 26.57 1.53
C43 PNS B . 5.26 27.91 2.14
S44 PNS B . 5.46 27.91 3.95
H282 PNS B . 0.71 17.34 6.57
H281 PNS B . -0.31 18.78 6.50
H303 PNS B . 1.37 19.77 8.19
H302 PNS B . 2.37 18.31 8.05
H301 PNS B . 3.08 19.90 7.73
H313 PNS B . 3.04 17.41 5.81
H312 PNS B . 2.79 18.38 4.34
H311 PNS B . 3.91 18.93 5.59
H32 PNS B . 1.17 20.35 4.44
H33 PNS B . 0.31 22.11 5.77
H36 PNS B . 3.11 20.75 3.48
H372 PNS B . 5.09 22.58 4.73
H371 PNS B . 5.29 21.66 3.23
H382 PNS B . 3.61 23.09 2.10
H381 PNS B . 3.36 23.98 3.60
H41 PNS B . 3.85 25.56 1.71
H422 PNS B . 6.74 26.37 1.83
H421 PNS B . 5.68 26.65 0.44
H431 PNS B . 5.86 28.71 1.71
H432 PNS B . 4.21 28.09 1.89
H44 PNS B . 4.65 26.85 4.18
N GLY A 1 11.24 -15.02 -9.48
CA GLY A 1 11.32 -14.27 -10.75
C GLY A 1 10.18 -13.25 -10.89
N PRO A 2 10.22 -12.40 -11.95
CA PRO A 2 9.21 -11.38 -12.20
C PRO A 2 7.84 -11.96 -12.63
N GLY A 3 6.80 -11.13 -12.56
CA GLY A 3 5.42 -11.45 -12.99
C GLY A 3 4.53 -12.08 -11.91
N SER A 4 5.10 -12.57 -10.80
CA SER A 4 4.39 -13.00 -9.58
C SER A 4 3.28 -14.05 -9.80
N MET A 5 3.43 -14.92 -10.80
CA MET A 5 2.46 -15.96 -11.17
C MET A 5 2.31 -17.10 -10.13
N TYR A 6 3.14 -17.10 -9.08
CA TYR A 6 3.16 -18.09 -8.00
C TYR A 6 1.93 -18.07 -7.08
N GLY A 7 1.09 -17.03 -7.17
CA GLY A 7 -0.15 -16.85 -6.40
C GLY A 7 -0.04 -15.96 -5.15
N GLU A 8 1.18 -15.50 -4.81
CA GLU A 8 1.38 -14.49 -3.75
C GLU A 8 0.97 -13.09 -4.24
N ALA A 9 -0.06 -12.52 -3.63
CA ALA A 9 -0.62 -11.22 -4.01
C ALA A 9 0.16 -10.03 -3.43
N VAL A 10 0.11 -8.88 -4.11
CA VAL A 10 0.62 -7.59 -3.58
C VAL A 10 -0.18 -7.14 -2.35
N THR A 11 -1.46 -7.51 -2.24
CA THR A 11 -2.35 -7.22 -1.11
C THR A 11 -1.80 -7.74 0.23
N GLU A 12 -1.17 -8.93 0.23
CA GLU A 12 -0.53 -9.53 1.40
C GLU A 12 0.80 -8.85 1.79
N GLN A 13 1.41 -8.09 0.88
CA GLN A 13 2.68 -7.39 1.10
C GLN A 13 2.46 -5.94 1.54
N LEU A 14 1.53 -5.23 0.88
CA LEU A 14 1.23 -3.83 1.17
C LEU A 14 0.49 -3.64 2.51
N SER A 15 -0.35 -4.60 2.94
CA SER A 15 -0.98 -4.56 4.28
C SER A 15 0.06 -4.53 5.40
N ARG A 16 1.12 -5.34 5.28
CA ARG A 16 2.24 -5.46 6.23
C ARG A 16 3.17 -4.25 6.20
N LEU A 17 3.29 -3.58 5.06
CA LEU A 17 3.97 -2.27 4.94
C LEU A 17 3.20 -1.15 5.64
N VAL A 18 1.89 -1.02 5.35
CA VAL A 18 1.01 0.00 5.95
C VAL A 18 0.81 -0.20 7.45
N ALA A 19 0.89 -1.45 7.94
CA ALA A 19 0.93 -1.75 9.38
C ALA A 19 2.13 -1.12 10.12
N GLY A 20 3.18 -0.71 9.40
CA GLY A 20 4.30 0.10 9.91
C GLY A 20 4.03 1.62 9.98
N PHE A 21 2.90 2.11 9.44
CA PHE A 21 2.55 3.54 9.38
C PHE A 21 1.23 3.89 10.08
N VAL A 22 0.33 2.93 10.34
CA VAL A 22 -0.95 3.16 11.04
C VAL A 22 -0.75 3.73 12.46
N PRO A 23 -1.27 4.94 12.77
CA PRO A 23 -1.17 5.55 14.10
C PRO A 23 -2.26 5.09 15.09
N ASP A 24 -3.37 4.53 14.60
CA ASP A 24 -4.50 4.03 15.39
C ASP A 24 -4.12 2.75 16.19
N ALA A 25 -5.03 2.30 17.06
CA ALA A 25 -4.93 1.03 17.80
C ALA A 25 -4.92 -0.23 16.89
N ALA A 26 -5.15 -0.06 15.58
CA ALA A 26 -5.04 -1.10 14.56
C ALA A 26 -3.62 -1.71 14.49
N GLY A 27 -3.49 -2.98 14.87
CA GLY A 27 -2.25 -3.78 14.73
C GLY A 27 -2.09 -4.42 13.34
N SER A 28 -3.18 -4.48 12.57
CA SER A 28 -3.27 -4.97 11.20
C SER A 28 -4.27 -4.12 10.40
N VAL A 29 -4.02 -3.95 9.11
CA VAL A 29 -4.72 -2.99 8.23
C VAL A 29 -5.98 -3.62 7.62
N ASP A 30 -7.11 -2.91 7.69
CA ASP A 30 -8.38 -3.34 7.10
C ASP A 30 -8.40 -3.12 5.56
N PRO A 31 -8.70 -4.14 4.74
CA PRO A 31 -8.84 -3.97 3.29
C PRO A 31 -10.09 -3.17 2.88
N ASP A 32 -11.07 -3.04 3.77
CA ASP A 32 -12.34 -2.31 3.57
C ASP A 32 -12.21 -0.78 3.75
N ARG A 33 -11.07 -0.27 4.25
CA ARG A 33 -10.88 1.13 4.66
C ARG A 33 -9.63 1.75 4.03
N THR A 34 -9.67 3.06 3.78
CA THR A 34 -8.57 3.81 3.14
C THR A 34 -7.40 4.08 4.09
N LEU A 35 -6.26 4.54 3.57
CA LEU A 35 -5.13 4.98 4.39
C LEU A 35 -5.47 6.19 5.28
N LEU A 36 -6.33 7.10 4.79
CA LEU A 36 -6.83 8.24 5.56
C LEU A 36 -7.82 7.81 6.67
N GLU A 37 -8.64 6.79 6.43
CA GLU A 37 -9.52 6.18 7.46
C GLU A 37 -8.73 5.50 8.60
N HIS A 38 -7.57 4.90 8.30
CA HIS A 38 -6.61 4.44 9.31
C HIS A 38 -5.92 5.59 10.08
N GLY A 39 -6.10 6.84 9.65
CA GLY A 39 -5.64 8.05 10.35
C GLY A 39 -4.23 8.52 9.96
N ILE A 40 -3.62 7.89 8.95
CA ILE A 40 -2.25 8.16 8.49
C ILE A 40 -2.18 9.60 7.94
N ASP A 41 -1.38 10.46 8.59
CA ASP A 41 -1.22 11.87 8.18
C ASP A 41 -0.36 12.02 6.90
N SER A 42 -0.34 13.22 6.34
CA SER A 42 0.47 13.59 5.16
C SER A 42 1.95 13.21 5.29
N ILE A 43 2.56 13.45 6.45
CA ILE A 43 3.98 13.12 6.72
C ILE A 43 4.24 11.60 6.59
N ASN A 44 3.38 10.76 7.18
CA ASN A 44 3.50 9.31 7.06
C ASN A 44 3.08 8.78 5.67
N LEU A 45 2.12 9.41 5.00
CA LEU A 45 1.77 9.10 3.60
C LEU A 45 2.96 9.39 2.65
N MET A 46 3.70 10.48 2.86
CA MET A 46 4.92 10.81 2.08
C MET A 46 6.04 9.78 2.27
N ASN A 47 6.22 9.25 3.49
CA ASN A 47 7.20 8.18 3.75
C ASN A 47 6.74 6.84 3.16
N LEU A 48 5.45 6.49 3.28
CA LEU A 48 4.84 5.31 2.66
C LEU A 48 4.92 5.34 1.12
N ARG A 49 4.72 6.51 0.50
CA ARG A 49 4.89 6.75 -0.95
C ARG A 49 6.30 6.41 -1.43
N PHE A 50 7.32 6.80 -0.67
CA PHE A 50 8.73 6.46 -0.94
C PHE A 50 9.00 4.96 -0.78
N GLU A 51 8.51 4.33 0.29
CA GLU A 51 8.62 2.88 0.49
C GLU A 51 7.93 2.07 -0.63
N ILE A 52 6.72 2.46 -1.05
CA ILE A 52 6.00 1.86 -2.18
C ILE A 52 6.81 2.00 -3.48
N THR A 53 7.40 3.18 -3.73
CA THR A 53 8.26 3.44 -4.89
C THR A 53 9.49 2.51 -4.90
N GLU A 54 10.16 2.34 -3.76
CA GLU A 54 11.33 1.46 -3.61
C GLU A 54 11.01 -0.04 -3.72
N ARG A 55 9.90 -0.49 -3.12
CA ARG A 55 9.52 -1.91 -2.99
C ARG A 55 8.79 -2.47 -4.21
N PHE A 56 7.98 -1.66 -4.89
CA PHE A 56 7.11 -2.09 -6.01
C PHE A 56 7.36 -1.35 -7.33
N GLY A 57 8.23 -0.34 -7.36
CA GLY A 57 8.62 0.39 -8.57
C GLY A 57 7.52 1.29 -9.16
N ARG A 58 6.55 1.72 -8.34
CA ARG A 58 5.31 2.40 -8.77
C ARG A 58 4.93 3.53 -7.82
N THR A 59 5.47 4.73 -8.05
CA THR A 59 5.07 5.96 -7.36
C THR A 59 3.60 6.29 -7.66
N LEU A 60 2.84 6.72 -6.65
CA LEU A 60 1.43 7.17 -6.78
C LEU A 60 1.23 8.52 -6.07
N PRO A 61 0.29 9.36 -6.52
CA PRO A 61 0.03 10.67 -5.91
C PRO A 61 -0.62 10.54 -4.52
N LEU A 62 -0.34 11.49 -3.62
CA LEU A 62 -0.92 11.53 -2.27
C LEU A 62 -2.46 11.64 -2.29
N GLN A 63 -3.03 12.34 -3.29
CA GLN A 63 -4.46 12.44 -3.51
C GLN A 63 -5.13 11.08 -3.76
N LEU A 64 -4.44 10.15 -4.47
CA LEU A 64 -4.89 8.77 -4.60
C LEU A 64 -4.68 8.00 -3.29
N LEU A 65 -3.49 8.09 -2.68
CA LEU A 65 -3.14 7.32 -1.47
C LEU A 65 -4.12 7.56 -0.31
N SER A 66 -4.55 8.80 -0.05
CA SER A 66 -5.55 9.10 0.99
C SER A 66 -6.94 8.49 0.69
N GLU A 67 -7.32 8.37 -0.59
CA GLU A 67 -8.65 7.94 -1.05
C GLU A 67 -8.75 6.44 -1.42
N SER A 68 -7.63 5.70 -1.40
CA SER A 68 -7.51 4.31 -1.82
C SER A 68 -7.28 3.34 -0.64
N THR A 69 -7.72 2.09 -0.84
CA THR A 69 -7.58 0.97 0.10
C THR A 69 -6.43 0.04 -0.29
N VAL A 70 -6.08 -0.91 0.59
CA VAL A 70 -4.99 -1.87 0.35
C VAL A 70 -5.18 -2.71 -0.93
N PRO A 71 -6.35 -3.32 -1.22
CA PRO A 71 -6.57 -4.03 -2.49
C PRO A 71 -6.51 -3.14 -3.73
N VAL A 72 -6.96 -1.88 -3.63
CA VAL A 72 -6.91 -0.90 -4.74
C VAL A 72 -5.45 -0.54 -5.06
N LEU A 73 -4.63 -0.23 -4.05
CA LEU A 73 -3.20 0.03 -4.24
C LEU A 73 -2.44 -1.19 -4.77
N ALA A 74 -2.73 -2.39 -4.24
CA ALA A 74 -2.16 -3.63 -4.74
C ALA A 74 -2.43 -3.86 -6.25
N ALA A 75 -3.62 -3.50 -6.74
CA ALA A 75 -4.00 -3.59 -8.14
C ALA A 75 -3.36 -2.51 -9.05
N HIS A 76 -2.97 -1.35 -8.51
CA HIS A 76 -2.16 -0.35 -9.24
C HIS A 76 -0.69 -0.77 -9.36
N LEU A 77 -0.13 -1.32 -8.28
CA LEU A 77 1.27 -1.77 -8.19
C LEU A 77 1.57 -3.04 -8.99
N SER A 78 0.58 -3.93 -9.17
CA SER A 78 0.76 -5.18 -9.92
C SER A 78 1.05 -4.97 -11.42
N ALA A 79 0.64 -3.81 -11.97
CA ALA A 79 1.05 -3.27 -13.27
C ALA A 79 0.84 -4.20 -14.50
N ASP A 80 -0.22 -5.02 -14.47
CA ASP A 80 -0.60 -5.92 -15.55
C ASP A 80 -1.05 -5.18 -16.83
N ARG A 81 -0.98 -5.88 -17.98
CA ARG A 81 -1.38 -5.37 -19.31
C ARG A 81 -2.17 -6.43 -20.10
N ALA A 82 -3.00 -5.99 -21.05
CA ALA A 82 -3.89 -6.84 -21.86
C ALA A 82 -3.24 -7.57 -23.06
N HIS A 83 -1.90 -7.47 -23.18
CA HIS A 83 -1.05 -8.07 -24.21
C HIS A 83 -1.52 -7.76 -25.65
O23 PNS B . -1.19 17.60 5.10
P24 PNS B . -0.11 17.37 6.10
O26 PNS B . -0.36 17.75 7.51
O27 PNS B . 1.20 18.13 5.59
C28 PNS B . 2.45 17.91 6.22
C29 PNS B . 3.41 19.11 6.04
C30 PNS B . 4.79 18.70 6.61
C31 PNS B . 3.61 19.35 4.53
C32 PNS B . 2.83 20.37 6.76
O33 PNS B . 2.66 20.12 8.16
C34 PNS B . 3.62 21.68 6.50
O35 PNS B . 4.55 22.01 7.24
N36 PNS B . 3.22 22.45 5.49
C37 PNS B . 3.74 23.78 5.18
C38 PNS B . 2.59 24.69 4.73
C39 PNS B . 3.01 26.14 4.48
O40 PNS B . 4.15 26.52 4.76
N41 PNS B . 2.14 27.01 3.98
C42 PNS B . 0.77 26.77 3.52
C43 PNS B . 0.68 26.88 2.00
S44 PNS B . 1.66 25.58 1.19
H282 PNS B . 2.90 17.02 5.80
H281 PNS B . 2.30 17.74 7.28
H303 PNS B . 5.50 19.50 6.48
H302 PNS B . 4.71 18.46 7.68
H301 PNS B . 5.16 17.82 6.08
H313 PNS B . 4.38 20.11 4.34
H312 PNS B . 3.92 18.42 4.03
H311 PNS B . 2.68 19.71 4.08
H32 PNS B . 1.82 20.53 6.35
H33 PNS B . 3.49 20.37 8.63
H36 PNS B . 2.44 22.12 4.93
H372 PNS B . 4.21 24.22 6.06
H371 PNS B . 4.48 23.71 4.39
H382 PNS B . 2.16 24.28 3.81
H381 PNS B . 1.80 24.69 5.50
H41 PNS B . 2.50 27.96 3.87
H422 PNS B . 0.42 25.79 3.84
H421 PNS B . 0.11 27.52 3.97
H431 PNS B . -0.36 26.78 1.70
H432 PNS B . 1.05 27.85 1.68
H44 PNS B . 0.98 24.54 1.69
N GLY A 1 7.53 -25.86 7.65
CA GLY A 1 7.73 -26.50 6.33
C GLY A 1 8.24 -25.52 5.28
N PRO A 2 8.66 -26.01 4.10
CA PRO A 2 9.14 -25.18 3.00
C PRO A 2 8.04 -24.29 2.38
N GLY A 3 8.45 -23.22 1.69
CA GLY A 3 7.55 -22.31 0.97
C GLY A 3 6.88 -22.94 -0.27
N SER A 4 5.77 -22.35 -0.72
CA SER A 4 4.97 -22.83 -1.86
C SER A 4 5.66 -22.65 -3.22
N MET A 5 6.64 -21.73 -3.32
CA MET A 5 7.53 -21.40 -4.45
C MET A 5 6.89 -21.00 -5.80
N TYR A 6 5.56 -21.10 -5.96
CA TYR A 6 4.84 -20.76 -7.19
C TYR A 6 4.75 -19.25 -7.48
N GLY A 7 4.87 -18.40 -6.46
CA GLY A 7 4.80 -16.94 -6.57
C GLY A 7 4.60 -16.22 -5.23
N GLU A 8 4.15 -14.96 -5.29
CA GLU A 8 3.85 -14.10 -4.14
C GLU A 8 2.71 -13.11 -4.44
N ALA A 9 2.14 -12.48 -3.40
CA ALA A 9 1.09 -11.48 -3.50
C ALA A 9 1.55 -10.10 -2.99
N VAL A 10 1.36 -9.04 -3.77
CA VAL A 10 1.68 -7.66 -3.37
C VAL A 10 0.68 -7.08 -2.35
N THR A 11 -0.57 -7.56 -2.38
CA THR A 11 -1.68 -7.09 -1.52
C THR A 11 -1.37 -7.27 -0.03
N GLU A 12 -0.91 -8.46 0.37
CA GLU A 12 -0.56 -8.75 1.76
C GLU A 12 0.71 -7.98 2.18
N GLN A 13 1.70 -7.89 1.30
CA GLN A 13 2.93 -7.12 1.56
C GLN A 13 2.65 -5.62 1.75
N LEU A 14 1.71 -5.04 0.99
CA LEU A 14 1.26 -3.66 1.18
C LEU A 14 0.51 -3.49 2.52
N SER A 15 -0.34 -4.44 2.92
CA SER A 15 -1.05 -4.35 4.21
C SER A 15 -0.09 -4.30 5.41
N ARG A 16 0.99 -5.09 5.37
CA ARG A 16 2.02 -5.13 6.43
C ARG A 16 3.00 -3.96 6.37
N LEU A 17 3.21 -3.36 5.19
CA LEU A 17 3.92 -2.08 5.03
C LEU A 17 3.12 -0.93 5.66
N VAL A 18 1.82 -0.83 5.35
CA VAL A 18 0.89 0.17 5.91
C VAL A 18 0.69 0.00 7.42
N ALA A 19 0.76 -1.23 7.94
CA ALA A 19 0.78 -1.50 9.39
C ALA A 19 2.00 -0.87 10.11
N GLY A 20 3.07 -0.50 9.38
CA GLY A 20 4.20 0.27 9.88
C GLY A 20 3.98 1.80 9.91
N PHE A 21 2.84 2.29 9.40
CA PHE A 21 2.51 3.72 9.25
C PHE A 21 1.20 4.14 9.91
N VAL A 22 0.33 3.21 10.32
CA VAL A 22 -0.90 3.52 11.09
C VAL A 22 -0.55 4.17 12.45
N PRO A 23 -1.04 5.40 12.76
CA PRO A 23 -0.65 6.16 13.95
C PRO A 23 -1.36 5.70 15.24
N ASP A 24 -2.58 5.14 15.11
CA ASP A 24 -3.36 4.58 16.22
C ASP A 24 -2.79 3.23 16.71
N ALA A 25 -3.35 2.69 17.81
CA ALA A 25 -2.97 1.41 18.40
C ALA A 25 -3.33 0.15 17.57
N ALA A 26 -3.79 0.32 16.32
CA ALA A 26 -4.09 -0.75 15.36
C ALA A 26 -2.84 -1.60 15.07
N GLY A 27 -3.00 -2.94 15.15
CA GLY A 27 -1.95 -3.93 14.91
C GLY A 27 -1.95 -4.55 13.50
N SER A 28 -3.00 -4.31 12.73
CA SER A 28 -3.20 -4.79 11.36
C SER A 28 -4.15 -3.87 10.58
N VAL A 29 -4.09 -3.90 9.26
CA VAL A 29 -4.80 -2.99 8.33
C VAL A 29 -6.04 -3.67 7.74
N ASP A 30 -7.20 -3.01 7.81
CA ASP A 30 -8.46 -3.49 7.24
C ASP A 30 -8.50 -3.27 5.71
N PRO A 31 -8.68 -4.31 4.87
CA PRO A 31 -8.69 -4.17 3.41
C PRO A 31 -9.95 -3.46 2.86
N ASP A 32 -11.04 -3.41 3.63
CA ASP A 32 -12.29 -2.71 3.27
C ASP A 32 -12.25 -1.20 3.52
N ARG A 33 -11.19 -0.68 4.15
CA ARG A 33 -11.06 0.73 4.60
C ARG A 33 -9.84 1.41 3.98
N THR A 34 -9.93 2.72 3.79
CA THR A 34 -8.89 3.55 3.15
C THR A 34 -7.73 3.88 4.09
N LEU A 35 -6.61 4.39 3.54
CA LEU A 35 -5.49 4.86 4.37
C LEU A 35 -5.87 6.10 5.22
N LEU A 36 -6.78 6.95 4.71
CA LEU A 36 -7.36 8.06 5.43
C LEU A 36 -8.28 7.62 6.59
N GLU A 37 -9.00 6.50 6.42
CA GLU A 37 -9.78 5.87 7.49
C GLU A 37 -8.90 5.32 8.64
N HIS A 38 -7.72 4.77 8.31
CA HIS A 38 -6.68 4.42 9.30
C HIS A 38 -6.00 5.66 9.94
N GLY A 39 -6.28 6.87 9.43
CA GLY A 39 -5.88 8.15 10.03
C GLY A 39 -4.46 8.61 9.69
N ILE A 40 -3.82 7.97 8.71
CA ILE A 40 -2.44 8.24 8.31
C ILE A 40 -2.30 9.67 7.76
N ASP A 41 -1.46 10.49 8.39
CA ASP A 41 -1.22 11.89 8.00
C ASP A 41 -0.32 12.01 6.75
N SER A 42 -0.24 13.22 6.19
CA SER A 42 0.67 13.54 5.07
C SER A 42 2.10 13.02 5.22
N ILE A 43 2.70 13.19 6.41
CA ILE A 43 4.09 12.80 6.70
C ILE A 43 4.28 11.28 6.55
N ASN A 44 3.39 10.49 7.15
CA ASN A 44 3.43 9.04 7.01
C ASN A 44 2.99 8.55 5.62
N LEU A 45 2.09 9.25 4.92
CA LEU A 45 1.78 9.00 3.51
C LEU A 45 3.00 9.27 2.60
N MET A 46 3.77 10.33 2.83
CA MET A 46 5.01 10.62 2.09
C MET A 46 6.11 9.56 2.33
N ASN A 47 6.24 9.05 3.56
CA ASN A 47 7.15 7.93 3.85
C ASN A 47 6.68 6.63 3.19
N LEU A 48 5.39 6.32 3.23
CA LEU A 48 4.77 5.19 2.54
C LEU A 48 4.94 5.26 1.02
N ARG A 49 4.77 6.46 0.42
CA ARG A 49 4.98 6.72 -1.01
C ARG A 49 6.40 6.36 -1.46
N PHE A 50 7.40 6.76 -0.68
CA PHE A 50 8.81 6.42 -0.95
C PHE A 50 9.08 4.92 -0.80
N GLU A 51 8.59 4.29 0.28
CA GLU A 51 8.72 2.83 0.46
C GLU A 51 8.02 2.03 -0.63
N ILE A 52 6.83 2.43 -1.08
CA ILE A 52 6.12 1.81 -2.21
C ILE A 52 6.92 1.97 -3.52
N THR A 53 7.51 3.15 -3.76
CA THR A 53 8.36 3.42 -4.93
C THR A 53 9.59 2.49 -4.94
N GLU A 54 10.23 2.28 -3.80
CA GLU A 54 11.39 1.37 -3.66
C GLU A 54 11.02 -0.12 -3.77
N ARG A 55 9.89 -0.54 -3.18
CA ARG A 55 9.48 -1.95 -3.06
C ARG A 55 8.73 -2.50 -4.28
N PHE A 56 7.93 -1.68 -4.95
CA PHE A 56 7.04 -2.08 -6.05
C PHE A 56 7.26 -1.33 -7.37
N GLY A 57 8.05 -0.24 -7.37
CA GLY A 57 8.39 0.52 -8.58
C GLY A 57 7.27 1.42 -9.11
N ARG A 58 6.30 1.82 -8.26
CA ARG A 58 5.10 2.57 -8.64
C ARG A 58 4.85 3.76 -7.71
N THR A 59 5.40 4.93 -8.06
CA THR A 59 5.07 6.20 -7.39
C THR A 59 3.61 6.60 -7.63
N LEU A 60 2.92 7.08 -6.61
CA LEU A 60 1.52 7.55 -6.66
C LEU A 60 1.35 8.88 -5.91
N PRO A 61 0.42 9.76 -6.30
CA PRO A 61 0.13 11.01 -5.60
C PRO A 61 -0.51 10.76 -4.22
N LEU A 62 -0.20 11.63 -3.24
CA LEU A 62 -0.65 11.51 -1.85
C LEU A 62 -2.20 11.56 -1.72
N GLN A 63 -2.87 12.33 -2.58
CA GLN A 63 -4.32 12.40 -2.62
C GLN A 63 -4.94 11.03 -2.95
N LEU A 64 -4.39 10.32 -3.94
CA LEU A 64 -4.85 8.98 -4.31
C LEU A 64 -4.56 7.95 -3.21
N LEU A 65 -3.39 8.01 -2.57
CA LEU A 65 -3.07 7.15 -1.42
C LEU A 65 -4.10 7.29 -0.29
N SER A 66 -4.54 8.51 0.06
CA SER A 66 -5.51 8.74 1.13
C SER A 66 -6.89 8.10 0.84
N GLU A 67 -7.42 8.25 -0.38
CA GLU A 67 -8.75 7.73 -0.75
C GLU A 67 -8.76 6.24 -1.16
N SER A 68 -7.59 5.62 -1.37
CA SER A 68 -7.46 4.21 -1.75
C SER A 68 -7.42 3.26 -0.54
N THR A 69 -7.89 2.03 -0.75
CA THR A 69 -7.74 0.89 0.16
C THR A 69 -6.53 0.01 -0.22
N VAL A 70 -6.22 -0.98 0.62
CA VAL A 70 -5.16 -1.98 0.37
C VAL A 70 -5.27 -2.66 -1.01
N PRO A 71 -6.40 -3.31 -1.39
CA PRO A 71 -6.52 -3.95 -2.70
C PRO A 71 -6.53 -2.96 -3.89
N VAL A 72 -7.01 -1.72 -3.69
CA VAL A 72 -6.95 -0.67 -4.73
C VAL A 72 -5.51 -0.25 -5.03
N LEU A 73 -4.67 -0.05 -4.00
CA LEU A 73 -3.24 0.20 -4.17
C LEU A 73 -2.50 -1.00 -4.76
N ALA A 74 -2.78 -2.21 -4.28
CA ALA A 74 -2.24 -3.44 -4.86
C ALA A 74 -2.51 -3.56 -6.37
N ALA A 75 -3.71 -3.18 -6.85
CA ALA A 75 -4.04 -3.15 -8.28
C ALA A 75 -3.22 -2.10 -9.08
N HIS A 76 -2.98 -0.91 -8.53
CA HIS A 76 -2.12 0.12 -9.14
C HIS A 76 -0.64 -0.30 -9.22
N LEU A 77 -0.12 -0.99 -8.20
CA LEU A 77 1.25 -1.51 -8.17
C LEU A 77 1.42 -2.71 -9.13
N SER A 78 0.39 -3.55 -9.25
CA SER A 78 0.36 -4.72 -10.14
C SER A 78 0.08 -4.38 -11.63
N ALA A 79 0.04 -3.10 -12.00
CA ALA A 79 -0.42 -2.59 -13.31
C ALA A 79 0.53 -2.82 -14.51
N ASP A 80 1.51 -3.73 -14.42
CA ASP A 80 2.38 -4.12 -15.54
C ASP A 80 1.61 -4.83 -16.68
N ARG A 81 2.03 -4.63 -17.93
CA ARG A 81 1.39 -5.17 -19.15
C ARG A 81 2.41 -5.66 -20.18
N ALA A 82 2.00 -6.63 -21.00
CA ALA A 82 2.81 -7.31 -22.03
C ALA A 82 2.46 -6.87 -23.48
N HIS A 83 1.89 -5.68 -23.65
CA HIS A 83 1.46 -5.10 -24.94
C HIS A 83 2.60 -5.01 -26.00
O23 PNS B . -1.14 16.03 6.94
P24 PNS B . 0.21 16.65 6.88
O26 PNS B . 0.88 17.01 8.15
O27 PNS B . 0.19 17.90 5.90
C28 PNS B . 1.35 18.69 5.76
C29 PNS B . 1.37 19.48 4.45
C30 PNS B . 2.71 20.26 4.40
C31 PNS B . 1.39 18.47 3.27
C32 PNS B . 0.13 20.44 4.38
O33 PNS B . 0.09 21.29 5.53
C34 PNS B . 0.04 21.26 3.06
O35 PNS B . 0.52 22.39 2.99
N36 PNS B . -0.61 20.71 2.03
C37 PNS B . -0.83 21.35 0.73
C38 PNS B . 0.34 21.00 -0.21
C39 PNS B . 0.15 21.68 -1.56
O40 PNS B . 0.69 22.77 -1.79
N41 PNS B . -0.61 21.06 -2.46
C42 PNS B . -0.90 21.57 -3.80
C43 PNS B . 0.11 21.01 -4.81
S44 PNS B . -0.02 19.19 -4.89
H282 PNS B . 2.24 18.04 5.77
H281 PNS B . 1.43 19.36 6.62
H303 PNS B . 2.77 20.96 5.24
H302 PNS B . 3.55 19.56 4.46
H301 PNS B . 2.81 20.82 3.47
H313 PNS B . 0.44 17.94 3.24
H312 PNS B . 1.54 18.99 2.32
H311 PNS B . 2.20 17.75 3.41
H32 PNS B . -0.75 19.81 4.41
H33 PNS B . 0.57 22.14 5.31
H36 PNS B . -1.00 19.79 2.16
H372 PNS B . -1.75 20.99 0.30
H371 PNS B . -0.89 22.43 0.85
H382 PNS B . 1.27 21.34 0.22
H381 PNS B . 0.39 19.92 -0.35
H41 PNS B . -1.00 20.16 -2.19
H422 PNS B . -1.91 21.25 -4.09
H421 PNS B . -0.86 22.65 -3.83
H431 PNS B . -0.10 21.44 -5.79
H432 PNS B . 1.12 21.29 -4.49
H44 PNS B . 0.94 19.03 -5.83
N GLY A 1 -1.40 -24.87 -12.32
CA GLY A 1 -2.50 -24.28 -13.11
C GLY A 1 -2.77 -22.84 -12.71
N PRO A 2 -3.29 -21.99 -13.62
CA PRO A 2 -3.60 -20.58 -13.37
C PRO A 2 -4.70 -20.39 -12.32
N GLY A 3 -4.65 -19.27 -11.59
CA GLY A 3 -5.62 -18.92 -10.54
C GLY A 3 -5.46 -19.68 -9.21
N SER A 4 -4.44 -20.54 -9.07
CA SER A 4 -4.10 -21.24 -7.83
C SER A 4 -3.47 -20.29 -6.79
N MET A 5 -3.66 -20.59 -5.50
CA MET A 5 -3.10 -19.81 -4.38
C MET A 5 -1.58 -19.98 -4.30
N TYR A 6 -0.83 -18.89 -4.49
CA TYR A 6 0.65 -18.88 -4.45
C TYR A 6 1.24 -18.75 -3.03
N GLY A 7 0.41 -18.45 -2.02
CA GLY A 7 0.83 -18.22 -0.63
C GLY A 7 1.46 -16.83 -0.36
N GLU A 8 1.54 -15.97 -1.38
CA GLU A 8 2.07 -14.60 -1.33
C GLU A 8 1.36 -13.73 -2.39
N ALA A 9 1.21 -12.43 -2.12
CA ALA A 9 0.50 -11.47 -2.99
C ALA A 9 0.99 -10.03 -2.82
N VAL A 10 0.74 -9.18 -3.83
CA VAL A 10 1.02 -7.74 -3.75
C VAL A 10 0.16 -7.08 -2.65
N THR A 11 -1.08 -7.54 -2.47
CA THR A 11 -2.00 -7.05 -1.41
C THR A 11 -1.50 -7.39 0.00
N GLU A 12 -0.90 -8.57 0.20
CA GLU A 12 -0.24 -8.93 1.47
C GLU A 12 0.95 -8.02 1.77
N GLN A 13 1.83 -7.77 0.79
CA GLN A 13 3.00 -6.91 0.98
C GLN A 13 2.62 -5.43 1.21
N LEU A 14 1.59 -4.93 0.50
CA LEU A 14 1.03 -3.60 0.70
C LEU A 14 0.39 -3.48 2.09
N SER A 15 -0.39 -4.49 2.52
CA SER A 15 -1.00 -4.54 3.86
C SER A 15 0.05 -4.49 4.97
N ARG A 16 1.07 -5.34 4.89
CA ARG A 16 2.16 -5.45 5.88
C ARG A 16 3.02 -4.18 5.95
N LEU A 17 3.13 -3.43 4.85
CA LEU A 17 3.78 -2.12 4.79
C LEU A 17 2.92 -1.03 5.47
N VAL A 18 1.64 -0.90 5.10
CA VAL A 18 0.72 0.13 5.63
C VAL A 18 0.40 -0.07 7.12
N ALA A 19 0.40 -1.32 7.61
CA ALA A 19 0.33 -1.64 9.05
C ALA A 19 1.52 -1.04 9.87
N GLY A 20 2.60 -0.61 9.21
CA GLY A 20 3.71 0.15 9.81
C GLY A 20 3.54 1.68 9.82
N PHE A 21 2.47 2.22 9.21
CA PHE A 21 2.20 3.66 9.07
C PHE A 21 0.90 4.13 9.76
N VAL A 22 0.01 3.22 10.16
CA VAL A 22 -1.14 3.52 11.02
C VAL A 22 -0.66 4.12 12.36
N PRO A 23 -1.09 5.34 12.74
CA PRO A 23 -0.53 6.06 13.90
C PRO A 23 -1.06 5.55 15.25
N ASP A 24 -2.29 5.02 15.29
CA ASP A 24 -2.89 4.38 16.46
C ASP A 24 -2.36 2.93 16.67
N ALA A 25 -2.60 2.37 17.86
CA ALA A 25 -2.24 1.01 18.25
C ALA A 25 -3.13 -0.09 17.58
N ALA A 26 -3.49 0.10 16.31
CA ALA A 26 -4.31 -0.81 15.52
C ALA A 26 -3.63 -2.17 15.26
N GLY A 27 -2.30 -2.18 15.12
CA GLY A 27 -1.45 -3.38 14.93
C GLY A 27 -1.60 -4.10 13.58
N SER A 28 -2.47 -3.60 12.70
CA SER A 28 -2.84 -4.17 11.42
C SER A 28 -3.54 -3.10 10.54
N VAL A 29 -3.96 -3.47 9.34
CA VAL A 29 -4.74 -2.63 8.42
C VAL A 29 -5.85 -3.45 7.75
N ASP A 30 -7.07 -2.92 7.75
CA ASP A 30 -8.25 -3.58 7.18
C ASP A 30 -8.34 -3.34 5.65
N PRO A 31 -8.67 -4.37 4.84
CA PRO A 31 -8.83 -4.21 3.38
C PRO A 31 -10.10 -3.44 2.98
N ASP A 32 -11.12 -3.42 3.84
CA ASP A 32 -12.41 -2.75 3.61
C ASP A 32 -12.40 -1.23 3.91
N ARG A 33 -11.30 -0.71 4.48
CA ARG A 33 -11.12 0.69 4.91
C ARG A 33 -9.98 1.37 4.15
N THR A 34 -10.11 2.68 3.93
CA THR A 34 -9.07 3.52 3.32
C THR A 34 -7.96 3.86 4.32
N LEU A 35 -6.85 4.37 3.81
CA LEU A 35 -5.75 4.90 4.62
C LEU A 35 -6.17 6.19 5.39
N LEU A 36 -7.15 6.92 4.87
CA LEU A 36 -7.87 7.99 5.59
C LEU A 36 -8.70 7.46 6.78
N GLU A 37 -9.37 6.32 6.63
CA GLU A 37 -10.13 5.67 7.71
C GLU A 37 -9.24 5.00 8.78
N HIS A 38 -7.97 4.71 8.47
CA HIS A 38 -6.92 4.38 9.44
C HIS A 38 -6.25 5.63 10.06
N GLY A 39 -6.46 6.81 9.47
CA GLY A 39 -6.08 8.11 10.03
C GLY A 39 -4.63 8.52 9.75
N ILE A 40 -3.99 7.93 8.74
CA ILE A 40 -2.59 8.13 8.38
C ILE A 40 -2.36 9.59 7.92
N ASP A 41 -1.42 10.29 8.58
CA ASP A 41 -1.05 11.68 8.26
C ASP A 41 -0.30 11.80 6.93
N SER A 42 -0.35 12.98 6.30
CA SER A 42 0.38 13.30 5.06
C SER A 42 1.88 12.95 5.09
N ILE A 43 2.56 13.24 6.21
CA ILE A 43 3.97 12.91 6.45
C ILE A 43 4.21 11.39 6.38
N ASN A 44 3.34 10.59 7.00
CA ASN A 44 3.39 9.13 6.95
C ASN A 44 3.01 8.57 5.57
N LEU A 45 2.07 9.20 4.85
CA LEU A 45 1.77 8.87 3.44
C LEU A 45 2.97 9.17 2.52
N MET A 46 3.73 10.24 2.75
CA MET A 46 4.96 10.54 1.97
C MET A 46 6.11 9.56 2.26
N ASN A 47 6.22 9.04 3.48
CA ASN A 47 7.15 7.95 3.80
C ASN A 47 6.70 6.63 3.15
N LEU A 48 5.39 6.32 3.17
CA LEU A 48 4.79 5.19 2.47
C LEU A 48 5.02 5.27 0.95
N ARG A 49 4.91 6.46 0.35
CA ARG A 49 5.25 6.71 -1.06
C ARG A 49 6.69 6.29 -1.38
N PHE A 50 7.66 6.78 -0.61
CA PHE A 50 9.08 6.42 -0.80
C PHE A 50 9.34 4.91 -0.62
N GLU A 51 8.73 4.27 0.37
CA GLU A 51 8.81 2.81 0.54
C GLU A 51 8.19 2.04 -0.65
N ILE A 52 7.05 2.47 -1.19
CA ILE A 52 6.46 1.87 -2.40
C ILE A 52 7.36 2.07 -3.62
N THR A 53 7.99 3.24 -3.75
CA THR A 53 8.98 3.55 -4.80
C THR A 53 10.16 2.57 -4.76
N GLU A 54 10.66 2.24 -3.57
CA GLU A 54 11.75 1.29 -3.36
C GLU A 54 11.33 -0.18 -3.57
N ARG A 55 10.14 -0.57 -3.09
CA ARG A 55 9.68 -1.98 -3.03
C ARG A 55 9.00 -2.47 -4.32
N PHE A 56 8.30 -1.59 -5.04
CA PHE A 56 7.51 -1.92 -6.23
C PHE A 56 7.93 -1.15 -7.49
N GLY A 57 8.70 -0.06 -7.37
CA GLY A 57 9.24 0.69 -8.51
C GLY A 57 8.23 1.60 -9.23
N ARG A 58 7.24 2.11 -8.48
CA ARG A 58 6.07 2.87 -9.00
C ARG A 58 5.82 4.14 -8.20
N THR A 59 5.36 5.20 -8.89
CA THR A 59 5.02 6.50 -8.28
C THR A 59 3.58 6.93 -8.58
N LEU A 60 2.88 7.41 -7.55
CA LEU A 60 1.46 7.78 -7.54
C LEU A 60 1.24 9.05 -6.68
N PRO A 61 0.22 9.88 -6.96
CA PRO A 61 -0.06 11.09 -6.18
C PRO A 61 -0.54 10.78 -4.75
N LEU A 62 -0.23 11.66 -3.80
CA LEU A 62 -0.56 11.47 -2.37
C LEU A 62 -2.08 11.44 -2.10
N GLN A 63 -2.85 12.16 -2.93
CA GLN A 63 -4.32 12.15 -2.88
C GLN A 63 -4.90 10.76 -3.21
N LEU A 64 -4.27 9.99 -4.10
CA LEU A 64 -4.65 8.61 -4.38
C LEU A 64 -4.29 7.68 -3.20
N LEU A 65 -3.13 7.89 -2.54
CA LEU A 65 -2.76 7.10 -1.36
C LEU A 65 -3.77 7.25 -0.20
N SER A 66 -4.27 8.46 0.07
CA SER A 66 -5.21 8.72 1.15
C SER A 66 -6.62 8.14 0.88
N GLU A 67 -7.17 8.35 -0.32
CA GLU A 67 -8.55 7.97 -0.67
C GLU A 67 -8.75 6.50 -1.08
N SER A 68 -7.67 5.76 -1.33
CA SER A 68 -7.69 4.33 -1.68
C SER A 68 -7.68 3.42 -0.45
N THR A 69 -8.09 2.17 -0.64
CA THR A 69 -7.84 1.05 0.29
C THR A 69 -6.53 0.32 -0.04
N VAL A 70 -6.08 -0.55 0.86
CA VAL A 70 -4.89 -1.41 0.66
C VAL A 70 -4.97 -2.29 -0.60
N PRO A 71 -6.09 -3.01 -0.88
CA PRO A 71 -6.27 -3.73 -2.13
C PRO A 71 -6.27 -2.85 -3.39
N VAL A 72 -6.86 -1.64 -3.32
CA VAL A 72 -6.88 -0.70 -4.46
C VAL A 72 -5.47 -0.19 -4.79
N LEU A 73 -4.66 0.16 -3.79
CA LEU A 73 -3.25 0.53 -4.01
C LEU A 73 -2.44 -0.64 -4.59
N ALA A 74 -2.55 -1.83 -4.01
CA ALA A 74 -1.93 -3.05 -4.54
C ALA A 74 -2.31 -3.36 -6.00
N ALA A 75 -3.58 -3.12 -6.40
CA ALA A 75 -4.05 -3.34 -7.77
C ALA A 75 -3.42 -2.40 -8.83
N HIS A 76 -3.02 -1.18 -8.44
CA HIS A 76 -2.24 -0.27 -9.32
C HIS A 76 -0.78 -0.73 -9.49
N LEU A 77 -0.19 -1.31 -8.43
CA LEU A 77 1.19 -1.81 -8.41
C LEU A 77 1.37 -3.15 -9.14
N SER A 78 0.39 -4.04 -9.03
CA SER A 78 0.39 -5.40 -9.61
C SER A 78 0.26 -5.44 -11.14
N ALA A 79 -0.13 -4.33 -11.78
CA ALA A 79 -0.27 -4.18 -13.22
C ALA A 79 1.09 -4.14 -13.92
N ASP A 80 1.44 -5.22 -14.63
CA ASP A 80 2.66 -5.35 -15.43
C ASP A 80 2.48 -6.33 -16.63
N ARG A 81 3.22 -6.11 -17.72
CA ARG A 81 3.22 -6.93 -18.94
C ARG A 81 4.11 -8.18 -18.82
N ALA A 82 3.94 -9.23 -19.63
CA ALA A 82 2.89 -9.48 -20.65
C ALA A 82 1.78 -10.43 -20.15
N HIS A 83 1.56 -10.46 -18.83
CA HIS A 83 0.66 -11.39 -18.13
C HIS A 83 -0.82 -11.25 -18.53
O23 PNS B . -1.19 17.12 6.15
P24 PNS B . 0.27 17.13 5.88
O26 PNS B . 1.18 17.80 6.85
O27 PNS B . 0.49 17.77 4.43
C28 PNS B . 1.80 17.92 3.90
C29 PNS B . 1.75 18.54 2.49
C30 PNS B . 3.19 18.58 1.93
C31 PNS B . 0.91 17.63 1.57
C32 PNS B . 1.15 19.98 2.59
O33 PNS B . 1.96 20.83 3.42
C34 PNS B . 0.83 20.63 1.21
O35 PNS B . 1.71 21.22 0.56
N36 PNS B . -0.43 20.54 0.78
C37 PNS B . -0.92 21.03 -0.51
C38 PNS B . -1.11 19.84 -1.47
C39 PNS B . -2.24 18.88 -1.08
O40 PNS B . -3.02 19.14 -0.17
N41 PNS B . -2.37 17.73 -1.75
C42 PNS B . -1.57 17.24 -2.87
C43 PNS B . -0.46 16.33 -2.34
S44 PNS B . 0.44 15.59 -3.74
H282 PNS B . 2.27 16.93 3.84
H281 PNS B . 2.39 18.54 4.56
H303 PNS B . 3.84 19.16 2.58
H302 PNS B . 3.58 17.55 1.85
H301 PNS B . 3.20 19.01 0.94
H313 PNS B . -0.14 17.64 1.88
H312 PNS B . 0.97 17.98 0.54
H311 PNS B . 1.27 16.60 1.61
H32 PNS B . 0.19 19.89 3.10
H33 PNS B . 1.56 21.73 3.45
H36 PNS B . -1.10 20.07 1.37
H372 PNS B . -1.88 21.53 -0.36
H371 PNS B . -0.23 21.74 -0.95
H382 PNS B . -1.33 20.24 -2.46
H381 PNS B . -0.16 19.31 -1.53
H41 PNS B . -3.14 17.15 -1.44
H422 PNS B . -2.21 16.66 -3.54
H421 PNS B . -1.14 18.07 -3.43
H431 PNS B . 0.23 16.91 -1.72
H432 PNS B . -0.90 15.54 -1.73
H44 PNS B . 0.89 16.75 -4.25
N GLY A 1 2.77 -5.48 -17.34
CA GLY A 1 2.61 -4.53 -16.22
C GLY A 1 3.75 -4.67 -15.22
N PRO A 2 4.80 -3.82 -15.31
CA PRO A 2 6.00 -3.94 -14.47
C PRO A 2 5.75 -3.70 -12.97
N GLY A 3 6.54 -4.36 -12.13
CA GLY A 3 6.58 -4.17 -10.67
C GLY A 3 7.89 -4.69 -10.06
N SER A 4 7.86 -5.06 -8.78
CA SER A 4 8.99 -5.67 -8.06
C SER A 4 8.53 -6.51 -6.85
N MET A 5 9.45 -7.25 -6.23
CA MET A 5 9.21 -8.18 -5.11
C MET A 5 8.16 -9.26 -5.45
N TYR A 6 8.29 -9.85 -6.64
CA TYR A 6 7.43 -10.93 -7.12
C TYR A 6 7.53 -12.18 -6.23
N GLY A 7 6.39 -12.71 -5.82
CA GLY A 7 6.26 -13.85 -4.90
C GLY A 7 4.78 -14.10 -4.55
N GLU A 8 4.40 -13.85 -3.30
CA GLU A 8 3.00 -13.68 -2.88
C GLU A 8 2.35 -12.43 -3.52
N ALA A 9 1.05 -12.25 -3.30
CA ALA A 9 0.30 -11.10 -3.82
C ALA A 9 0.78 -9.74 -3.26
N VAL A 10 0.61 -8.68 -4.04
CA VAL A 10 0.95 -7.29 -3.64
C VAL A 10 0.07 -6.82 -2.46
N THR A 11 -1.20 -7.24 -2.40
CA THR A 11 -2.16 -6.89 -1.33
C THR A 11 -1.66 -7.33 0.04
N GLU A 12 -1.10 -8.54 0.15
CA GLU A 12 -0.58 -9.11 1.40
C GLU A 12 0.74 -8.46 1.87
N GLN A 13 1.48 -7.81 0.97
CA GLN A 13 2.69 -7.05 1.28
C GLN A 13 2.37 -5.60 1.65
N LEU A 14 1.44 -4.97 0.94
CA LEU A 14 1.04 -3.58 1.17
C LEU A 14 0.26 -3.40 2.49
N SER A 15 -0.54 -4.40 2.91
CA SER A 15 -1.17 -4.39 4.25
C SER A 15 -0.12 -4.38 5.37
N ARG A 16 0.91 -5.23 5.27
CA ARG A 16 2.04 -5.30 6.21
C ARG A 16 2.90 -4.04 6.20
N LEU A 17 3.04 -3.37 5.05
CA LEU A 17 3.73 -2.08 4.93
C LEU A 17 2.95 -0.94 5.61
N VAL A 18 1.63 -0.85 5.36
CA VAL A 18 0.73 0.14 5.99
C VAL A 18 0.64 -0.03 7.51
N ALA A 19 0.78 -1.27 8.01
CA ALA A 19 0.87 -1.56 9.45
C ALA A 19 2.10 -0.90 10.14
N GLY A 20 3.11 -0.49 9.37
CA GLY A 20 4.24 0.33 9.83
C GLY A 20 3.97 1.85 9.86
N PHE A 21 2.82 2.30 9.36
CA PHE A 21 2.46 3.74 9.21
C PHE A 21 1.15 4.15 9.91
N VAL A 22 0.28 3.20 10.27
CA VAL A 22 -0.93 3.47 11.08
C VAL A 22 -0.55 4.09 12.44
N PRO A 23 -1.04 5.31 12.77
CA PRO A 23 -0.63 6.04 13.98
C PRO A 23 -1.31 5.52 15.27
N ASP A 24 -2.54 5.01 15.17
CA ASP A 24 -3.28 4.41 16.27
C ASP A 24 -2.77 2.99 16.62
N ALA A 25 -3.13 2.49 17.81
CA ALA A 25 -2.83 1.13 18.29
C ALA A 25 -3.64 0.02 17.58
N ALA A 26 -3.81 0.12 16.26
CA ALA A 26 -4.56 -0.82 15.43
C ALA A 26 -3.94 -2.24 15.37
N GLY A 27 -2.61 -2.35 15.41
CA GLY A 27 -1.83 -3.60 15.45
C GLY A 27 -1.79 -4.39 14.12
N SER A 28 -2.83 -4.27 13.29
CA SER A 28 -2.95 -4.87 11.95
C SER A 28 -3.91 -4.05 11.08
N VAL A 29 -3.82 -4.21 9.75
CA VAL A 29 -4.52 -3.41 8.74
C VAL A 29 -5.74 -4.14 8.19
N ASP A 30 -6.89 -3.45 8.14
CA ASP A 30 -8.12 -3.96 7.50
C ASP A 30 -8.16 -3.56 6.00
N PRO A 31 -8.27 -4.51 5.06
CA PRO A 31 -8.23 -4.22 3.62
C PRO A 31 -9.47 -3.47 3.10
N ASP A 32 -10.58 -3.49 3.84
CA ASP A 32 -11.82 -2.77 3.49
C ASP A 32 -11.75 -1.25 3.72
N ARG A 33 -10.82 -0.77 4.57
CA ARG A 33 -10.63 0.65 4.92
C ARG A 33 -9.63 1.33 3.97
N THR A 34 -9.80 2.63 3.76
CA THR A 34 -8.78 3.47 3.09
C THR A 34 -7.63 3.81 4.04
N LEU A 35 -6.52 4.34 3.51
CA LEU A 35 -5.39 4.79 4.35
C LEU A 35 -5.72 6.06 5.16
N LEU A 36 -6.64 6.89 4.64
CA LEU A 36 -7.19 8.05 5.36
C LEU A 36 -8.11 7.61 6.52
N GLU A 37 -8.85 6.52 6.37
CA GLU A 37 -9.65 5.91 7.47
C GLU A 37 -8.78 5.20 8.53
N HIS A 38 -7.56 4.76 8.20
CA HIS A 38 -6.54 4.40 9.20
C HIS A 38 -5.97 5.62 9.95
N GLY A 39 -6.22 6.84 9.46
CA GLY A 39 -5.85 8.10 10.10
C GLY A 39 -4.43 8.58 9.79
N ILE A 40 -3.78 7.99 8.79
CA ILE A 40 -2.39 8.27 8.41
C ILE A 40 -2.26 9.71 7.89
N ASP A 41 -1.37 10.50 8.48
CA ASP A 41 -1.15 11.90 8.10
C ASP A 41 -0.26 12.05 6.85
N SER A 42 -0.19 13.27 6.31
CA SER A 42 0.65 13.64 5.16
C SER A 42 2.10 13.14 5.24
N ILE A 43 2.73 13.29 6.41
CA ILE A 43 4.14 12.91 6.63
C ILE A 43 4.32 11.39 6.48
N ASN A 44 3.46 10.59 7.12
CA ASN A 44 3.49 9.14 6.99
C ASN A 44 3.03 8.64 5.60
N LEU A 45 2.11 9.34 4.92
CA LEU A 45 1.77 9.08 3.50
C LEU A 45 2.97 9.34 2.56
N MET A 46 3.75 10.40 2.78
CA MET A 46 4.99 10.66 2.00
C MET A 46 6.08 9.62 2.27
N ASN A 47 6.21 9.13 3.51
CA ASN A 47 7.14 8.04 3.84
C ASN A 47 6.68 6.70 3.20
N LEU A 48 5.38 6.40 3.24
CA LEU A 48 4.78 5.26 2.57
C LEU A 48 4.97 5.32 1.05
N ARG A 49 4.81 6.49 0.43
CA ARG A 49 5.07 6.72 -1.00
C ARG A 49 6.50 6.35 -1.41
N PHE A 50 7.49 6.74 -0.60
CA PHE A 50 8.90 6.39 -0.81
C PHE A 50 9.14 4.88 -0.66
N GLU A 51 8.59 4.25 0.37
CA GLU A 51 8.69 2.79 0.54
C GLU A 51 8.01 2.01 -0.59
N ILE A 52 6.83 2.43 -1.06
CA ILE A 52 6.15 1.83 -2.23
C ILE A 52 6.99 2.00 -3.50
N THR A 53 7.65 3.16 -3.68
CA THR A 53 8.57 3.41 -4.80
C THR A 53 9.76 2.44 -4.77
N GLU A 54 10.34 2.17 -3.60
CA GLU A 54 11.45 1.25 -3.42
C GLU A 54 11.06 -0.24 -3.55
N ARG A 55 9.89 -0.63 -3.02
CA ARG A 55 9.42 -2.04 -2.90
C ARG A 55 8.66 -2.55 -4.12
N PHE A 56 7.93 -1.69 -4.83
CA PHE A 56 7.09 -2.06 -5.98
C PHE A 56 7.45 -1.31 -7.28
N GLY A 57 8.31 -0.31 -7.21
CA GLY A 57 8.95 0.33 -8.38
C GLY A 57 8.21 1.55 -8.94
N ARG A 58 7.25 2.11 -8.19
CA ARG A 58 6.29 3.13 -8.64
C ARG A 58 6.00 4.19 -7.59
N THR A 59 6.06 5.46 -7.97
CA THR A 59 5.43 6.57 -7.22
C THR A 59 3.91 6.59 -7.40
N LEU A 60 3.17 7.03 -6.38
CA LEU A 60 1.74 7.33 -6.43
C LEU A 60 1.43 8.67 -5.72
N PRO A 61 0.45 9.46 -6.18
CA PRO A 61 0.10 10.73 -5.55
C PRO A 61 -0.56 10.54 -4.17
N LEU A 62 -0.33 11.49 -3.26
CA LEU A 62 -0.79 11.42 -1.85
C LEU A 62 -2.33 11.42 -1.72
N GLN A 63 -3.04 12.06 -2.65
CA GLN A 63 -4.50 12.05 -2.70
C GLN A 63 -5.05 10.65 -3.01
N LEU A 64 -4.46 9.95 -3.99
CA LEU A 64 -4.84 8.57 -4.35
C LEU A 64 -4.50 7.61 -3.20
N LEU A 65 -3.33 7.76 -2.59
CA LEU A 65 -2.93 6.99 -1.40
C LEU A 65 -3.93 7.17 -0.25
N SER A 66 -4.40 8.40 0.00
CA SER A 66 -5.42 8.68 1.04
C SER A 66 -6.77 8.01 0.75
N GLU A 67 -7.31 8.18 -0.46
CA GLU A 67 -8.69 7.78 -0.79
C GLU A 67 -8.85 6.30 -1.20
N SER A 68 -7.76 5.60 -1.52
CA SER A 68 -7.75 4.19 -1.91
C SER A 68 -7.60 3.24 -0.71
N THR A 69 -8.13 2.03 -0.86
CA THR A 69 -7.91 0.90 0.04
C THR A 69 -6.67 0.09 -0.36
N VAL A 70 -6.24 -0.83 0.51
CA VAL A 70 -5.08 -1.72 0.28
C VAL A 70 -5.17 -2.52 -1.05
N PRO A 71 -6.24 -3.27 -1.35
CA PRO A 71 -6.34 -4.01 -2.62
C PRO A 71 -6.43 -3.09 -3.85
N VAL A 72 -7.00 -1.88 -3.72
CA VAL A 72 -7.04 -0.89 -4.81
C VAL A 72 -5.63 -0.39 -5.14
N LEU A 73 -4.82 -0.03 -4.13
CA LEU A 73 -3.42 0.35 -4.31
C LEU A 73 -2.59 -0.81 -4.88
N ALA A 74 -2.78 -2.02 -4.34
CA ALA A 74 -2.10 -3.22 -4.84
C ALA A 74 -2.41 -3.50 -6.33
N ALA A 75 -3.64 -3.23 -6.79
CA ALA A 75 -4.01 -3.35 -8.19
C ALA A 75 -3.38 -2.28 -9.09
N HIS A 76 -3.23 -1.03 -8.61
CA HIS A 76 -2.47 0.02 -9.34
C HIS A 76 -0.99 -0.32 -9.49
N LEU A 77 -0.38 -0.95 -8.48
CA LEU A 77 1.02 -1.37 -8.49
C LEU A 77 1.27 -2.61 -9.36
N SER A 78 0.38 -3.60 -9.29
CA SER A 78 0.41 -4.82 -10.12
C SER A 78 0.14 -4.53 -11.61
N ALA A 79 -0.81 -3.63 -11.89
CA ALA A 79 -1.43 -3.34 -13.18
C ALA A 79 -2.22 -4.53 -13.80
N ASP A 80 -3.20 -4.17 -14.63
CA ASP A 80 -4.19 -5.07 -15.26
C ASP A 80 -3.68 -5.87 -16.48
N ARG A 81 -2.36 -5.88 -16.74
CA ARG A 81 -1.71 -6.51 -17.91
C ARG A 81 -0.54 -7.43 -17.52
N ALA A 82 -0.43 -8.57 -18.22
CA ALA A 82 0.56 -9.64 -18.00
C ALA A 82 0.53 -10.33 -16.60
N HIS A 83 -0.61 -10.26 -15.90
CA HIS A 83 -0.90 -10.96 -14.64
C HIS A 83 -2.28 -11.64 -14.68
O23 PNS B . -2.38 17.46 5.04
P24 PNS B . -0.98 17.18 5.42
O26 PNS B . -0.59 17.30 6.85
O27 PNS B . -0.04 18.13 4.53
C28 PNS B . 1.26 18.48 4.98
C29 PNS B . 2.04 19.33 3.95
C30 PNS B . 3.45 19.58 4.53
C31 PNS B . 2.23 18.54 2.64
C32 PNS B . 1.34 20.70 3.66
O33 PNS B . 0.11 20.51 2.96
C34 PNS B . 1.17 21.61 4.91
O35 PNS B . 0.19 21.48 5.66
N36 PNS B . 2.11 22.53 5.14
C37 PNS B . 2.11 23.47 6.25
C38 PNS B . 2.94 22.91 7.41
C39 PNS B . 3.01 23.89 8.57
O40 PNS B . 3.98 24.64 8.70
N41 PNS B . 1.97 23.91 9.40
C42 PNS B . 1.83 24.77 10.57
C43 PNS B . 1.90 23.95 11.86
S44 PNS B . 3.55 23.21 12.08
H282 PNS B . 1.84 17.57 5.17
H281 PNS B . 1.19 19.03 5.91
H303 PNS B . 3.39 20.05 5.51
H302 PNS B . 3.98 18.63 4.66
H301 PNS B . 4.03 20.21 3.86
H313 PNS B . 1.27 18.28 2.20
H312 PNS B . 2.80 19.13 1.92
H311 PNS B . 2.77 17.61 2.83
H32 PNS B . 2.00 21.26 2.98
H33 PNS B . -0.40 19.84 3.47
H36 PNS B . 2.88 22.58 4.49
H372 PNS B . 2.57 24.41 5.91
H371 PNS B . 1.09 23.69 6.57
H382 PNS B . 2.49 21.97 7.76
H381 PNS B . 3.95 22.70 7.07
H41 PNS B . 1.21 23.27 9.20
H422 PNS B . 2.60 25.54 10.59
H421 PNS B . 0.86 25.26 10.53
H431 PNS B . 1.69 24.59 12.72
H432 PNS B . 1.14 23.15 11.83
H44 PNS B . 3.58 22.56 10.91
N GLY A 1 10.48 -19.92 -18.14
CA GLY A 1 10.58 -18.57 -18.74
C GLY A 1 10.88 -17.49 -17.70
N PRO A 2 11.33 -16.30 -18.11
CA PRO A 2 11.63 -15.16 -17.23
C PRO A 2 10.38 -14.55 -16.55
N GLY A 3 10.60 -13.84 -15.45
CA GLY A 3 9.56 -13.15 -14.68
C GLY A 3 10.13 -12.30 -13.53
N SER A 4 9.27 -11.48 -12.91
CA SER A 4 9.63 -10.60 -11.77
C SER A 4 9.98 -11.38 -10.49
N MET A 5 10.73 -10.73 -9.59
CA MET A 5 11.29 -11.30 -8.35
C MET A 5 10.26 -11.57 -7.22
N TYR A 6 9.02 -11.08 -7.34
CA TYR A 6 7.99 -11.17 -6.29
C TYR A 6 7.51 -12.61 -6.06
N GLY A 7 8.00 -13.25 -4.99
CA GLY A 7 7.54 -14.59 -4.55
C GLY A 7 6.26 -14.55 -3.71
N GLU A 8 6.14 -13.54 -2.85
CA GLU A 8 4.93 -13.22 -2.06
C GLU A 8 3.91 -12.41 -2.89
N ALA A 9 2.63 -12.44 -2.51
CA ALA A 9 1.58 -11.61 -3.11
C ALA A 9 1.82 -10.09 -2.91
N VAL A 10 1.44 -9.29 -3.90
CA VAL A 10 1.58 -7.81 -3.85
C VAL A 10 0.72 -7.19 -2.75
N THR A 11 -0.52 -7.67 -2.59
CA THR A 11 -1.47 -7.19 -1.57
C THR A 11 -0.97 -7.46 -0.15
N GLU A 12 -0.33 -8.61 0.11
CA GLU A 12 0.29 -8.92 1.40
C GLU A 12 1.47 -7.98 1.70
N GLN A 13 2.39 -7.81 0.75
CA GLN A 13 3.56 -6.94 0.95
C GLN A 13 3.15 -5.47 1.21
N LEU A 14 2.13 -4.96 0.51
CA LEU A 14 1.58 -3.63 0.76
C LEU A 14 0.80 -3.55 2.09
N SER A 15 0.05 -4.60 2.45
CA SER A 15 -0.68 -4.67 3.72
C SER A 15 0.25 -4.55 4.94
N ARG A 16 1.32 -5.34 4.99
CA ARG A 16 2.28 -5.29 6.13
C ARG A 16 3.05 -3.97 6.18
N LEU A 17 3.28 -3.33 5.03
CA LEU A 17 3.88 -2.00 4.94
C LEU A 17 2.95 -0.91 5.50
N VAL A 18 1.69 -0.86 5.05
CA VAL A 18 0.69 0.13 5.51
C VAL A 18 0.32 -0.05 6.99
N ALA A 19 0.27 -1.29 7.49
CA ALA A 19 0.07 -1.58 8.91
C ALA A 19 1.12 -0.91 9.81
N GLY A 20 2.35 -0.71 9.31
CA GLY A 20 3.44 -0.01 10.00
C GLY A 20 3.32 1.52 10.07
N PHE A 21 2.31 2.12 9.41
CA PHE A 21 2.06 3.57 9.39
C PHE A 21 0.77 3.98 10.13
N VAL A 22 -0.08 3.01 10.52
CA VAL A 22 -1.30 3.26 11.31
C VAL A 22 -0.90 3.81 12.70
N PRO A 23 -1.42 4.99 13.11
CA PRO A 23 -0.98 5.71 14.31
C PRO A 23 -1.59 5.16 15.62
N ASP A 24 -2.81 4.64 15.55
CA ASP A 24 -3.61 4.17 16.70
C ASP A 24 -3.18 2.77 17.18
N ALA A 25 -3.75 2.32 18.31
CA ALA A 25 -3.64 0.95 18.84
C ALA A 25 -4.29 -0.15 17.96
N ALA A 26 -4.73 0.19 16.73
CA ALA A 26 -5.26 -0.72 15.74
C ALA A 26 -4.29 -1.87 15.39
N GLY A 27 -2.99 -1.55 15.27
CA GLY A 27 -1.87 -2.50 15.07
C GLY A 27 -1.84 -3.25 13.72
N SER A 28 -2.84 -3.04 12.86
CA SER A 28 -3.00 -3.67 11.54
C SER A 28 -3.92 -2.82 10.65
N VAL A 29 -3.83 -3.04 9.33
CA VAL A 29 -4.66 -2.35 8.32
C VAL A 29 -5.83 -3.23 7.85
N ASP A 30 -7.02 -2.66 7.76
CA ASP A 30 -8.23 -3.30 7.21
C ASP A 30 -8.36 -3.10 5.68
N PRO A 31 -8.73 -4.12 4.88
CA PRO A 31 -8.86 -4.00 3.43
C PRO A 31 -10.12 -3.23 2.98
N ASP A 32 -11.13 -3.10 3.84
CA ASP A 32 -12.42 -2.44 3.53
C ASP A 32 -12.50 -0.98 4.06
N ARG A 33 -11.39 -0.42 4.56
CA ARG A 33 -11.24 0.97 5.01
C ARG A 33 -10.07 1.65 4.31
N THR A 34 -10.21 2.95 4.02
CA THR A 34 -9.15 3.74 3.37
C THR A 34 -8.02 4.10 4.31
N LEU A 35 -6.85 4.44 3.75
CA LEU A 35 -5.69 4.87 4.52
C LEU A 35 -5.94 6.22 5.24
N LEU A 36 -6.83 7.06 4.70
CA LEU A 36 -7.35 8.26 5.36
C LEU A 36 -8.23 7.94 6.59
N GLU A 37 -9.07 6.89 6.51
CA GLU A 37 -9.87 6.41 7.65
C GLU A 37 -9.05 5.69 8.73
N HIS A 38 -7.90 5.08 8.39
CA HIS A 38 -6.89 4.65 9.36
C HIS A 38 -6.17 5.83 10.05
N GLY A 39 -6.30 7.06 9.52
CA GLY A 39 -5.83 8.29 10.16
C GLY A 39 -4.35 8.60 9.91
N ILE A 40 -3.74 7.96 8.93
CA ILE A 40 -2.31 8.11 8.58
C ILE A 40 -2.02 9.56 8.17
N ASP A 41 -1.00 10.17 8.78
CA ASP A 41 -0.60 11.57 8.56
C ASP A 41 -0.05 11.81 7.14
N SER A 42 -0.10 13.06 6.68
CA SER A 42 0.52 13.50 5.41
C SER A 42 1.99 13.04 5.24
N ILE A 43 2.83 13.27 6.25
CA ILE A 43 4.24 12.86 6.26
C ILE A 43 4.38 11.32 6.21
N ASN A 44 3.51 10.58 6.90
CA ASN A 44 3.53 9.11 6.87
C ASN A 44 2.98 8.52 5.55
N LEU A 45 2.05 9.19 4.86
CA LEU A 45 1.68 8.87 3.48
C LEU A 45 2.82 9.18 2.49
N MET A 46 3.62 10.24 2.73
CA MET A 46 4.84 10.51 1.95
C MET A 46 5.94 9.47 2.21
N ASN A 47 6.10 8.99 3.46
CA ASN A 47 6.99 7.87 3.79
C ASN A 47 6.53 6.57 3.09
N LEU A 48 5.22 6.29 3.09
CA LEU A 48 4.62 5.17 2.35
C LEU A 48 4.86 5.28 0.83
N ARG A 49 4.71 6.48 0.24
CA ARG A 49 5.00 6.75 -1.18
C ARG A 49 6.45 6.39 -1.55
N PHE A 50 7.41 6.81 -0.73
CA PHE A 50 8.83 6.49 -0.90
C PHE A 50 9.11 4.98 -0.75
N GLU A 51 8.54 4.32 0.26
CA GLU A 51 8.68 2.88 0.46
C GLU A 51 8.06 2.05 -0.66
N ILE A 52 6.88 2.42 -1.18
CA ILE A 52 6.26 1.76 -2.34
C ILE A 52 7.13 1.96 -3.59
N THR A 53 7.70 3.14 -3.79
CA THR A 53 8.62 3.44 -4.90
C THR A 53 9.87 2.55 -4.84
N GLU A 54 10.48 2.40 -3.66
CA GLU A 54 11.67 1.55 -3.46
C GLU A 54 11.37 0.05 -3.59
N ARG A 55 10.21 -0.41 -3.10
CA ARG A 55 9.84 -1.86 -3.05
C ARG A 55 9.24 -2.40 -4.35
N PHE A 56 8.52 -1.58 -5.12
CA PHE A 56 7.76 -2.00 -6.30
C PHE A 56 8.05 -1.20 -7.58
N GLY A 57 8.81 -0.10 -7.50
CA GLY A 57 9.12 0.76 -8.66
C GLY A 57 7.91 1.54 -9.19
N ARG A 58 6.87 1.74 -8.36
CA ARG A 58 5.54 2.22 -8.76
C ARG A 58 5.05 3.38 -7.88
N THR A 59 5.62 4.57 -8.11
CA THR A 59 5.22 5.81 -7.43
C THR A 59 3.75 6.15 -7.74
N LEU A 60 3.01 6.61 -6.73
CA LEU A 60 1.59 7.00 -6.82
C LEU A 60 1.36 8.41 -6.24
N PRO A 61 0.34 9.16 -6.70
CA PRO A 61 0.02 10.49 -6.17
C PRO A 61 -0.50 10.44 -4.73
N LEU A 62 -0.21 11.47 -3.95
CA LEU A 62 -0.57 11.54 -2.51
C LEU A 62 -2.09 11.58 -2.29
N GLN A 63 -2.85 12.16 -3.23
CA GLN A 63 -4.32 12.17 -3.20
C GLN A 63 -4.93 10.77 -3.35
N LEU A 64 -4.32 9.90 -4.19
CA LEU A 64 -4.71 8.49 -4.28
C LEU A 64 -4.33 7.73 -3.01
N LEU A 65 -3.12 7.94 -2.48
CA LEU A 65 -2.61 7.24 -1.30
C LEU A 65 -3.42 7.47 -0.01
N SER A 66 -4.19 8.57 0.10
CA SER A 66 -5.17 8.75 1.19
C SER A 66 -6.54 8.11 0.89
N GLU A 67 -7.14 8.36 -0.28
CA GLU A 67 -8.53 7.99 -0.61
C GLU A 67 -8.74 6.52 -1.03
N SER A 68 -7.66 5.79 -1.28
CA SER A 68 -7.63 4.37 -1.62
C SER A 68 -7.66 3.44 -0.40
N THR A 69 -7.98 2.17 -0.64
CA THR A 69 -7.76 1.04 0.28
C THR A 69 -6.51 0.23 -0.12
N VAL A 70 -6.08 -0.70 0.75
CA VAL A 70 -4.97 -1.64 0.49
C VAL A 70 -5.11 -2.43 -0.83
N PRO A 71 -6.22 -3.15 -1.11
CA PRO A 71 -6.39 -3.86 -2.38
C PRO A 71 -6.48 -2.93 -3.60
N VAL A 72 -6.97 -1.70 -3.43
CA VAL A 72 -6.97 -0.67 -4.51
C VAL A 72 -5.54 -0.22 -4.85
N LEU A 73 -4.68 0.03 -3.85
CA LEU A 73 -3.26 0.34 -4.07
C LEU A 73 -2.51 -0.82 -4.73
N ALA A 74 -2.70 -2.04 -4.21
CA ALA A 74 -2.08 -3.26 -4.74
C ALA A 74 -2.41 -3.51 -6.23
N ALA A 75 -3.58 -3.07 -6.73
CA ALA A 75 -3.95 -3.24 -8.14
C ALA A 75 -3.11 -2.38 -9.10
N HIS A 76 -2.63 -1.20 -8.69
CA HIS A 76 -1.74 -0.33 -9.49
C HIS A 76 -0.30 -0.88 -9.56
N LEU A 77 0.16 -1.56 -8.50
CA LEU A 77 1.41 -2.31 -8.47
C LEU A 77 1.31 -3.60 -9.31
N SER A 78 0.15 -4.28 -9.24
CA SER A 78 -0.15 -5.51 -10.01
C SER A 78 -0.46 -5.27 -11.50
N ALA A 79 -0.42 -4.03 -11.98
CA ALA A 79 -0.70 -3.65 -13.38
C ALA A 79 0.38 -4.07 -14.41
N ASP A 80 1.43 -4.74 -13.93
CA ASP A 80 2.48 -5.37 -14.75
C ASP A 80 1.98 -6.64 -15.48
N ARG A 81 2.81 -7.20 -16.37
CA ARG A 81 2.45 -8.40 -17.18
C ARG A 81 2.16 -9.62 -16.30
N ALA A 82 1.16 -10.41 -16.68
CA ALA A 82 0.66 -11.58 -15.95
C ALA A 82 1.52 -12.87 -16.18
N HIS A 83 2.84 -12.74 -16.07
CA HIS A 83 3.82 -13.83 -16.23
C HIS A 83 3.63 -14.96 -15.20
O23 PNS B . -0.66 17.46 6.80
P24 PNS B . 0.79 17.17 6.82
O26 PNS B . 1.56 17.45 8.06
O27 PNS B . 1.47 17.96 5.61
C28 PNS B . 2.84 17.81 5.31
C29 PNS B . 3.29 18.74 4.17
C30 PNS B . 4.71 18.31 3.72
C31 PNS B . 2.33 18.52 2.97
C32 PNS B . 3.23 20.23 4.63
O33 PNS B . 4.13 20.44 5.74
C34 PNS B . 3.49 21.26 3.49
O35 PNS B . 2.54 21.80 2.91
N36 PNS B . 4.75 21.53 3.17
C37 PNS B . 5.17 22.45 2.13
C38 PNS B . 6.70 22.58 2.12
C39 PNS B . 7.40 21.28 1.71
O40 PNS B . 7.88 20.55 2.57
N41 PNS B . 7.44 20.99 0.41
C42 PNS B . 8.05 19.82 -0.18
C43 PNS B . 9.50 20.12 -0.58
S44 PNS B . 10.24 18.66 -1.38
H282 PNS B . 3.03 16.77 5.03
H281 PNS B . 3.44 18.02 6.20
H303 PNS B . 4.71 17.25 3.47
H302 PNS B . 5.04 18.88 2.85
H301 PNS B . 5.41 18.45 4.54
H313 PNS B . 1.35 18.95 3.17
H312 PNS B . 2.72 18.99 2.06
H311 PNS B . 2.20 17.46 2.80
H32 PNS B . 2.22 20.42 4.99
H33 PNS B . 4.01 21.34 6.09
H36 PNS B . 5.47 21.05 3.70
H372 PNS B . 4.82 22.09 1.16
H371 PNS B . 4.73 23.43 2.30
H382 PNS B . 6.97 23.36 1.41
H381 PNS B . 7.04 22.89 3.10
H41 PNS B . 7.00 21.66 -0.22
H422 PNS B . 8.04 18.98 0.53
H421 PNS B . 7.49 19.52 -1.06
H431 PNS B . 9.53 20.97 -1.26
H432 PNS B . 10.08 20.37 0.32
H44 PNS B . 11.44 19.20 -1.60
N GLY A 1 16.34 -14.46 -8.15
CA GLY A 1 16.54 -15.74 -8.86
C GLY A 1 15.72 -15.80 -10.15
N PRO A 2 15.74 -16.95 -10.85
CA PRO A 2 14.97 -17.15 -12.09
C PRO A 2 13.45 -17.21 -11.85
N GLY A 3 12.67 -17.05 -12.94
CA GLY A 3 11.20 -17.10 -12.90
C GLY A 3 10.57 -15.82 -12.34
N SER A 4 10.87 -14.67 -12.96
CA SER A 4 10.42 -13.34 -12.51
C SER A 4 8.93 -13.05 -12.70
N MET A 5 8.17 -13.92 -13.37
CA MET A 5 6.70 -13.84 -13.47
C MET A 5 6.05 -13.86 -12.09
N TYR A 6 5.17 -12.89 -11.83
CA TYR A 6 4.64 -12.63 -10.48
C TYR A 6 3.49 -13.58 -10.11
N GLY A 7 3.69 -14.35 -9.03
CA GLY A 7 2.72 -15.31 -8.47
C GLY A 7 2.30 -14.98 -7.02
N GLU A 8 3.08 -14.17 -6.32
CA GLU A 8 2.81 -13.66 -4.97
C GLU A 8 1.70 -12.58 -4.95
N ALA A 9 1.05 -12.41 -3.80
CA ALA A 9 0.03 -11.38 -3.59
C ALA A 9 0.65 -10.04 -3.15
N VAL A 10 0.37 -8.95 -3.89
CA VAL A 10 0.78 -7.59 -3.50
C VAL A 10 -0.03 -7.08 -2.31
N THR A 11 -1.30 -7.47 -2.18
CA THR A 11 -2.20 -7.05 -1.10
C THR A 11 -1.68 -7.45 0.29
N GLU A 12 -1.11 -8.65 0.42
CA GLU A 12 -0.48 -9.15 1.66
C GLU A 12 0.77 -8.34 2.06
N GLN A 13 1.56 -7.89 1.07
CA GLN A 13 2.76 -7.09 1.29
C GLN A 13 2.40 -5.64 1.66
N LEU A 14 1.44 -5.03 0.95
CA LEU A 14 1.01 -3.67 1.21
C LEU A 14 0.26 -3.54 2.55
N SER A 15 -0.50 -4.55 2.97
CA SER A 15 -1.12 -4.60 4.31
C SER A 15 -0.08 -4.48 5.43
N ARG A 16 1.02 -5.26 5.33
CA ARG A 16 2.12 -5.26 6.30
C ARG A 16 2.97 -3.98 6.26
N LEU A 17 3.11 -3.36 5.08
CA LEU A 17 3.78 -2.07 4.92
C LEU A 17 2.99 -0.91 5.56
N VAL A 18 1.67 -0.84 5.30
CA VAL A 18 0.76 0.18 5.85
C VAL A 18 0.60 0.04 7.38
N ALA A 19 0.71 -1.18 7.91
CA ALA A 19 0.76 -1.42 9.36
C ALA A 19 2.01 -0.81 10.04
N GLY A 20 3.03 -0.41 9.27
CA GLY A 20 4.18 0.38 9.73
C GLY A 20 3.93 1.90 9.80
N PHE A 21 2.78 2.38 9.30
CA PHE A 21 2.45 3.81 9.16
C PHE A 21 1.13 4.24 9.82
N VAL A 22 0.29 3.30 10.26
CA VAL A 22 -0.89 3.59 11.11
C VAL A 22 -0.46 4.26 12.44
N PRO A 23 -0.95 5.48 12.77
CA PRO A 23 -0.44 6.26 13.90
C PRO A 23 -1.00 5.81 15.26
N ASP A 24 -2.21 5.25 15.29
CA ASP A 24 -2.85 4.70 16.49
C ASP A 24 -2.28 3.32 16.88
N ALA A 25 -2.64 2.83 18.07
CA ALA A 25 -2.32 1.51 18.62
C ALA A 25 -3.06 0.33 17.91
N ALA A 26 -3.42 0.50 16.64
CA ALA A 26 -4.17 -0.48 15.84
C ALA A 26 -3.41 -1.81 15.64
N GLY A 27 -2.09 -1.73 15.36
CA GLY A 27 -1.18 -2.88 15.22
C GLY A 27 -1.44 -3.79 14.00
N SER A 28 -2.41 -3.44 13.16
CA SER A 28 -2.91 -4.22 12.02
C SER A 28 -3.67 -3.32 11.02
N VAL A 29 -4.04 -3.88 9.86
CA VAL A 29 -4.66 -3.16 8.73
C VAL A 29 -5.84 -3.95 8.17
N ASP A 30 -6.96 -3.28 7.94
CA ASP A 30 -8.20 -3.84 7.36
C ASP A 30 -8.34 -3.44 5.87
N PRO A 31 -8.49 -4.39 4.93
CA PRO A 31 -8.54 -4.09 3.49
C PRO A 31 -9.85 -3.41 3.04
N ASP A 32 -10.91 -3.46 3.85
CA ASP A 32 -12.19 -2.78 3.57
C ASP A 32 -12.12 -1.25 3.77
N ARG A 33 -11.15 -0.76 4.55
CA ARG A 33 -10.94 0.68 4.86
C ARG A 33 -9.96 1.33 3.87
N THR A 34 -10.08 2.65 3.71
CA THR A 34 -9.02 3.46 3.09
C THR A 34 -7.86 3.71 4.05
N LEU A 35 -6.72 4.13 3.53
CA LEU A 35 -5.55 4.48 4.35
C LEU A 35 -5.78 5.79 5.13
N LEU A 36 -6.65 6.67 4.62
CA LEU A 36 -7.17 7.84 5.35
C LEU A 36 -8.06 7.45 6.54
N GLU A 37 -8.87 6.38 6.43
CA GLU A 37 -9.67 5.84 7.54
C GLU A 37 -8.85 5.13 8.63
N HIS A 38 -7.63 4.66 8.32
CA HIS A 38 -6.63 4.28 9.34
C HIS A 38 -6.03 5.50 10.07
N GLY A 39 -6.25 6.72 9.55
CA GLY A 39 -5.86 7.99 10.18
C GLY A 39 -4.47 8.50 9.79
N ILE A 40 -3.82 7.87 8.81
CA ILE A 40 -2.44 8.15 8.39
C ILE A 40 -2.36 9.57 7.82
N ASP A 41 -1.50 10.41 8.39
CA ASP A 41 -1.29 11.81 7.96
C ASP A 41 -0.40 11.92 6.72
N SER A 42 -0.34 13.12 6.12
CA SER A 42 0.48 13.38 4.93
C SER A 42 1.97 13.02 5.09
N ILE A 43 2.53 13.25 6.28
CA ILE A 43 3.93 12.92 6.62
C ILE A 43 4.19 11.42 6.51
N ASN A 44 3.35 10.58 7.12
CA ASN A 44 3.44 9.13 7.01
C ASN A 44 3.03 8.59 5.62
N LEU A 45 2.11 9.25 4.90
CA LEU A 45 1.80 8.93 3.50
C LEU A 45 3.00 9.23 2.56
N MET A 46 3.78 10.29 2.80
CA MET A 46 5.02 10.55 2.05
C MET A 46 6.11 9.51 2.35
N ASN A 47 6.19 8.99 3.58
CA ASN A 47 7.10 7.90 3.91
C ASN A 47 6.66 6.58 3.24
N LEU A 48 5.35 6.29 3.23
CA LEU A 48 4.76 5.17 2.49
C LEU A 48 5.01 5.29 0.97
N ARG A 49 4.89 6.50 0.40
CA ARG A 49 5.19 6.81 -1.02
C ARG A 49 6.63 6.44 -1.38
N PHE A 50 7.59 6.81 -0.55
CA PHE A 50 9.00 6.46 -0.74
C PHE A 50 9.25 4.94 -0.61
N GLU A 51 8.65 4.26 0.37
CA GLU A 51 8.73 2.79 0.50
C GLU A 51 8.12 2.06 -0.70
N ILE A 52 6.93 2.47 -1.19
CA ILE A 52 6.31 1.87 -2.38
C ILE A 52 7.14 2.16 -3.64
N THR A 53 7.79 3.32 -3.73
CA THR A 53 8.74 3.64 -4.82
C THR A 53 9.95 2.70 -4.79
N GLU A 54 10.54 2.45 -3.63
CA GLU A 54 11.68 1.53 -3.47
C GLU A 54 11.32 0.05 -3.71
N ARG A 55 10.12 -0.38 -3.30
CA ARG A 55 9.66 -1.79 -3.36
C ARG A 55 8.99 -2.19 -4.69
N PHE A 56 8.30 -1.25 -5.35
CA PHE A 56 7.45 -1.52 -6.54
C PHE A 56 7.64 -0.52 -7.70
N GLY A 57 8.43 0.54 -7.51
CA GLY A 57 8.67 1.58 -8.53
C GLY A 57 7.51 2.57 -8.75
N ARG A 58 6.51 2.57 -7.85
CA ARG A 58 5.22 3.27 -8.01
C ARG A 58 5.15 4.54 -7.14
N THR A 59 5.64 5.66 -7.64
CA THR A 59 5.60 6.97 -6.96
C THR A 59 4.22 7.63 -7.09
N LEU A 60 3.21 7.04 -6.45
CA LEU A 60 1.81 7.45 -6.52
C LEU A 60 1.55 8.78 -5.76
N PRO A 61 0.62 9.63 -6.22
CA PRO A 61 0.29 10.90 -5.56
C PRO A 61 -0.39 10.68 -4.19
N LEU A 62 -0.18 11.61 -3.25
CA LEU A 62 -0.73 11.53 -1.87
C LEU A 62 -2.26 11.46 -1.85
N GLN A 63 -2.96 12.13 -2.77
CA GLN A 63 -4.42 12.10 -2.86
C GLN A 63 -4.94 10.70 -3.22
N LEU A 64 -4.23 9.97 -4.10
CA LEU A 64 -4.57 8.58 -4.42
C LEU A 64 -4.24 7.65 -3.24
N LEU A 65 -3.08 7.84 -2.61
CA LEU A 65 -2.65 7.04 -1.46
C LEU A 65 -3.61 7.15 -0.26
N SER A 66 -4.19 8.34 0.01
CA SER A 66 -5.17 8.53 1.08
C SER A 66 -6.57 7.96 0.73
N GLU A 67 -7.12 8.27 -0.44
CA GLU A 67 -8.52 7.95 -0.80
C GLU A 67 -8.76 6.50 -1.25
N SER A 68 -7.69 5.75 -1.55
CA SER A 68 -7.76 4.33 -1.94
C SER A 68 -7.79 3.39 -0.73
N THR A 69 -8.31 2.19 -0.94
CA THR A 69 -8.13 1.04 -0.04
C THR A 69 -6.86 0.27 -0.38
N VAL A 70 -6.45 -0.62 0.52
CA VAL A 70 -5.30 -1.52 0.38
C VAL A 70 -5.33 -2.35 -0.92
N PRO A 71 -6.41 -3.11 -1.25
CA PRO A 71 -6.48 -3.86 -2.51
C PRO A 71 -6.51 -2.97 -3.76
N VAL A 72 -7.05 -1.74 -3.68
CA VAL A 72 -7.03 -0.77 -4.79
C VAL A 72 -5.59 -0.30 -5.08
N LEU A 73 -4.80 0.04 -4.06
CA LEU A 73 -3.37 0.32 -4.25
C LEU A 73 -2.60 -0.91 -4.76
N ALA A 74 -2.86 -2.10 -4.20
CA ALA A 74 -2.22 -3.33 -4.65
C ALA A 74 -2.49 -3.65 -6.14
N ALA A 75 -3.67 -3.30 -6.66
CA ALA A 75 -4.02 -3.45 -8.07
C ALA A 75 -3.26 -2.46 -9.00
N HIS A 76 -2.98 -1.23 -8.55
CA HIS A 76 -2.14 -0.29 -9.31
C HIS A 76 -0.67 -0.77 -9.39
N LEU A 77 -0.16 -1.36 -8.31
CA LEU A 77 1.19 -1.96 -8.24
C LEU A 77 1.31 -3.25 -9.07
N SER A 78 0.31 -4.15 -9.01
CA SER A 78 0.37 -5.46 -9.67
C SER A 78 0.24 -5.39 -11.20
N ALA A 79 -0.25 -4.26 -11.74
CA ALA A 79 -0.38 -3.98 -13.17
C ALA A 79 0.95 -3.64 -13.88
N ASP A 80 2.07 -3.71 -13.18
CA ASP A 80 3.43 -3.57 -13.76
C ASP A 80 3.77 -4.77 -14.66
N ARG A 81 3.77 -4.54 -15.99
CA ARG A 81 4.06 -5.46 -17.10
C ARG A 81 3.17 -6.71 -17.25
N ALA A 82 2.56 -7.19 -16.17
CA ALA A 82 1.57 -8.28 -16.11
C ALA A 82 2.05 -9.63 -16.73
N HIS A 83 3.37 -9.88 -16.74
CA HIS A 83 3.98 -11.10 -17.29
C HIS A 83 3.67 -12.37 -16.46
O23 PNS B . -1.45 17.13 5.52
P24 PNS B . 0.03 17.21 5.59
O26 PNS B . 0.66 17.94 6.73
O27 PNS B . 0.57 17.80 4.21
C28 PNS B . 1.91 18.23 4.09
C29 PNS B . 2.29 18.58 2.63
C30 PNS B . 3.79 18.93 2.66
C31 PNS B . 2.13 17.32 1.74
C32 PNS B . 1.50 19.82 2.11
O33 PNS B . 1.97 20.19 0.81
C34 PNS B . -0.05 19.72 2.13
O35 PNS B . -0.72 20.43 2.89
N36 PNS B . -0.61 18.88 1.25
C37 PNS B . -2.04 18.68 1.04
C38 PNS B . -2.50 19.42 -0.21
C39 PNS B . -1.87 18.92 -1.52
O40 PNS B . -1.31 17.83 -1.58
N41 PNS B . -1.95 19.74 -2.56
C42 PNS B . -1.40 19.49 -3.90
C43 PNS B . -2.53 19.29 -4.92
S44 PNS B . -3.47 17.77 -4.57
H282 PNS B . 2.57 17.44 4.44
H281 PNS B . 2.07 19.12 4.71
H303 PNS B . 4.38 18.11 3.09
H302 PNS B . 4.16 19.11 1.65
H301 PNS B . 3.96 19.82 3.27
H313 PNS B . 1.11 16.95 1.75
H312 PNS B . 2.40 17.55 0.71
H311 PNS B . 2.78 16.52 2.11
H32 PNS B . 1.76 20.64 2.79
H33 PNS B . 1.58 21.07 0.56
H36 PNS B . 0.02 18.37 0.65
H372 PNS B . -2.25 17.61 0.92
H371 PNS B . -2.61 19.05 1.91
H382 PNS B . -3.58 19.32 -0.30
H381 PNS B . -2.26 20.48 -0.09
H41 PNS B . -2.43 20.61 -2.42
H422 PNS B . -0.81 20.35 -4.20
H421 PNS B . -0.76 18.60 -3.89
H431 PNS B . -3.19 20.14 -4.89
H432 PNS B . -2.10 19.21 -5.92
H44 PNS B . -3.85 18.13 -3.33
N GLY A 1 -6.63 -31.96 -1.84
CA GLY A 1 -7.29 -31.57 -3.11
C GLY A 1 -6.34 -30.76 -4.01
N PRO A 2 -6.88 -29.90 -4.90
CA PRO A 2 -6.09 -29.06 -5.80
C PRO A 2 -5.13 -28.08 -5.09
N GLY A 3 -4.10 -27.63 -5.84
CA GLY A 3 -3.16 -26.59 -5.39
C GLY A 3 -3.76 -25.17 -5.36
N SER A 4 -2.93 -24.18 -5.01
CA SER A 4 -3.32 -22.77 -4.89
C SER A 4 -2.16 -21.82 -5.27
N MET A 5 -2.48 -20.77 -6.02
CA MET A 5 -1.56 -19.66 -6.35
C MET A 5 -1.56 -18.53 -5.30
N TYR A 6 -2.52 -18.54 -4.37
CA TYR A 6 -2.85 -17.41 -3.48
C TYR A 6 -2.04 -17.38 -2.16
N GLY A 7 -1.00 -18.21 -2.02
CA GLY A 7 -0.11 -18.25 -0.84
C GLY A 7 0.69 -16.97 -0.59
N GLU A 8 0.93 -16.16 -1.63
CA GLU A 8 1.51 -14.81 -1.55
C GLU A 8 1.03 -13.93 -2.72
N ALA A 9 0.96 -12.62 -2.51
CA ALA A 9 0.52 -11.62 -3.49
C ALA A 9 1.03 -10.22 -3.16
N VAL A 10 0.86 -9.26 -4.08
CA VAL A 10 1.18 -7.83 -3.86
C VAL A 10 0.38 -7.25 -2.70
N THR A 11 -0.89 -7.66 -2.55
CA THR A 11 -1.78 -7.20 -1.46
C THR A 11 -1.27 -7.62 -0.08
N GLU A 12 -0.71 -8.82 0.06
CA GLU A 12 -0.15 -9.31 1.32
C GLU A 12 1.11 -8.52 1.74
N GLN A 13 1.97 -8.20 0.78
CA GLN A 13 3.18 -7.38 1.00
C GLN A 13 2.81 -5.92 1.34
N LEU A 14 1.86 -5.33 0.62
CA LEU A 14 1.41 -3.95 0.84
C LEU A 14 0.63 -3.80 2.16
N SER A 15 -0.11 -4.82 2.59
CA SER A 15 -0.75 -4.84 3.91
C SER A 15 0.26 -4.71 5.05
N ARG A 16 1.33 -5.53 5.05
CA ARG A 16 2.36 -5.49 6.11
C ARG A 16 3.22 -4.22 6.05
N LEU A 17 3.33 -3.58 4.88
CA LEU A 17 3.95 -2.25 4.73
C LEU A 17 3.09 -1.15 5.39
N VAL A 18 1.79 -1.07 5.04
CA VAL A 18 0.87 -0.05 5.57
C VAL A 18 0.58 -0.23 7.07
N ALA A 19 0.59 -1.47 7.57
CA ALA A 19 0.55 -1.76 9.01
C ALA A 19 1.70 -1.11 9.82
N GLY A 20 2.80 -0.72 9.16
CA GLY A 20 3.91 0.07 9.72
C GLY A 20 3.70 1.60 9.70
N PHE A 21 2.58 2.11 9.17
CA PHE A 21 2.31 3.54 9.00
C PHE A 21 0.99 4.02 9.61
N VAL A 22 0.12 3.11 10.10
CA VAL A 22 -1.05 3.48 10.90
C VAL A 22 -0.61 4.17 12.23
N PRO A 23 -1.04 5.42 12.51
CA PRO A 23 -0.57 6.19 13.67
C PRO A 23 -1.28 5.82 14.98
N ASP A 24 -2.53 5.35 14.88
CA ASP A 24 -3.32 4.83 16.02
C ASP A 24 -2.81 3.45 16.49
N ALA A 25 -3.24 3.03 17.69
CA ALA A 25 -2.88 1.75 18.31
C ALA A 25 -3.53 0.50 17.65
N ALA A 26 -3.86 0.58 16.36
CA ALA A 26 -4.47 -0.48 15.56
C ALA A 26 -3.54 -1.71 15.39
N GLY A 27 -2.23 -1.47 15.22
CA GLY A 27 -1.20 -2.49 15.04
C GLY A 27 -1.26 -3.30 13.73
N SER A 28 -2.24 -3.01 12.87
CA SER A 28 -2.51 -3.70 11.60
C SER A 28 -3.38 -2.80 10.68
N VAL A 29 -3.69 -3.25 9.46
CA VAL A 29 -4.51 -2.52 8.47
C VAL A 29 -5.65 -3.41 7.94
N ASP A 30 -6.85 -2.85 7.88
CA ASP A 30 -8.05 -3.49 7.30
C ASP A 30 -8.13 -3.28 5.78
N PRO A 31 -8.42 -4.30 4.96
CA PRO A 31 -8.56 -4.14 3.51
C PRO A 31 -9.84 -3.39 3.09
N ASP A 32 -10.86 -3.34 3.95
CA ASP A 32 -12.16 -2.71 3.69
C ASP A 32 -12.18 -1.18 3.92
N ARG A 33 -11.09 -0.58 4.43
CA ARG A 33 -10.98 0.83 4.84
C ARG A 33 -9.83 1.55 4.14
N THR A 34 -10.01 2.85 3.86
CA THR A 34 -8.98 3.72 3.24
C THR A 34 -7.88 4.10 4.24
N LEU A 35 -6.78 4.66 3.75
CA LEU A 35 -5.71 5.17 4.61
C LEU A 35 -6.16 6.37 5.46
N LEU A 36 -7.14 7.16 4.97
CA LEU A 36 -7.79 8.23 5.74
C LEU A 36 -8.73 7.69 6.84
N GLU A 37 -9.37 6.54 6.63
CA GLU A 37 -10.15 5.85 7.68
C GLU A 37 -9.25 5.22 8.77
N HIS A 38 -8.02 4.79 8.42
CA HIS A 38 -6.97 4.46 9.39
C HIS A 38 -6.33 5.70 10.03
N GLY A 39 -6.53 6.88 9.44
CA GLY A 39 -6.13 8.18 9.99
C GLY A 39 -4.68 8.59 9.70
N ILE A 40 -4.07 7.98 8.69
CA ILE A 40 -2.67 8.20 8.32
C ILE A 40 -2.47 9.64 7.83
N ASP A 41 -1.61 10.38 8.53
CA ASP A 41 -1.26 11.78 8.22
C ASP A 41 -0.36 11.92 6.98
N SER A 42 -0.29 13.13 6.43
CA SER A 42 0.55 13.49 5.26
C SER A 42 2.00 13.01 5.35
N ILE A 43 2.66 13.17 6.50
CA ILE A 43 4.06 12.78 6.71
C ILE A 43 4.23 11.25 6.61
N ASN A 44 3.38 10.47 7.28
CA ASN A 44 3.38 9.00 7.14
C ASN A 44 2.96 8.54 5.73
N LEU A 45 2.04 9.23 5.04
CA LEU A 45 1.71 8.96 3.64
C LEU A 45 2.92 9.21 2.72
N MET A 46 3.70 10.27 2.94
CA MET A 46 4.92 10.57 2.15
C MET A 46 6.08 9.59 2.41
N ASN A 47 6.18 9.00 3.61
CA ASN A 47 7.12 7.90 3.87
C ASN A 47 6.65 6.60 3.18
N LEU A 48 5.36 6.27 3.28
CA LEU A 48 4.74 5.13 2.58
C LEU A 48 4.93 5.25 1.06
N ARG A 49 4.73 6.44 0.49
CA ARG A 49 4.97 6.78 -0.93
C ARG A 49 6.37 6.37 -1.39
N PHE A 50 7.40 6.90 -0.73
CA PHE A 50 8.81 6.55 -1.01
C PHE A 50 9.09 5.04 -0.87
N GLU A 51 8.56 4.38 0.17
CA GLU A 51 8.70 2.93 0.35
C GLU A 51 8.03 2.12 -0.77
N ILE A 52 6.87 2.57 -1.28
CA ILE A 52 6.20 1.93 -2.44
C ILE A 52 7.06 2.02 -3.71
N THR A 53 7.72 3.16 -3.95
CA THR A 53 8.68 3.31 -5.07
C THR A 53 9.85 2.33 -4.93
N GLU A 54 10.43 2.20 -3.74
CA GLU A 54 11.56 1.30 -3.48
C GLU A 54 11.18 -0.20 -3.58
N ARG A 55 9.98 -0.58 -3.13
CA ARG A 55 9.52 -1.98 -3.01
C ARG A 55 8.81 -2.52 -4.25
N PHE A 56 8.01 -1.70 -4.93
CA PHE A 56 7.15 -2.12 -6.06
C PHE A 56 7.48 -1.43 -7.39
N GLY A 57 8.19 -0.29 -7.37
CA GLY A 57 8.83 0.31 -8.55
C GLY A 57 8.01 1.37 -9.29
N ARG A 58 7.01 1.96 -8.61
CA ARG A 58 6.07 2.94 -9.18
C ARG A 58 5.92 4.19 -8.29
N THR A 59 5.93 5.36 -8.91
CA THR A 59 5.52 6.63 -8.27
C THR A 59 4.04 6.92 -8.57
N LEU A 60 3.30 7.39 -7.56
CA LEU A 60 1.86 7.68 -7.59
C LEU A 60 1.58 8.99 -6.82
N PRO A 61 0.47 9.71 -7.09
CA PRO A 61 0.10 10.90 -6.33
C PRO A 61 -0.34 10.60 -4.89
N LEU A 62 -0.04 11.50 -3.96
CA LEU A 62 -0.41 11.36 -2.54
C LEU A 62 -1.94 11.40 -2.32
N GLN A 63 -2.67 12.07 -3.21
CA GLN A 63 -4.14 12.08 -3.22
C GLN A 63 -4.75 10.68 -3.47
N LEU A 64 -4.12 9.87 -4.33
CA LEU A 64 -4.51 8.48 -4.54
C LEU A 64 -4.26 7.65 -3.26
N LEU A 65 -3.10 7.80 -2.62
CA LEU A 65 -2.81 7.11 -1.35
C LEU A 65 -3.85 7.46 -0.26
N SER A 66 -4.27 8.73 -0.20
CA SER A 66 -5.25 9.22 0.77
C SER A 66 -6.64 8.58 0.59
N GLU A 67 -7.15 8.50 -0.65
CA GLU A 67 -8.53 8.06 -0.94
C GLU A 67 -8.70 6.55 -1.20
N SER A 68 -7.60 5.79 -1.33
CA SER A 68 -7.57 4.35 -1.64
C SER A 68 -7.51 3.45 -0.40
N THR A 69 -7.96 2.21 -0.57
CA THR A 69 -7.71 1.08 0.34
C THR A 69 -6.43 0.33 -0.04
N VAL A 70 -5.97 -0.58 0.81
CA VAL A 70 -4.81 -1.46 0.54
C VAL A 70 -5.00 -2.32 -0.73
N PRO A 71 -6.14 -3.02 -0.95
CA PRO A 71 -6.41 -3.71 -2.23
C PRO A 71 -6.41 -2.81 -3.46
N VAL A 72 -6.92 -1.57 -3.37
CA VAL A 72 -6.90 -0.60 -4.48
C VAL A 72 -5.47 -0.19 -4.85
N LEU A 73 -4.60 0.10 -3.87
CA LEU A 73 -3.18 0.31 -4.12
C LEU A 73 -2.50 -0.92 -4.72
N ALA A 74 -2.71 -2.10 -4.13
CA ALA A 74 -2.09 -3.34 -4.60
C ALA A 74 -2.43 -3.67 -6.06
N ALA A 75 -3.63 -3.31 -6.53
CA ALA A 75 -4.00 -3.42 -7.95
C ALA A 75 -3.16 -2.52 -8.88
N HIS A 76 -2.86 -1.27 -8.48
CA HIS A 76 -1.98 -0.36 -9.23
C HIS A 76 -0.52 -0.82 -9.26
N LEU A 77 0.00 -1.40 -8.18
CA LEU A 77 1.35 -1.98 -8.16
C LEU A 77 1.45 -3.33 -8.91
N SER A 78 0.37 -4.11 -8.90
CA SER A 78 0.29 -5.38 -9.63
C SER A 78 0.26 -5.19 -11.15
N ALA A 79 -0.53 -4.21 -11.61
CA ALA A 79 -0.68 -3.85 -13.02
C ALA A 79 0.43 -2.89 -13.48
N ASP A 80 1.54 -3.43 -13.99
CA ASP A 80 2.70 -2.67 -14.48
C ASP A 80 2.50 -2.00 -15.86
N ARG A 81 1.31 -2.11 -16.44
CA ARG A 81 0.85 -1.54 -17.71
C ARG A 81 -0.57 -0.97 -17.60
N ALA A 82 -0.85 0.05 -18.40
CA ALA A 82 -2.18 0.67 -18.59
C ALA A 82 -2.60 0.74 -20.07
N HIS A 83 -1.90 -0.01 -20.95
CA HIS A 83 -2.02 -0.02 -22.40
C HIS A 83 -1.60 -1.39 -22.97
O23 PNS B . -0.98 17.24 6.52
P24 PNS B . 0.51 17.19 6.52
O26 PNS B . 1.25 17.65 7.72
O27 PNS B . 1.04 17.99 5.24
C28 PNS B . 2.42 18.22 5.04
C29 PNS B . 2.67 19.11 3.80
C30 PNS B . 2.05 18.43 2.56
C31 PNS B . 1.96 20.47 4.00
C32 PNS B . 4.21 19.26 3.55
O33 PNS B . 4.47 20.18 2.47
C34 PNS B . 5.03 19.63 4.82
O35 PNS B . 5.66 18.75 5.43
N36 PNS B . 5.01 20.90 5.23
C37 PNS B . 5.70 21.42 6.40
C38 PNS B . 4.75 21.34 7.61
C39 PNS B . 5.39 21.84 8.90
O40 PNS B . 6.51 22.36 8.92
N41 PNS B . 4.65 21.70 10.01
C42 PNS B . 5.06 22.09 11.35
C43 PNS B . 4.60 23.52 11.64
S44 PNS B . 5.06 23.99 13.34
H282 PNS B . 2.93 17.26 4.91
H281 PNS B . 2.84 18.70 5.93
H303 PNS B . 0.98 18.32 2.67
H302 PNS B . 2.22 19.02 1.66
H301 PNS B . 2.49 17.44 2.42
H313 PNS B . 0.88 20.33 4.09
H312 PNS B . 2.31 20.95 4.92
H311 PNS B . 2.14 21.14 3.16
H32 PNS B . 4.58 18.29 3.23
H33 PNS B . 5.43 20.17 2.27
H36 PNS B . 4.49 21.54 4.66
H372 PNS B . 6.60 20.83 6.60
H371 PNS B . 5.98 22.46 6.23
H382 PNS B . 3.87 21.94 7.41
H381 PNS B . 4.44 20.31 7.76
H41 PNS B . 3.74 21.29 9.90
H422 PNS B . 4.62 21.41 12.08
H421 PNS B . 6.16 22.04 11.45
H431 PNS B . 5.08 24.20 10.92
H432 PNS B . 3.52 23.58 11.53
H44 PNS B . 6.39 23.87 13.17
N GLY A 1 -17.44 -15.01 -2.11
CA GLY A 1 -16.48 -14.14 -2.80
C GLY A 1 -15.33 -14.92 -3.41
N PRO A 2 -14.15 -14.29 -3.61
CA PRO A 2 -12.95 -14.92 -4.19
C PRO A 2 -12.41 -16.13 -3.39
N GLY A 3 -11.63 -16.98 -4.06
CA GLY A 3 -10.88 -18.09 -3.44
C GLY A 3 -9.66 -17.61 -2.62
N SER A 4 -9.00 -18.56 -1.94
CA SER A 4 -7.77 -18.32 -1.17
C SER A 4 -6.57 -17.96 -2.05
N MET A 5 -5.66 -17.15 -1.51
CA MET A 5 -4.47 -16.63 -2.21
C MET A 5 -3.23 -17.55 -2.15
N TYR A 6 -3.30 -18.65 -1.40
CA TYR A 6 -2.18 -19.58 -1.15
C TYR A 6 -0.90 -18.90 -0.59
N GLY A 7 -1.09 -17.90 0.28
CA GLY A 7 -0.02 -17.12 0.91
C GLY A 7 0.24 -15.77 0.21
N GLU A 8 1.44 -15.62 -0.36
CA GLU A 8 1.97 -14.34 -0.86
C GLU A 8 1.16 -13.72 -2.02
N ALA A 9 0.88 -12.42 -1.90
CA ALA A 9 0.30 -11.55 -2.93
C ALA A 9 0.69 -10.09 -2.66
N VAL A 10 0.48 -9.16 -3.62
CA VAL A 10 0.82 -7.73 -3.45
C VAL A 10 -0.01 -7.10 -2.32
N THR A 11 -1.29 -7.48 -2.20
CA THR A 11 -2.20 -7.05 -1.13
C THR A 11 -1.68 -7.43 0.26
N GLU A 12 -1.15 -8.66 0.39
CA GLU A 12 -0.61 -9.20 1.65
C GLU A 12 0.79 -8.66 1.99
N GLN A 13 1.48 -8.02 1.05
CA GLN A 13 2.72 -7.27 1.32
C GLN A 13 2.42 -5.81 1.71
N LEU A 14 1.52 -5.14 0.98
CA LEU A 14 1.18 -3.73 1.24
C LEU A 14 0.42 -3.54 2.57
N SER A 15 -0.40 -4.52 3.00
CA SER A 15 -1.05 -4.47 4.32
C SER A 15 -0.04 -4.37 5.47
N ARG A 16 1.01 -5.20 5.44
CA ARG A 16 2.11 -5.22 6.42
C ARG A 16 3.04 -4.01 6.30
N LEU A 17 3.17 -3.41 5.11
CA LEU A 17 3.87 -2.13 4.92
C LEU A 17 3.10 -0.96 5.59
N VAL A 18 1.80 -0.86 5.33
CA VAL A 18 0.91 0.17 5.94
C VAL A 18 0.78 -0.01 7.45
N ALA A 19 0.92 -1.24 7.98
CA ALA A 19 0.98 -1.50 9.43
C ALA A 19 2.20 -0.83 10.12
N GLY A 20 3.22 -0.41 9.36
CA GLY A 20 4.34 0.42 9.84
C GLY A 20 4.03 1.93 9.91
N PHE A 21 2.85 2.36 9.41
CA PHE A 21 2.47 3.78 9.28
C PHE A 21 1.13 4.15 9.93
N VAL A 22 0.27 3.17 10.28
CA VAL A 22 -0.96 3.40 11.06
C VAL A 22 -0.64 4.00 12.44
N PRO A 23 -1.16 5.21 12.78
CA PRO A 23 -0.82 5.90 14.04
C PRO A 23 -1.61 5.37 15.26
N ASP A 24 -2.80 4.80 15.04
CA ASP A 24 -3.64 4.21 16.10
C ASP A 24 -3.06 2.89 16.65
N ALA A 25 -3.62 2.41 17.76
CA ALA A 25 -3.36 1.11 18.39
C ALA A 25 -3.86 -0.11 17.57
N ALA A 26 -3.98 0.01 16.24
CA ALA A 26 -4.57 -0.97 15.34
C ALA A 26 -3.76 -2.28 15.23
N GLY A 27 -2.44 -2.18 15.09
CA GLY A 27 -1.50 -3.30 14.93
C GLY A 27 -1.67 -4.12 13.62
N SER A 28 -2.61 -3.73 12.77
CA SER A 28 -3.02 -4.41 11.53
C SER A 28 -3.77 -3.42 10.62
N VAL A 29 -4.08 -3.81 9.38
CA VAL A 29 -4.68 -2.94 8.35
C VAL A 29 -5.81 -3.68 7.61
N ASP A 30 -6.99 -3.05 7.54
CA ASP A 30 -8.19 -3.62 6.91
C ASP A 30 -8.27 -3.34 5.39
N PRO A 31 -8.72 -4.30 4.57
CA PRO A 31 -8.96 -4.08 3.13
C PRO A 31 -10.21 -3.22 2.84
N ASP A 32 -11.12 -3.10 3.80
CA ASP A 32 -12.38 -2.35 3.69
C ASP A 32 -12.24 -0.82 3.91
N ARG A 33 -11.05 -0.35 4.32
CA ARG A 33 -10.79 1.03 4.77
C ARG A 33 -9.64 1.66 3.99
N THR A 34 -9.75 2.96 3.70
CA THR A 34 -8.69 3.75 3.06
C THR A 34 -7.56 4.06 4.05
N LEU A 35 -6.44 4.59 3.56
CA LEU A 35 -5.34 5.07 4.42
C LEU A 35 -5.76 6.25 5.33
N LEU A 36 -6.73 7.07 4.88
CA LEU A 36 -7.34 8.13 5.69
C LEU A 36 -8.32 7.58 6.72
N GLU A 37 -9.01 6.47 6.45
CA GLU A 37 -9.83 5.76 7.45
C GLU A 37 -9.01 4.99 8.50
N HIS A 38 -7.74 4.68 8.20
CA HIS A 38 -6.72 4.31 9.21
C HIS A 38 -6.09 5.53 9.92
N GLY A 39 -6.39 6.75 9.47
CA GLY A 39 -6.04 8.02 10.13
C GLY A 39 -4.61 8.50 9.85
N ILE A 40 -3.95 7.96 8.83
CA ILE A 40 -2.53 8.19 8.53
C ILE A 40 -2.28 9.65 8.11
N ASP A 41 -1.41 10.35 8.84
CA ASP A 41 -1.03 11.75 8.59
C ASP A 41 -0.15 11.89 7.32
N SER A 42 -0.14 13.09 6.73
CA SER A 42 0.60 13.40 5.48
C SER A 42 2.07 12.96 5.48
N ILE A 43 2.82 13.23 6.55
CA ILE A 43 4.22 12.82 6.68
C ILE A 43 4.40 11.29 6.61
N ASN A 44 3.49 10.53 7.19
CA ASN A 44 3.48 9.07 7.09
C ASN A 44 3.02 8.58 5.69
N LEU A 45 2.07 9.26 5.03
CA LEU A 45 1.73 9.02 3.62
C LEU A 45 2.94 9.29 2.69
N MET A 46 3.73 10.33 2.95
CA MET A 46 4.96 10.67 2.21
C MET A 46 6.06 9.62 2.37
N ASN A 47 6.25 9.06 3.57
CA ASN A 47 7.17 7.94 3.79
C ASN A 47 6.67 6.64 3.11
N LEU A 48 5.38 6.34 3.21
CA LEU A 48 4.74 5.19 2.56
C LEU A 48 4.84 5.26 1.03
N ARG A 49 4.65 6.45 0.43
CA ARG A 49 4.84 6.73 -1.00
C ARG A 49 6.26 6.38 -1.45
N PHE A 50 7.28 6.82 -0.71
CA PHE A 50 8.68 6.50 -1.00
C PHE A 50 8.99 5.00 -0.87
N GLU A 51 8.50 4.35 0.17
CA GLU A 51 8.62 2.89 0.35
C GLU A 51 7.95 2.11 -0.81
N ILE A 52 6.74 2.48 -1.22
CA ILE A 52 6.05 1.87 -2.38
C ILE A 52 6.86 2.09 -3.68
N THR A 53 7.39 3.30 -3.88
CA THR A 53 8.25 3.64 -5.03
C THR A 53 9.50 2.75 -5.09
N GLU A 54 10.17 2.54 -3.96
CA GLU A 54 11.37 1.67 -3.86
C GLU A 54 11.06 0.18 -4.03
N ARG A 55 9.96 -0.30 -3.44
CA ARG A 55 9.59 -1.75 -3.38
C ARG A 55 8.93 -2.29 -4.65
N PHE A 56 8.19 -1.45 -5.38
CA PHE A 56 7.37 -1.84 -6.54
C PHE A 56 7.67 -1.07 -7.83
N GLY A 57 8.49 0.00 -7.78
CA GLY A 57 8.84 0.83 -8.94
C GLY A 57 7.69 1.73 -9.44
N ARG A 58 6.71 2.03 -8.58
CA ARG A 58 5.43 2.69 -8.93
C ARG A 58 5.22 3.94 -8.07
N THR A 59 5.55 5.10 -8.62
CA THR A 59 5.44 6.41 -7.92
C THR A 59 3.98 6.90 -7.97
N LEU A 60 3.15 6.47 -7.01
CA LEU A 60 1.75 6.91 -6.92
C LEU A 60 1.66 8.33 -6.32
N PRO A 61 0.65 9.14 -6.70
CA PRO A 61 0.39 10.44 -6.10
C PRO A 61 -0.24 10.32 -4.69
N LEU A 62 0.00 11.33 -3.83
CA LEU A 62 -0.57 11.38 -2.48
C LEU A 62 -2.10 11.49 -2.48
N GLN A 63 -2.71 12.11 -3.51
CA GLN A 63 -4.16 12.19 -3.64
C GLN A 63 -4.80 10.80 -3.76
N LEU A 64 -4.21 9.91 -4.58
CA LEU A 64 -4.66 8.54 -4.76
C LEU A 64 -4.47 7.72 -3.47
N LEU A 65 -3.30 7.82 -2.82
CA LEU A 65 -3.03 7.19 -1.53
C LEU A 65 -4.06 7.62 -0.46
N SER A 66 -4.41 8.91 -0.42
CA SER A 66 -5.37 9.46 0.55
C SER A 66 -6.84 9.02 0.33
N GLU A 67 -7.17 8.36 -0.78
CA GLU A 67 -8.55 7.91 -1.09
C GLU A 67 -8.67 6.40 -1.44
N SER A 68 -7.56 5.68 -1.52
CA SER A 68 -7.50 4.25 -1.88
C SER A 68 -7.35 3.34 -0.67
N THR A 69 -7.86 2.11 -0.81
CA THR A 69 -7.69 0.99 0.13
C THR A 69 -6.48 0.11 -0.24
N VAL A 70 -6.11 -0.83 0.63
CA VAL A 70 -4.98 -1.75 0.40
C VAL A 70 -5.13 -2.58 -0.90
N PRO A 71 -6.28 -3.23 -1.20
CA PRO A 71 -6.49 -3.92 -2.48
C PRO A 71 -6.42 -3.01 -3.71
N VAL A 72 -6.91 -1.77 -3.61
CA VAL A 72 -6.87 -0.78 -4.71
C VAL A 72 -5.43 -0.37 -5.02
N LEU A 73 -4.64 -0.06 -4.00
CA LEU A 73 -3.20 0.23 -4.17
C LEU A 73 -2.44 -0.98 -4.70
N ALA A 74 -2.71 -2.18 -4.18
CA ALA A 74 -2.11 -3.42 -4.65
C ALA A 74 -2.40 -3.69 -6.14
N ALA A 75 -3.57 -3.30 -6.67
CA ALA A 75 -3.89 -3.43 -8.09
C ALA A 75 -2.99 -2.54 -9.00
N HIS A 76 -2.75 -1.28 -8.61
CA HIS A 76 -1.85 -0.36 -9.35
C HIS A 76 -0.38 -0.80 -9.31
N LEU A 77 0.04 -1.49 -8.25
CA LEU A 77 1.38 -2.09 -8.12
C LEU A 77 1.48 -3.41 -8.89
N SER A 78 0.41 -4.21 -8.92
CA SER A 78 0.36 -5.51 -9.62
C SER A 78 0.34 -5.37 -11.15
N ALA A 79 -0.23 -4.27 -11.64
CA ALA A 79 -0.43 -3.96 -13.05
C ALA A 79 0.83 -4.19 -13.90
N ASP A 80 0.58 -4.80 -15.05
CA ASP A 80 1.55 -5.50 -15.91
C ASP A 80 2.86 -4.74 -16.24
N ARG A 81 3.93 -5.52 -16.46
CA ARG A 81 5.29 -5.08 -16.82
C ARG A 81 5.81 -5.84 -18.05
N ALA A 82 6.81 -5.30 -18.74
CA ALA A 82 7.37 -5.81 -20.00
C ALA A 82 8.28 -7.06 -19.86
N HIS A 83 8.24 -7.75 -18.72
CA HIS A 83 9.07 -8.93 -18.40
C HIS A 83 8.69 -10.17 -19.25
O23 PNS B . -2.79 16.70 5.76
P24 PNS B . -1.46 16.27 6.24
O26 PNS B . -1.35 15.52 7.51
O27 PNS B . -0.51 17.56 6.29
C28 PNS B . 0.42 17.76 7.33
C29 PNS B . 1.53 18.78 6.94
C30 PNS B . 2.40 18.16 5.82
C31 PNS B . 0.87 20.06 6.41
C32 PNS B . 2.35 19.10 8.24
O33 PNS B . 2.93 17.91 8.76
C34 PNS B . 3.40 20.23 8.05
O35 PNS B . 3.13 21.41 8.34
N36 PNS B . 4.59 19.89 7.56
C37 PNS B . 5.68 20.82 7.25
C38 PNS B . 5.68 21.11 5.75
C39 PNS B . 6.69 22.18 5.36
O40 PNS B . 6.32 23.34 5.20
N41 PNS B . 7.98 21.89 5.20
C42 PNS B . 8.67 20.63 5.40
C43 PNS B . 9.85 20.84 6.35
S44 PNS B . 9.29 21.37 8.00
H282 PNS B . 0.89 16.82 7.59
H281 PNS B . -0.12 18.12 8.21
H303 PNS B . 3.16 18.88 5.51
H302 PNS B . 2.90 17.25 6.17
H301 PNS B . 1.80 17.92 4.95
H313 PNS B . 0.23 20.50 7.17
H312 PNS B . 1.63 20.79 6.11
H311 PNS B . 0.26 19.86 5.52
H32 PNS B . 1.64 19.46 8.98
H33 PNS B . 3.34 18.10 9.62
H36 PNS B . 4.73 18.91 7.37
H372 PNS B . 5.56 21.75 7.79
H371 PNS B . 6.64 20.38 7.55
H382 PNS B . 5.89 20.19 5.19
H381 PNS B . 4.69 21.45 5.45
H41 PNS B . 8.55 22.68 4.92
H422 PNS B . 8.01 19.87 5.82
H421 PNS B . 9.04 20.27 4.45
H431 PNS B . 10.41 19.91 6.45
H432 PNS B . 10.52 21.61 5.94
H44 PNS B . 10.51 21.46 8.55
N GLY A 1 20.46 -8.54 -0.51
CA GLY A 1 20.97 -9.90 -0.83
C GLY A 1 19.86 -10.82 -1.35
N PRO A 2 20.07 -12.16 -1.31
CA PRO A 2 19.09 -13.15 -1.76
C PRO A 2 17.75 -13.11 -1.00
N GLY A 3 16.66 -13.44 -1.70
CA GLY A 3 15.28 -13.40 -1.17
C GLY A 3 14.21 -13.52 -2.27
N SER A 4 12.96 -13.17 -1.93
CA SER A 4 11.76 -13.10 -2.81
C SER A 4 11.31 -14.41 -3.50
N MET A 5 11.98 -15.54 -3.24
CA MET A 5 11.64 -16.87 -3.80
C MET A 5 10.28 -17.41 -3.29
N TYR A 6 9.75 -16.84 -2.20
CA TYR A 6 8.50 -17.22 -1.54
C TYR A 6 7.23 -16.99 -2.37
N GLY A 7 7.28 -16.12 -3.40
CA GLY A 7 6.19 -15.88 -4.35
C GLY A 7 4.96 -15.18 -3.77
N GLU A 8 5.13 -14.39 -2.70
CA GLU A 8 4.05 -13.66 -2.01
C GLU A 8 3.39 -12.58 -2.91
N ALA A 9 2.08 -12.37 -2.74
CA ALA A 9 1.28 -11.42 -3.53
C ALA A 9 1.53 -9.95 -3.18
N VAL A 10 1.19 -9.04 -4.11
CA VAL A 10 1.30 -7.58 -3.93
C VAL A 10 0.38 -7.09 -2.80
N THR A 11 -0.85 -7.61 -2.73
CA THR A 11 -1.85 -7.24 -1.69
C THR A 11 -1.37 -7.65 -0.29
N GLU A 12 -0.76 -8.82 -0.14
CA GLU A 12 -0.20 -9.29 1.13
C GLU A 12 0.99 -8.44 1.59
N GLN A 13 1.93 -8.12 0.69
CA GLN A 13 3.09 -7.28 1.02
C GLN A 13 2.69 -5.84 1.38
N LEU A 14 1.77 -5.22 0.63
CA LEU A 14 1.28 -3.87 0.92
C LEU A 14 0.44 -3.85 2.21
N SER A 15 -0.29 -4.93 2.53
CA SER A 15 -0.94 -5.12 3.83
C SER A 15 0.06 -5.08 4.99
N ARG A 16 1.17 -5.84 4.91
CA ARG A 16 2.23 -5.80 5.94
C ARG A 16 2.91 -4.42 6.04
N LEU A 17 3.05 -3.72 4.91
CA LEU A 17 3.61 -2.37 4.85
C LEU A 17 2.71 -1.33 5.55
N VAL A 18 1.42 -1.26 5.20
CA VAL A 18 0.45 -0.33 5.79
C VAL A 18 0.23 -0.59 7.29
N ALA A 19 0.30 -1.86 7.74
CA ALA A 19 0.27 -2.20 9.16
C ALA A 19 1.41 -1.56 9.98
N GLY A 20 2.53 -1.21 9.32
CA GLY A 20 3.67 -0.47 9.89
C GLY A 20 3.54 1.06 9.83
N PHE A 21 2.49 1.60 9.19
CA PHE A 21 2.27 3.05 9.02
C PHE A 21 1.00 3.58 9.71
N VAL A 22 0.11 2.71 10.21
CA VAL A 22 -1.02 3.13 11.05
C VAL A 22 -0.49 3.82 12.34
N PRO A 23 -0.97 5.02 12.69
CA PRO A 23 -0.31 5.87 13.69
C PRO A 23 -0.45 5.39 15.14
N ASP A 24 -1.58 4.77 15.50
CA ASP A 24 -1.96 4.46 16.89
C ASP A 24 -3.09 3.43 17.00
N ALA A 25 -3.22 2.79 18.17
CA ALA A 25 -4.32 1.97 18.69
C ALA A 25 -4.73 0.71 17.91
N ALA A 26 -4.73 0.75 16.58
CA ALA A 26 -5.14 -0.35 15.69
C ALA A 26 -4.16 -1.54 15.74
N GLY A 27 -2.85 -1.27 15.89
CA GLY A 27 -1.75 -2.26 15.95
C GLY A 27 -1.44 -2.97 14.62
N SER A 28 -2.39 -3.00 13.69
CA SER A 28 -2.29 -3.58 12.34
C SER A 28 -3.32 -2.94 11.39
N VAL A 29 -3.18 -3.22 10.10
CA VAL A 29 -4.06 -2.77 9.01
C VAL A 29 -5.45 -3.43 9.05
N ASP A 30 -6.46 -2.72 8.56
CA ASP A 30 -7.76 -3.27 8.16
C ASP A 30 -7.95 -2.99 6.65
N PRO A 31 -7.64 -3.96 5.76
CA PRO A 31 -7.40 -3.69 4.34
C PRO A 31 -8.62 -3.18 3.54
N ASP A 32 -9.84 -3.33 4.07
CA ASP A 32 -11.07 -2.76 3.48
C ASP A 32 -11.20 -1.23 3.68
N ARG A 33 -10.47 -0.64 4.64
CA ARG A 33 -10.45 0.80 4.93
C ARG A 33 -9.47 1.56 4.03
N THR A 34 -9.74 2.84 3.78
CA THR A 34 -8.78 3.76 3.13
C THR A 34 -7.67 4.18 4.09
N LEU A 35 -6.59 4.75 3.58
CA LEU A 35 -5.50 5.27 4.42
C LEU A 35 -5.92 6.52 5.23
N LEU A 36 -6.93 7.26 4.77
CA LEU A 36 -7.63 8.29 5.54
C LEU A 36 -8.37 7.72 6.75
N GLU A 37 -9.05 6.58 6.59
CA GLU A 37 -9.76 5.91 7.68
C GLU A 37 -8.83 5.18 8.67
N HIS A 38 -7.59 4.86 8.27
CA HIS A 38 -6.50 4.51 9.19
C HIS A 38 -5.96 5.73 9.97
N GLY A 39 -6.23 6.96 9.51
CA GLY A 39 -5.82 8.21 10.16
C GLY A 39 -4.38 8.64 9.83
N ILE A 40 -3.78 8.07 8.79
CA ILE A 40 -2.40 8.34 8.37
C ILE A 40 -2.29 9.77 7.82
N ASP A 41 -1.45 10.62 8.43
CA ASP A 41 -1.26 12.01 8.00
C ASP A 41 -0.40 12.14 6.73
N SER A 42 -0.36 13.33 6.14
CA SER A 42 0.45 13.67 4.95
C SER A 42 1.93 13.26 5.08
N ILE A 43 2.55 13.50 6.24
CA ILE A 43 3.96 13.18 6.50
C ILE A 43 4.22 11.66 6.44
N ASN A 44 3.36 10.86 7.06
CA ASN A 44 3.43 9.40 7.00
C ASN A 44 3.02 8.85 5.62
N LEU A 45 2.09 9.49 4.90
CA LEU A 45 1.78 9.13 3.51
C LEU A 45 2.98 9.37 2.56
N MET A 46 3.75 10.45 2.74
CA MET A 46 4.99 10.68 1.97
C MET A 46 6.09 9.64 2.25
N ASN A 47 6.21 9.15 3.48
CA ASN A 47 7.12 8.05 3.82
C ASN A 47 6.64 6.70 3.27
N LEU A 48 5.33 6.41 3.35
CA LEU A 48 4.71 5.23 2.73
C LEU A 48 4.83 5.24 1.21
N ARG A 49 4.68 6.41 0.57
CA ARG A 49 4.91 6.63 -0.86
C ARG A 49 6.33 6.28 -1.30
N PHE A 50 7.33 6.70 -0.54
CA PHE A 50 8.73 6.35 -0.77
C PHE A 50 8.98 4.83 -0.62
N GLU A 51 8.46 4.21 0.44
CA GLU A 51 8.53 2.76 0.63
C GLU A 51 7.82 1.97 -0.49
N ILE A 52 6.65 2.41 -0.96
CA ILE A 52 5.95 1.80 -2.10
C ILE A 52 6.77 1.94 -3.39
N THR A 53 7.39 3.10 -3.60
CA THR A 53 8.28 3.36 -4.75
C THR A 53 9.50 2.42 -4.75
N GLU A 54 10.12 2.19 -3.60
CA GLU A 54 11.28 1.31 -3.43
C GLU A 54 10.92 -0.19 -3.54
N ARG A 55 9.78 -0.61 -2.96
CA ARG A 55 9.36 -2.03 -2.86
C ARG A 55 8.65 -2.56 -4.11
N PHE A 56 7.88 -1.72 -4.81
CA PHE A 56 7.05 -2.10 -5.96
C PHE A 56 7.40 -1.38 -7.27
N GLY A 57 8.30 -0.39 -7.22
CA GLY A 57 8.85 0.29 -8.41
C GLY A 57 7.95 1.35 -9.03
N ARG A 58 6.97 1.88 -8.28
CA ARG A 58 5.93 2.81 -8.75
C ARG A 58 5.61 3.92 -7.75
N THR A 59 5.69 5.17 -8.21
CA THR A 59 5.27 6.37 -7.45
C THR A 59 3.75 6.55 -7.54
N LEU A 60 3.12 7.04 -6.47
CA LEU A 60 1.70 7.45 -6.43
C LEU A 60 1.52 8.83 -5.73
N PRO A 61 0.54 9.65 -6.13
CA PRO A 61 0.23 10.93 -5.47
C PRO A 61 -0.53 10.74 -4.15
N LEU A 62 -0.33 11.64 -3.18
CA LEU A 62 -1.07 11.65 -1.90
C LEU A 62 -2.58 11.75 -2.08
N GLN A 63 -3.04 12.48 -3.10
CA GLN A 63 -4.45 12.63 -3.45
C GLN A 63 -5.13 11.30 -3.83
N LEU A 64 -4.37 10.32 -4.33
CA LEU A 64 -4.83 8.95 -4.59
C LEU A 64 -4.57 8.01 -3.40
N LEU A 65 -3.38 8.07 -2.78
CA LEU A 65 -3.01 7.22 -1.64
C LEU A 65 -3.99 7.34 -0.48
N SER A 66 -4.37 8.57 -0.11
CA SER A 66 -5.27 8.85 1.02
C SER A 66 -6.65 8.21 0.88
N GLU A 67 -7.24 8.25 -0.32
CA GLU A 67 -8.59 7.74 -0.61
C GLU A 67 -8.63 6.29 -1.10
N SER A 68 -7.47 5.65 -1.33
CA SER A 68 -7.35 4.25 -1.75
C SER A 68 -7.26 3.28 -0.57
N THR A 69 -7.74 2.06 -0.78
CA THR A 69 -7.61 0.92 0.14
C THR A 69 -6.41 0.03 -0.24
N VAL A 70 -6.07 -0.96 0.61
CA VAL A 70 -4.96 -1.90 0.36
C VAL A 70 -5.07 -2.65 -0.99
N PRO A 71 -6.19 -3.32 -1.33
CA PRO A 71 -6.31 -4.02 -2.61
C PRO A 71 -6.39 -3.05 -3.81
N VAL A 72 -6.89 -1.82 -3.63
CA VAL A 72 -6.87 -0.77 -4.67
C VAL A 72 -5.43 -0.33 -4.97
N LEU A 73 -4.61 -0.08 -3.95
CA LEU A 73 -3.18 0.21 -4.12
C LEU A 73 -2.42 -0.95 -4.75
N ALA A 74 -2.68 -2.19 -4.33
CA ALA A 74 -2.10 -3.38 -4.97
C ALA A 74 -2.47 -3.51 -6.45
N ALA A 75 -3.69 -3.14 -6.85
CA ALA A 75 -4.11 -3.09 -8.26
C ALA A 75 -3.39 -1.97 -9.05
N HIS A 76 -3.16 -0.79 -8.45
CA HIS A 76 -2.37 0.29 -9.08
C HIS A 76 -0.89 -0.09 -9.28
N LEU A 77 -0.30 -0.90 -8.38
CA LEU A 77 1.08 -1.40 -8.49
C LEU A 77 1.22 -2.56 -9.49
N SER A 78 0.28 -3.52 -9.47
CA SER A 78 0.29 -4.67 -10.39
C SER A 78 -0.22 -4.34 -11.80
N ALA A 79 -0.74 -3.12 -12.01
CA ALA A 79 -1.24 -2.57 -13.28
C ALA A 79 -2.41 -3.37 -13.92
N ASP A 80 -3.22 -4.07 -13.11
CA ASP A 80 -4.40 -4.85 -13.55
C ASP A 80 -5.45 -4.99 -12.44
N ARG A 81 -6.65 -5.49 -12.79
CA ARG A 81 -7.78 -5.72 -11.86
C ARG A 81 -8.43 -7.10 -12.02
N ALA A 82 -9.10 -7.57 -10.96
CA ALA A 82 -9.79 -8.86 -10.90
C ALA A 82 -11.20 -8.77 -10.24
N HIS A 83 -11.74 -7.55 -10.10
CA HIS A 83 -13.05 -7.26 -9.49
C HIS A 83 -14.23 -7.62 -10.41
O23 PNS B . -1.19 17.65 5.35
P24 PNS B . 0.11 17.43 6.02
O26 PNS B . 0.24 17.80 7.45
O27 PNS B . 1.23 18.21 5.19
C28 PNS B . 2.60 18.06 5.50
C29 PNS B . 3.44 19.21 4.90
C30 PNS B . 4.94 18.86 5.12
C31 PNS B . 3.20 19.27 3.38
C32 PNS B . 3.04 20.55 5.60
O33 PNS B . 3.33 20.49 7.01
C34 PNS B . 3.61 21.82 4.93
O35 PNS B . 4.74 22.26 5.21
N36 PNS B . 2.83 22.45 4.05
C37 PNS B . 3.13 23.74 3.42
C38 PNS B . 3.79 23.50 2.05
C39 PNS B . 4.12 24.80 1.31
O40 PNS B . 3.75 25.90 1.75
N41 PNS B . 4.82 24.68 0.19
C42 PNS B . 5.21 25.80 -0.68
C43 PNS B . 6.56 26.37 -0.26
S44 PNS B . 7.87 25.11 -0.42
H282 PNS B . 2.95 17.11 5.10
H281 PNS B . 2.74 18.02 6.58
H303 PNS B . 5.18 17.93 4.61
H302 PNS B . 5.57 19.66 4.70
H301 PNS B . 5.16 18.77 6.18
H313 PNS B . 3.90 19.96 2.90
H312 PNS B . 3.35 18.28 2.95
H311 PNS B . 2.19 19.59 3.15
H32 PNS B . 1.96 20.63 5.51
H33 PNS B . 3.11 21.36 7.41
H36 PNS B . 1.92 22.04 3.86
H372 PNS B . 2.19 24.29 3.26
H371 PNS B . 3.79 24.34 4.04
H382 PNS B . 4.72 22.95 2.21
H381 PNS B . 3.14 22.91 1.42
H41 PNS B . 5.09 23.75 -0.09
H422 PNS B . 5.25 25.44 -1.71
H421 PNS B . 4.46 26.58 -0.64
H431 PNS B . 6.79 27.21 -0.91
H432 PNS B . 6.50 26.72 0.77
H44 PNS B . 7.37 24.26 0.49
N GLY A 1 18.02 -19.46 -9.22
CA GLY A 1 16.87 -19.39 -8.30
C GLY A 1 16.18 -20.73 -8.10
N PRO A 2 15.07 -20.77 -7.33
CA PRO A 2 14.29 -22.00 -7.10
C PRO A 2 13.52 -22.46 -8.36
N GLY A 3 13.01 -23.70 -8.35
CA GLY A 3 12.21 -24.27 -9.43
C GLY A 3 10.74 -23.82 -9.46
N SER A 4 10.26 -23.18 -8.39
CA SER A 4 8.90 -22.65 -8.23
C SER A 4 8.88 -21.57 -7.12
N MET A 5 7.76 -20.85 -6.98
CA MET A 5 7.57 -19.75 -6.02
C MET A 5 8.64 -18.65 -6.17
N TYR A 6 8.78 -18.14 -7.40
CA TYR A 6 9.75 -17.10 -7.79
C TYR A 6 9.50 -15.72 -7.16
N GLY A 7 8.33 -15.50 -6.55
CA GLY A 7 7.95 -14.25 -5.87
C GLY A 7 6.73 -14.41 -4.97
N GLU A 8 6.10 -13.28 -4.62
CA GLU A 8 4.94 -13.17 -3.72
C GLU A 8 3.94 -12.11 -4.22
N ALA A 9 2.66 -12.24 -3.87
CA ALA A 9 1.61 -11.30 -4.24
C ALA A 9 1.84 -9.91 -3.62
N VAL A 10 1.61 -8.84 -4.39
CA VAL A 10 1.85 -7.46 -3.94
C VAL A 10 0.85 -6.99 -2.88
N THR A 11 -0.38 -7.52 -2.89
CA THR A 11 -1.45 -7.22 -1.92
C THR A 11 -1.03 -7.58 -0.49
N GLU A 12 -0.37 -8.74 -0.31
CA GLU A 12 0.15 -9.17 0.99
C GLU A 12 1.28 -8.24 1.47
N GLN A 13 2.23 -7.92 0.59
CA GLN A 13 3.39 -7.08 0.92
C GLN A 13 3.03 -5.62 1.17
N LEU A 14 1.99 -5.08 0.53
CA LEU A 14 1.47 -3.74 0.81
C LEU A 14 0.64 -3.74 2.12
N SER A 15 -0.08 -4.83 2.42
CA SER A 15 -0.75 -5.02 3.71
C SER A 15 0.24 -5.01 4.89
N ARG A 16 1.34 -5.78 4.80
CA ARG A 16 2.40 -5.78 5.85
C ARG A 16 3.07 -4.41 5.99
N LEU A 17 3.24 -3.67 4.90
CA LEU A 17 3.78 -2.31 4.91
C LEU A 17 2.87 -1.32 5.63
N VAL A 18 1.59 -1.25 5.26
CA VAL A 18 0.62 -0.30 5.83
C VAL A 18 0.28 -0.62 7.31
N ALA A 19 0.32 -1.89 7.71
CA ALA A 19 0.25 -2.31 9.11
C ALA A 19 1.38 -1.73 9.99
N GLY A 20 2.50 -1.30 9.38
CA GLY A 20 3.62 -0.59 10.02
C GLY A 20 3.52 0.95 9.98
N PHE A 21 2.50 1.53 9.33
CA PHE A 21 2.32 2.97 9.14
C PHE A 21 1.09 3.55 9.86
N VAL A 22 0.12 2.71 10.25
CA VAL A 22 -1.04 3.14 11.05
C VAL A 22 -0.59 3.77 12.40
N PRO A 23 -0.94 5.03 12.71
CA PRO A 23 -0.48 5.73 13.91
C PRO A 23 -1.25 5.35 15.17
N ASP A 24 -2.52 4.93 15.03
CA ASP A 24 -3.35 4.42 16.14
C ASP A 24 -2.87 3.04 16.63
N ALA A 25 -3.34 2.61 17.82
CA ALA A 25 -3.06 1.31 18.43
C ALA A 25 -3.75 0.10 17.72
N ALA A 26 -4.00 0.22 16.41
CA ALA A 26 -4.65 -0.79 15.56
C ALA A 26 -3.79 -2.06 15.40
N GLY A 27 -2.47 -1.91 15.31
CA GLY A 27 -1.48 -3.00 15.14
C GLY A 27 -1.54 -3.75 13.80
N SER A 28 -2.47 -3.36 12.92
CA SER A 28 -2.76 -3.99 11.62
C SER A 28 -3.56 -3.02 10.72
N VAL A 29 -3.68 -3.36 9.43
CA VAL A 29 -4.51 -2.63 8.45
C VAL A 29 -5.78 -3.42 8.09
N ASP A 30 -6.92 -2.72 8.02
CA ASP A 30 -8.18 -3.24 7.49
C ASP A 30 -8.25 -3.01 5.95
N PRO A 31 -8.25 -4.06 5.10
CA PRO A 31 -8.32 -3.91 3.65
C PRO A 31 -9.64 -3.29 3.14
N ASP A 32 -10.70 -3.22 3.95
CA ASP A 32 -11.96 -2.54 3.59
C ASP A 32 -11.94 -1.01 3.80
N ARG A 33 -10.86 -0.44 4.36
CA ARG A 33 -10.73 0.99 4.73
C ARG A 33 -9.49 1.65 4.11
N THR A 34 -9.57 2.95 3.85
CA THR A 34 -8.51 3.74 3.19
C THR A 34 -7.35 4.09 4.15
N LEU A 35 -6.25 4.59 3.60
CA LEU A 35 -5.12 5.10 4.39
C LEU A 35 -5.52 6.30 5.27
N LEU A 36 -6.43 7.15 4.78
CA LEU A 36 -6.98 8.28 5.56
C LEU A 36 -7.93 7.83 6.67
N GLU A 37 -8.69 6.74 6.48
CA GLU A 37 -9.51 6.12 7.53
C GLU A 37 -8.68 5.53 8.68
N HIS A 38 -7.46 5.04 8.39
CA HIS A 38 -6.46 4.64 9.40
C HIS A 38 -5.80 5.84 10.11
N GLY A 39 -6.07 7.08 9.68
CA GLY A 39 -5.60 8.31 10.33
C GLY A 39 -4.17 8.71 9.97
N ILE A 40 -3.59 8.10 8.93
CA ILE A 40 -2.24 8.38 8.43
C ILE A 40 -2.20 9.81 7.85
N ASP A 41 -1.40 10.69 8.44
CA ASP A 41 -1.25 12.09 7.99
C ASP A 41 -0.35 12.20 6.73
N SER A 42 -0.31 13.40 6.14
CA SER A 42 0.53 13.73 4.97
C SER A 42 2.00 13.31 5.11
N ILE A 43 2.59 13.53 6.29
CA ILE A 43 4.01 13.20 6.58
C ILE A 43 4.25 11.69 6.53
N ASN A 44 3.39 10.89 7.18
CA ASN A 44 3.45 9.44 7.12
C ASN A 44 3.05 8.89 5.74
N LEU A 45 2.13 9.54 5.02
CA LEU A 45 1.80 9.22 3.62
C LEU A 45 3.01 9.45 2.69
N MET A 46 3.81 10.51 2.86
CA MET A 46 5.04 10.73 2.08
C MET A 46 6.13 9.68 2.35
N ASN A 47 6.23 9.18 3.59
CA ASN A 47 7.13 8.08 3.93
C ASN A 47 6.63 6.74 3.35
N LEU A 48 5.33 6.45 3.47
CA LEU A 48 4.68 5.27 2.86
C LEU A 48 4.80 5.28 1.32
N ARG A 49 4.60 6.44 0.69
CA ARG A 49 4.81 6.69 -0.75
C ARG A 49 6.22 6.30 -1.20
N PHE A 50 7.25 6.82 -0.51
CA PHE A 50 8.64 6.44 -0.75
C PHE A 50 8.87 4.93 -0.60
N GLU A 51 8.36 4.29 0.45
CA GLU A 51 8.49 2.84 0.64
C GLU A 51 7.78 2.01 -0.44
N ILE A 52 6.59 2.41 -0.92
CA ILE A 52 5.89 1.74 -2.04
C ILE A 52 6.73 1.87 -3.33
N THR A 53 7.28 3.05 -3.62
CA THR A 53 8.18 3.27 -4.77
C THR A 53 9.44 2.39 -4.69
N GLU A 54 10.05 2.23 -3.52
CA GLU A 54 11.22 1.36 -3.33
C GLU A 54 10.88 -0.16 -3.41
N ARG A 55 9.75 -0.59 -2.83
CA ARG A 55 9.34 -2.01 -2.74
C ARG A 55 8.73 -2.56 -4.03
N PHE A 56 8.06 -1.72 -4.82
CA PHE A 56 7.28 -2.14 -6.00
C PHE A 56 7.65 -1.43 -7.32
N GLY A 57 8.50 -0.39 -7.27
CA GLY A 57 8.93 0.37 -8.46
C GLY A 57 7.84 1.23 -9.11
N ARG A 58 6.79 1.61 -8.35
CA ARG A 58 5.56 2.23 -8.86
C ARG A 58 5.13 3.43 -8.01
N THR A 59 5.50 4.63 -8.47
CA THR A 59 5.08 5.90 -7.84
C THR A 59 3.60 6.19 -8.16
N LEU A 60 2.82 6.55 -7.14
CA LEU A 60 1.39 6.88 -7.23
C LEU A 60 1.08 8.00 -6.21
N PRO A 61 0.36 9.07 -6.57
CA PRO A 61 0.31 10.30 -5.79
C PRO A 61 -0.48 10.18 -4.48
N LEU A 62 -0.20 11.08 -3.52
CA LEU A 62 -0.86 11.12 -2.21
C LEU A 62 -2.39 11.35 -2.30
N GLN A 63 -2.87 12.06 -3.33
CA GLN A 63 -4.29 12.24 -3.59
C GLN A 63 -4.99 10.90 -3.89
N LEU A 64 -4.32 9.97 -4.59
CA LEU A 64 -4.84 8.63 -4.84
C LEU A 64 -4.75 7.75 -3.58
N LEU A 65 -3.64 7.80 -2.83
CA LEU A 65 -3.44 7.07 -1.57
C LEU A 65 -4.50 7.42 -0.51
N SER A 66 -4.87 8.70 -0.36
CA SER A 66 -5.93 9.14 0.54
C SER A 66 -7.29 8.53 0.20
N GLU A 67 -7.60 8.38 -1.09
CA GLU A 67 -8.85 7.80 -1.60
C GLU A 67 -8.86 6.25 -1.65
N SER A 68 -7.68 5.60 -1.59
CA SER A 68 -7.51 4.17 -1.86
C SER A 68 -7.35 3.29 -0.62
N THR A 69 -7.87 2.07 -0.70
CA THR A 69 -7.63 0.96 0.24
C THR A 69 -6.40 0.13 -0.18
N VAL A 70 -5.98 -0.81 0.67
CA VAL A 70 -4.87 -1.74 0.37
C VAL A 70 -5.09 -2.56 -0.92
N PRO A 71 -6.24 -3.23 -1.14
CA PRO A 71 -6.53 -3.91 -2.42
C PRO A 71 -6.54 -2.99 -3.64
N VAL A 72 -7.01 -1.74 -3.52
CA VAL A 72 -7.02 -0.77 -4.62
C VAL A 72 -5.58 -0.36 -5.00
N LEU A 73 -4.71 -0.07 -4.01
CA LEU A 73 -3.31 0.22 -4.28
C LEU A 73 -2.59 -1.00 -4.88
N ALA A 74 -2.79 -2.19 -4.33
CA ALA A 74 -2.26 -3.44 -4.89
C ALA A 74 -2.72 -3.69 -6.34
N ALA A 75 -3.94 -3.33 -6.72
CA ALA A 75 -4.43 -3.40 -8.10
C ALA A 75 -3.73 -2.40 -9.05
N HIS A 76 -3.42 -1.18 -8.59
CA HIS A 76 -2.63 -0.19 -9.36
C HIS A 76 -1.16 -0.58 -9.54
N LEU A 77 -0.57 -1.29 -8.55
CA LEU A 77 0.74 -1.93 -8.70
C LEU A 77 0.68 -3.12 -9.67
N SER A 78 -0.37 -3.95 -9.58
CA SER A 78 -0.57 -5.17 -10.38
C SER A 78 -1.17 -4.88 -11.78
N ALA A 79 -0.76 -3.79 -12.42
CA ALA A 79 -1.28 -3.28 -13.70
C ALA A 79 -0.78 -4.02 -14.96
N ASP A 80 -0.13 -5.18 -14.80
CA ASP A 80 0.46 -6.00 -15.88
C ASP A 80 -0.57 -6.76 -16.75
N ARG A 81 -1.87 -6.44 -16.64
CA ARG A 81 -2.99 -7.07 -17.36
C ARG A 81 -3.09 -6.65 -18.85
N ALA A 82 -2.05 -6.97 -19.62
CA ALA A 82 -2.06 -6.94 -21.09
C ALA A 82 -2.75 -8.15 -21.74
N HIS A 83 -3.24 -9.08 -20.90
CA HIS A 83 -3.90 -10.35 -21.23
C HIS A 83 -5.07 -10.62 -20.26
O23 PNS B . -1.08 17.43 6.21
P24 PNS B . 0.39 17.45 6.14
O26 PNS B . 1.15 17.97 7.30
O27 PNS B . 0.82 18.27 4.85
C28 PNS B . 2.18 18.41 4.51
C29 PNS B . 2.39 19.35 3.29
C30 PNS B . 1.94 20.79 3.66
C31 PNS B . 3.91 19.42 3.05
C32 PNS B . 1.71 18.88 1.96
O33 PNS B . 1.88 17.46 1.80
C34 PNS B . 0.24 19.31 1.76
O35 PNS B . -0.04 20.14 0.89
N36 PNS B . -0.69 18.77 2.54
C37 PNS B . -2.10 19.11 2.57
C38 PNS B . -2.36 20.04 3.75
C39 PNS B . -3.83 20.42 3.92
O40 PNS B . -4.66 20.20 3.03
N41 PNS B . -4.16 20.99 5.08
C42 PNS B . -5.49 21.46 5.45
C43 PNS B . -5.58 22.97 5.27
S44 PNS B . -4.44 23.82 6.41
H282 PNS B . 2.61 17.43 4.29
H281 PNS B . 2.71 18.83 5.37
H303 PNS B . 2.10 21.46 2.82
H302 PNS B . 0.89 20.81 3.93
H301 PNS B . 2.52 21.16 4.51
H313 PNS B . 4.43 19.72 3.94
H312 PNS B . 4.28 18.44 2.73
H311 PNS B . 4.14 20.14 2.25
H32 PNS B . 2.25 19.35 1.15
H33 PNS B . 1.51 17.19 0.93
H36 PNS B . -0.34 18.15 3.27
H372 PNS B . -2.41 19.59 1.64
H371 PNS B . -2.69 18.20 2.68
H382 PNS B . -2.03 19.55 4.66
H381 PNS B . -1.79 20.96 3.62
H41 PNS B . -3.41 21.15 5.74
H422 PNS B . -6.25 20.98 4.83
H421 PNS B . -5.70 21.20 6.50
H431 PNS B . -5.35 23.24 4.24
H432 PNS B . -6.62 23.29 5.48
H44 PNS B . -5.01 23.40 7.55
N GLY A 1 11.49 -19.01 -14.04
CA GLY A 1 10.22 -18.93 -14.79
C GLY A 1 9.48 -17.63 -14.49
N PRO A 2 8.72 -17.09 -15.47
CA PRO A 2 7.98 -15.83 -15.33
C PRO A 2 6.89 -15.90 -14.25
N GLY A 3 6.67 -14.79 -13.55
CA GLY A 3 5.74 -14.67 -12.41
C GLY A 3 6.24 -15.25 -11.07
N SER A 4 7.36 -15.98 -11.08
CA SER A 4 7.98 -16.68 -9.94
C SER A 4 7.09 -17.76 -9.28
N MET A 5 7.70 -18.59 -8.40
CA MET A 5 7.03 -19.69 -7.68
C MET A 5 6.40 -19.24 -6.35
N TYR A 6 6.79 -18.09 -5.80
CA TYR A 6 6.28 -17.59 -4.50
C TYR A 6 4.79 -17.23 -4.56
N GLY A 7 4.00 -17.75 -3.61
CA GLY A 7 2.54 -17.57 -3.51
C GLY A 7 2.07 -16.25 -2.87
N GLU A 8 2.98 -15.42 -2.35
CA GLU A 8 2.66 -14.15 -1.68
C GLU A 8 2.07 -13.12 -2.66
N ALA A 9 0.89 -12.57 -2.34
CA ALA A 9 0.19 -11.58 -3.17
C ALA A 9 0.76 -10.16 -3.02
N VAL A 10 0.53 -9.28 -4.01
CA VAL A 10 0.88 -7.86 -3.95
C VAL A 10 0.09 -7.14 -2.85
N THR A 11 -1.17 -7.57 -2.63
CA THR A 11 -2.05 -7.09 -1.54
C THR A 11 -1.46 -7.39 -0.16
N GLU A 12 -0.89 -8.59 0.04
CA GLU A 12 -0.22 -8.94 1.31
C GLU A 12 1.07 -8.13 1.53
N GLN A 13 1.88 -7.93 0.48
CA GLN A 13 3.12 -7.14 0.57
C GLN A 13 2.87 -5.66 0.88
N LEU A 14 1.73 -5.10 0.48
CA LEU A 14 1.31 -3.75 0.89
C LEU A 14 0.59 -3.73 2.25
N SER A 15 -0.22 -4.74 2.58
CA SER A 15 -0.86 -4.87 3.91
C SER A 15 0.18 -4.90 5.04
N ARG A 16 1.24 -5.70 4.87
CA ARG A 16 2.39 -5.80 5.78
C ARG A 16 3.17 -4.49 5.91
N LEU A 17 3.17 -3.64 4.87
CA LEU A 17 3.80 -2.32 4.86
C LEU A 17 2.94 -1.27 5.61
N VAL A 18 1.65 -1.14 5.25
CA VAL A 18 0.72 -0.11 5.78
C VAL A 18 0.37 -0.34 7.26
N ALA A 19 0.40 -1.59 7.72
CA ALA A 19 0.34 -1.91 9.16
C ALA A 19 1.47 -1.26 10.00
N GLY A 20 2.57 -0.83 9.36
CA GLY A 20 3.65 -0.06 9.98
C GLY A 20 3.49 1.48 9.92
N PHE A 21 2.42 1.99 9.29
CA PHE A 21 2.17 3.44 9.08
C PHE A 21 0.89 3.96 9.74
N VAL A 22 -0.03 3.09 10.15
CA VAL A 22 -1.20 3.47 10.97
C VAL A 22 -0.74 4.09 12.32
N PRO A 23 -1.11 5.35 12.62
CA PRO A 23 -0.62 6.06 13.83
C PRO A 23 -1.38 5.68 15.11
N ASP A 24 -2.64 5.27 15.00
CA ASP A 24 -3.48 4.80 16.11
C ASP A 24 -3.13 3.36 16.54
N ALA A 25 -3.61 2.95 17.72
CA ALA A 25 -3.43 1.61 18.31
C ALA A 25 -4.24 0.48 17.62
N ALA A 26 -4.36 0.55 16.29
CA ALA A 26 -5.13 -0.39 15.46
C ALA A 26 -4.50 -1.80 15.39
N GLY A 27 -3.17 -1.91 15.56
CA GLY A 27 -2.41 -3.17 15.55
C GLY A 27 -2.17 -3.77 14.15
N SER A 28 -3.08 -3.56 13.21
CA SER A 28 -2.99 -3.95 11.80
C SER A 28 -3.93 -3.10 10.93
N VAL A 29 -3.71 -3.09 9.61
CA VAL A 29 -4.55 -2.40 8.63
C VAL A 29 -5.73 -3.28 8.17
N ASP A 30 -6.93 -2.70 8.08
CA ASP A 30 -8.13 -3.34 7.51
C ASP A 30 -8.14 -3.23 5.96
N PRO A 31 -8.39 -4.31 5.21
CA PRO A 31 -8.38 -4.28 3.74
C PRO A 31 -9.62 -3.60 3.12
N ASP A 32 -10.74 -3.51 3.84
CA ASP A 32 -12.00 -2.91 3.39
C ASP A 32 -12.19 -1.43 3.81
N ARG A 33 -11.13 -0.79 4.33
CA ARG A 33 -11.08 0.64 4.73
C ARG A 33 -9.88 1.35 4.11
N THR A 34 -10.02 2.64 3.86
CA THR A 34 -8.98 3.47 3.22
C THR A 34 -7.87 3.85 4.20
N LEU A 35 -6.74 4.29 3.67
CA LEU A 35 -5.62 4.78 4.47
C LEU A 35 -5.96 6.14 5.15
N LEU A 36 -6.86 6.91 4.55
CA LEU A 36 -7.51 8.08 5.16
C LEU A 36 -8.39 7.69 6.36
N GLU A 37 -9.14 6.60 6.28
CA GLU A 37 -9.93 6.04 7.39
C GLU A 37 -9.05 5.56 8.56
N HIS A 38 -7.87 5.00 8.27
CA HIS A 38 -6.86 4.67 9.28
C HIS A 38 -6.17 5.91 9.89
N GLY A 39 -6.37 7.10 9.30
CA GLY A 39 -5.99 8.39 9.87
C GLY A 39 -4.50 8.73 9.67
N ILE A 40 -3.85 8.09 8.69
CA ILE A 40 -2.42 8.27 8.38
C ILE A 40 -2.17 9.72 7.92
N ASP A 41 -1.30 10.44 8.63
CA ASP A 41 -0.93 11.84 8.33
C ASP A 41 -0.17 11.98 7.01
N SER A 42 -0.19 13.17 6.41
CA SER A 42 0.55 13.52 5.17
C SER A 42 2.03 13.15 5.22
N ILE A 43 2.69 13.42 6.35
CA ILE A 43 4.10 13.06 6.61
C ILE A 43 4.32 11.54 6.53
N ASN A 44 3.44 10.74 7.12
CA ASN A 44 3.50 9.27 7.05
C ASN A 44 3.10 8.73 5.66
N LEU A 45 2.15 9.35 4.97
CA LEU A 45 1.83 9.03 3.57
C LEU A 45 3.01 9.32 2.63
N MET A 46 3.79 10.39 2.84
CA MET A 46 4.99 10.69 2.05
C MET A 46 6.14 9.69 2.29
N ASN A 47 6.26 9.14 3.50
CA ASN A 47 7.19 8.04 3.78
C ASN A 47 6.71 6.71 3.17
N LEU A 48 5.41 6.43 3.24
CA LEU A 48 4.78 5.28 2.55
C LEU A 48 4.94 5.36 1.03
N ARG A 49 4.83 6.55 0.44
CA ARG A 49 5.07 6.83 -1.00
C ARG A 49 6.48 6.42 -1.42
N PHE A 50 7.50 6.76 -0.63
CA PHE A 50 8.89 6.38 -0.86
C PHE A 50 9.10 4.86 -0.74
N GLU A 51 8.54 4.23 0.30
CA GLU A 51 8.61 2.77 0.46
C GLU A 51 7.88 2.01 -0.67
N ILE A 52 6.72 2.50 -1.13
CA ILE A 52 6.00 1.95 -2.29
C ILE A 52 6.83 2.09 -3.58
N THR A 53 7.47 3.24 -3.79
CA THR A 53 8.37 3.47 -4.93
C THR A 53 9.53 2.47 -4.93
N GLU A 54 10.12 2.18 -3.77
CA GLU A 54 11.21 1.20 -3.64
C GLU A 54 10.74 -0.27 -3.77
N ARG A 55 9.58 -0.63 -3.19
CA ARG A 55 9.06 -2.01 -3.12
C ARG A 55 8.31 -2.48 -4.37
N PHE A 56 7.71 -1.56 -5.14
CA PHE A 56 6.84 -1.88 -6.29
C PHE A 56 7.21 -1.13 -7.58
N GLY A 57 8.04 -0.09 -7.52
CA GLY A 57 8.54 0.64 -8.70
C GLY A 57 7.52 1.64 -9.29
N ARG A 58 6.54 2.09 -8.50
CA ARG A 58 5.42 2.93 -8.94
C ARG A 58 5.07 4.02 -7.93
N THR A 59 5.59 5.23 -8.14
CA THR A 59 5.25 6.42 -7.34
C THR A 59 3.81 6.86 -7.62
N LEU A 60 2.98 6.97 -6.58
CA LEU A 60 1.60 7.46 -6.64
C LEU A 60 1.45 8.84 -5.96
N PRO A 61 0.45 9.65 -6.35
CA PRO A 61 0.14 10.91 -5.69
C PRO A 61 -0.48 10.70 -4.29
N LEU A 62 -0.25 11.64 -3.37
CA LEU A 62 -0.69 11.54 -1.97
C LEU A 62 -2.22 11.46 -1.81
N GLN A 63 -2.98 12.13 -2.70
CA GLN A 63 -4.45 12.08 -2.70
C GLN A 63 -4.98 10.68 -3.03
N LEU A 64 -4.35 9.97 -3.98
CA LEU A 64 -4.67 8.57 -4.30
C LEU A 64 -4.25 7.63 -3.15
N LEU A 65 -3.06 7.87 -2.57
CA LEU A 65 -2.55 7.07 -1.44
C LEU A 65 -3.46 7.14 -0.20
N SER A 66 -4.10 8.29 0.11
CA SER A 66 -5.06 8.39 1.21
C SER A 66 -6.42 7.77 0.86
N GLU A 67 -7.01 8.10 -0.30
CA GLU A 67 -8.41 7.75 -0.61
C GLU A 67 -8.61 6.29 -1.11
N SER A 68 -7.53 5.57 -1.40
CA SER A 68 -7.54 4.14 -1.74
C SER A 68 -7.55 3.24 -0.51
N THR A 69 -8.00 2.00 -0.68
CA THR A 69 -7.78 0.88 0.25
C THR A 69 -6.49 0.11 -0.08
N VAL A 70 -6.06 -0.79 0.81
CA VAL A 70 -4.90 -1.68 0.62
C VAL A 70 -4.95 -2.48 -0.71
N PRO A 71 -6.01 -3.26 -1.03
CA PRO A 71 -6.09 -3.98 -2.30
C PRO A 71 -6.22 -3.05 -3.52
N VAL A 72 -6.82 -1.85 -3.39
CA VAL A 72 -6.87 -0.87 -4.48
C VAL A 72 -5.47 -0.33 -4.82
N LEU A 73 -4.64 -0.01 -3.82
CA LEU A 73 -3.23 0.35 -4.07
C LEU A 73 -2.45 -0.81 -4.71
N ALA A 74 -2.60 -2.04 -4.20
CA ALA A 74 -1.96 -3.21 -4.79
C ALA A 74 -2.34 -3.44 -6.26
N ALA A 75 -3.58 -3.17 -6.64
CA ALA A 75 -4.08 -3.26 -8.02
C ALA A 75 -3.48 -2.19 -8.97
N HIS A 76 -3.02 -1.04 -8.46
CA HIS A 76 -2.24 -0.07 -9.23
C HIS A 76 -0.77 -0.50 -9.36
N LEU A 77 -0.14 -0.88 -8.24
CA LEU A 77 1.28 -1.26 -8.13
C LEU A 77 1.65 -2.51 -8.94
N SER A 78 0.73 -3.47 -9.09
CA SER A 78 0.98 -4.73 -9.80
C SER A 78 1.31 -4.54 -11.29
N ALA A 79 0.89 -3.42 -11.89
CA ALA A 79 1.15 -3.07 -13.29
C ALA A 79 2.61 -2.75 -13.66
N ASP A 80 3.48 -2.70 -12.66
CA ASP A 80 4.94 -2.58 -12.75
C ASP A 80 5.71 -3.79 -12.22
N ARG A 81 5.00 -4.89 -11.89
CA ARG A 81 5.55 -6.18 -11.42
C ARG A 81 5.11 -7.40 -12.25
N ALA A 82 4.01 -7.30 -13.00
CA ALA A 82 3.41 -8.36 -13.83
C ALA A 82 4.18 -8.66 -15.15
N HIS A 83 5.52 -8.76 -15.09
CA HIS A 83 6.41 -9.06 -16.22
C HIS A 83 6.36 -10.55 -16.64
O23 PNS B . -1.25 17.43 5.53
P24 PNS B . 0.04 17.28 6.24
O26 PNS B . 0.12 17.66 7.67
O27 PNS B . 1.14 18.10 5.43
C28 PNS B . 2.51 18.06 5.82
C29 PNS B . 3.33 19.20 5.18
C30 PNS B . 4.81 18.99 5.58
C31 PNS B . 3.24 19.07 3.64
C32 PNS B . 2.76 20.57 5.65
O33 PNS B . 2.81 20.68 7.08
C34 PNS B . 3.44 21.80 4.98
O35 PNS B . 4.46 22.33 5.45
N36 PNS B . 2.88 22.27 3.85
C37 PNS B . 3.34 23.46 3.12
C38 PNS B . 4.37 23.05 2.07
C39 PNS B . 4.91 24.22 1.26
O40 PNS B . 4.43 25.36 1.37
N41 PNS B . 5.92 23.96 0.44
C42 PNS B . 6.63 24.93 -0.39
C43 PNS B . 6.01 24.95 -1.79
S44 PNS B . 6.90 26.15 -2.84
H282 PNS B . 2.93 17.09 5.54
H281 PNS B . 2.58 18.13 6.91
H303 PNS B . 5.16 18.02 5.25
H302 PNS B . 5.44 19.76 5.13
H301 PNS B . 4.92 19.05 6.67
H313 PNS B . 2.22 19.27 3.31
H312 PNS B . 3.92 19.76 3.15
H311 PNS B . 3.50 18.06 3.34
H32 PNS B . 1.72 20.60 5.36
H33 PNS B . 2.46 21.55 7.35
H36 PNS B . 2.06 21.80 3.50
H372 PNS B . 2.48 23.94 2.63
H371 PNS B . 3.78 24.18 3.82
H382 PNS B . 5.21 22.56 2.57
H381 PNS B . 3.93 22.34 1.38
H41 PNS B . 6.25 23.00 0.41
H422 PNS B . 6.57 25.92 0.05
H421 PNS B . 7.69 24.66 -0.47
H431 PNS B . 6.09 23.95 -2.24
H432 PNS B . 4.97 25.23 -1.72
H44 PNS B . 8.10 25.54 -2.77
#